data_7XTO
#
_entry.id   7XTO
#
_cell.length_a   181.378
_cell.length_b   104.423
_cell.length_c   124.966
_cell.angle_alpha   90.000
_cell.angle_beta   108.880
_cell.angle_gamma   90.000
#
_symmetry.space_group_name_H-M   'C 1 2 1'
#
loop_
_entity.id
_entity.type
_entity.pdbx_description
1 polymer 'soil bacterial derived chlorinase'
2 non-polymer 1-DEAZA-ADENOSINE
3 water water
#
_entity_poly.entity_id   1
_entity_poly.type   'polypeptide(L)'
_entity_poly.pdbx_seq_one_letter_code
;MEQAAPRVVAFLSDVGTHDEATGLCKGLMSRICPGVTIIDITHQVPAFDVVEGALMLEDVPEFFPEHTVICAYVYPETGS
GTPTVAVRNDKGQLLVAPDNGLLTRALDASGVAEARLVTNPAVMNHPPTPTWYGRDVVAACAAHLAAGTPLADVGPVVDD
PVRLPDVPFTRHESGLVGRVARIDRAFGNVWTNIPSAALGLPSTPDGPVTLDATVGGERARWPWCTTFSQVATTGRLAYA
NSRGRLSFALNRGSLVAELGVAPDAPVEVHLPRVPG
;
_entity_poly.pdbx_strand_id   A,C,D,B,E,F
#
loop_
_chem_comp.id
_chem_comp.type
_chem_comp.name
_chem_comp.formula
1DA non-polymer 1-DEAZA-ADENOSINE 'C11 H14 N4 O4'
#
# COMPACT_ATOMS: atom_id res chain seq x y z
N ALA A 5 54.97 -1.93 -3.85
CA ALA A 5 55.67 -1.43 -5.03
C ALA A 5 54.91 -1.50 -6.37
N PRO A 6 54.30 -2.65 -6.71
CA PRO A 6 53.60 -2.73 -8.00
C PRO A 6 52.38 -1.82 -8.03
N ARG A 7 52.10 -1.31 -9.22
CA ARG A 7 50.92 -0.46 -9.40
C ARG A 7 49.64 -1.26 -9.21
N VAL A 8 48.59 -0.55 -8.83
CA VAL A 8 47.26 -1.14 -8.84
C VAL A 8 46.74 -1.15 -10.26
N VAL A 9 46.18 -2.28 -10.70
CA VAL A 9 45.63 -2.42 -12.03
C VAL A 9 44.12 -2.28 -11.94
N ALA A 10 43.57 -1.28 -12.64
CA ALA A 10 42.13 -1.10 -12.76
C ALA A 10 41.70 -1.64 -14.12
N PHE A 11 40.65 -2.47 -14.12
CA PHE A 11 40.40 -3.41 -15.20
C PHE A 11 39.00 -3.22 -15.77
N LEU A 12 38.91 -2.90 -17.06
CA LEU A 12 37.62 -2.72 -17.73
C LEU A 12 37.64 -3.45 -19.07
N SER A 13 36.51 -4.06 -19.44
CA SER A 13 36.39 -4.74 -20.72
C SER A 13 34.92 -4.98 -21.02
N ASP A 14 34.65 -5.50 -22.21
CA ASP A 14 33.30 -5.92 -22.62
C ASP A 14 33.19 -7.44 -22.68
N VAL A 15 34.11 -8.16 -22.05
CA VAL A 15 34.17 -9.61 -22.16
C VAL A 15 33.20 -10.29 -21.19
N GLY A 16 33.01 -9.73 -20.01
CA GLY A 16 31.98 -10.20 -19.10
C GLY A 16 32.53 -10.92 -17.88
N THR A 17 31.60 -11.47 -17.10
CA THR A 17 31.92 -12.23 -15.90
C THR A 17 31.27 -13.61 -15.90
N HIS A 18 30.65 -14.01 -17.01
CA HIS A 18 29.85 -15.22 -17.10
C HIS A 18 30.69 -16.47 -17.34
N ASP A 19 32.00 -16.33 -17.52
CA ASP A 19 32.87 -17.48 -17.74
C ASP A 19 34.29 -17.09 -17.31
N GLU A 20 35.27 -17.88 -17.77
CA GLU A 20 36.63 -17.84 -17.24
C GLU A 20 37.49 -16.72 -17.82
N ALA A 21 37.04 -16.05 -18.89
CA ALA A 21 37.96 -15.24 -19.70
C ALA A 21 38.62 -14.12 -18.88
N THR A 22 37.82 -13.31 -18.19
CA THR A 22 38.38 -12.25 -17.35
C THR A 22 39.29 -12.83 -16.27
N GLY A 23 38.88 -13.97 -15.70
CA GLY A 23 39.73 -14.62 -14.70
C GLY A 23 41.06 -15.05 -15.28
N LEU A 24 41.06 -15.54 -16.52
CA LEU A 24 42.32 -15.91 -17.16
C LEU A 24 43.20 -14.69 -17.39
N CYS A 25 42.60 -13.56 -17.78
CA CYS A 25 43.38 -12.33 -17.89
C CYS A 25 44.01 -11.96 -16.55
N LYS A 26 43.24 -12.03 -15.47
CA LYS A 26 43.77 -11.70 -14.16
C LYS A 26 44.88 -12.65 -13.74
N GLY A 27 44.72 -13.94 -14.02
CA GLY A 27 45.78 -14.89 -13.74
C GLY A 27 47.05 -14.59 -14.51
N LEU A 28 46.90 -14.22 -15.78
CA LEU A 28 48.06 -13.81 -16.58
C LEU A 28 48.76 -12.60 -15.96
N MET A 29 47.97 -11.62 -15.53
CA MET A 29 48.53 -10.44 -14.90
C MET A 29 49.31 -10.81 -13.64
N SER A 30 48.73 -11.69 -12.81
CA SER A 30 49.41 -12.11 -11.58
C SER A 30 50.65 -12.94 -11.89
N ARG A 31 50.64 -13.67 -13.01
CA ARG A 31 51.84 -14.35 -13.47
C ARG A 31 52.94 -13.36 -13.80
N ILE A 32 52.60 -12.31 -14.56
CA ILE A 32 53.60 -11.32 -14.96
C ILE A 32 54.02 -10.48 -13.75
N CYS A 33 53.06 -10.05 -12.94
CA CYS A 33 53.32 -9.17 -11.80
C CYS A 33 52.80 -9.84 -10.54
N PRO A 34 53.62 -10.66 -9.87
CA PRO A 34 53.19 -11.28 -8.62
C PRO A 34 52.85 -10.24 -7.56
N GLY A 35 51.80 -10.52 -6.80
CA GLY A 35 51.37 -9.60 -5.76
C GLY A 35 50.62 -8.39 -6.24
N VAL A 36 50.17 -8.40 -7.50
CA VAL A 36 49.48 -7.25 -8.07
C VAL A 36 48.05 -7.21 -7.56
N THR A 37 47.53 -6.01 -7.35
CA THR A 37 46.14 -5.80 -6.97
C THR A 37 45.34 -5.42 -8.21
N ILE A 38 44.29 -6.17 -8.50
CA ILE A 38 43.44 -5.93 -9.65
C ILE A 38 42.05 -5.57 -9.14
N ILE A 39 41.63 -4.34 -9.42
CA ILE A 39 40.29 -3.85 -9.10
C ILE A 39 39.50 -3.79 -10.39
N ASP A 40 38.37 -4.51 -10.43
CA ASP A 40 37.50 -4.43 -11.61
C ASP A 40 36.72 -3.13 -11.57
N ILE A 41 36.76 -2.40 -12.67
CA ILE A 41 35.93 -1.23 -12.87
C ILE A 41 34.58 -1.75 -13.36
N THR A 42 34.59 -2.43 -14.50
CA THR A 42 33.48 -3.28 -14.92
C THR A 42 33.91 -4.09 -16.12
N HIS A 43 33.24 -5.23 -16.30
CA HIS A 43 33.41 -6.03 -17.51
C HIS A 43 32.07 -6.23 -18.21
N GLN A 44 31.08 -5.40 -17.87
CA GLN A 44 29.76 -5.47 -18.45
C GLN A 44 29.52 -4.39 -19.49
N VAL A 45 30.58 -3.81 -20.04
CA VAL A 45 30.45 -2.91 -21.19
C VAL A 45 29.71 -3.71 -22.26
N PRO A 46 28.67 -3.15 -22.88
CA PRO A 46 28.04 -3.84 -24.00
C PRO A 46 29.08 -4.19 -25.06
N ALA A 47 28.93 -5.39 -25.63
CA ALA A 47 29.84 -5.83 -26.69
C ALA A 47 29.97 -4.77 -27.79
N PHE A 48 31.22 -4.60 -28.24
CA PHE A 48 31.82 -3.77 -29.29
C PHE A 48 31.67 -2.28 -28.97
N ASP A 49 31.18 -1.90 -27.79
CA ASP A 49 30.74 -0.53 -27.52
C ASP A 49 31.88 0.31 -26.94
N VAL A 50 32.66 0.93 -27.83
CA VAL A 50 33.81 1.73 -27.41
C VAL A 50 33.36 3.02 -26.72
N VAL A 51 32.31 3.65 -27.22
CA VAL A 51 31.85 4.92 -26.65
C VAL A 51 31.38 4.73 -25.22
N GLU A 52 30.62 3.66 -24.96
CA GLU A 52 30.16 3.37 -23.62
C GLU A 52 31.33 3.20 -22.66
N GLY A 53 32.34 2.44 -23.08
CA GLY A 53 33.51 2.25 -22.22
C GLY A 53 34.27 3.54 -21.98
N ALA A 54 34.38 4.39 -23.02
CA ALA A 54 35.04 5.68 -22.84
C ALA A 54 34.31 6.53 -21.83
N LEU A 55 32.97 6.53 -21.88
CA LEU A 55 32.20 7.24 -20.86
C LEU A 55 32.45 6.65 -19.47
N MET A 56 32.53 5.32 -19.38
CA MET A 56 32.74 4.70 -18.07
C MET A 56 34.13 4.97 -17.51
N LEU A 57 35.12 5.26 -18.37
CA LEU A 57 36.51 5.43 -17.92
C LEU A 57 36.87 6.87 -17.56
N GLU A 58 35.94 7.83 -17.72
CA GLU A 58 36.29 9.24 -17.55
C GLU A 58 36.79 9.56 -16.15
N ASP A 59 36.06 9.14 -15.13
CA ASP A 59 36.40 9.45 -13.75
C ASP A 59 37.44 8.51 -13.15
N VAL A 60 37.76 7.41 -13.82
CA VAL A 60 38.69 6.42 -13.29
C VAL A 60 40.03 7.05 -12.92
N PRO A 61 40.63 7.91 -13.74
CA PRO A 61 41.90 8.54 -13.33
C PRO A 61 41.80 9.33 -12.03
N GLU A 62 40.71 10.06 -11.80
CA GLU A 62 40.59 10.88 -10.60
C GLU A 62 40.57 10.02 -9.35
N PHE A 63 39.79 8.94 -9.38
CA PHE A 63 39.51 8.19 -8.17
C PHE A 63 40.43 7.00 -7.99
N PHE A 64 41.53 6.94 -8.74
CA PHE A 64 42.51 5.92 -8.46
C PHE A 64 43.85 6.55 -8.11
N PRO A 65 44.70 5.85 -7.37
CA PRO A 65 46.01 6.42 -7.01
C PRO A 65 46.83 6.73 -8.25
N GLU A 66 47.91 7.49 -8.04
CA GLU A 66 48.81 7.77 -9.15
C GLU A 66 49.59 6.52 -9.53
N HIS A 67 49.85 5.63 -8.57
CA HIS A 67 50.58 4.39 -8.84
C HIS A 67 49.62 3.33 -9.39
N THR A 68 49.09 3.61 -10.58
CA THR A 68 48.02 2.82 -11.16
C THR A 68 48.30 2.54 -12.63
N VAL A 69 47.86 1.37 -13.09
CA VAL A 69 47.66 1.09 -14.51
C VAL A 69 46.17 0.87 -14.72
N ILE A 70 45.58 1.65 -15.63
CA ILE A 70 44.20 1.49 -16.07
C ILE A 70 44.23 0.58 -17.28
N CYS A 71 43.80 -0.67 -17.11
CA CYS A 71 43.77 -1.64 -18.19
C CYS A 71 42.36 -1.73 -18.74
N ALA A 72 42.16 -1.34 -19.99
CA ALA A 72 40.83 -1.35 -20.56
C ALA A 72 40.90 -1.90 -21.97
N TYR A 73 39.99 -2.82 -22.31
CA TYR A 73 39.94 -3.28 -23.69
C TYR A 73 38.50 -3.54 -24.11
N VAL A 74 38.06 -2.78 -25.12
CA VAL A 74 36.90 -3.08 -25.95
C VAL A 74 37.45 -3.08 -27.37
N TYR A 75 37.52 -4.26 -27.97
CA TYR A 75 38.47 -4.52 -29.07
C TYR A 75 37.83 -5.34 -30.18
N PRO A 76 36.82 -4.79 -30.88
CA PRO A 76 36.35 -5.47 -32.10
C PRO A 76 37.37 -5.45 -33.22
N GLU A 77 38.46 -4.68 -33.06
CA GLU A 77 39.55 -4.64 -34.03
C GLU A 77 40.71 -5.55 -33.66
N THR A 78 40.51 -6.46 -32.70
CA THR A 78 41.61 -7.30 -32.21
C THR A 78 42.18 -8.16 -33.35
N GLY A 79 43.50 -8.30 -33.36
CA GLY A 79 44.15 -9.07 -34.40
C GLY A 79 44.11 -8.43 -35.77
N SER A 80 44.06 -7.10 -35.84
CA SER A 80 44.06 -6.38 -37.10
C SER A 80 45.17 -5.33 -37.09
N GLY A 81 45.15 -4.41 -38.04
CA GLY A 81 46.12 -3.34 -38.04
C GLY A 81 46.01 -2.39 -36.86
N THR A 82 44.89 -2.44 -36.12
CA THR A 82 44.65 -1.54 -35.00
C THR A 82 45.50 -1.90 -33.80
N PRO A 83 46.51 -1.09 -33.48
CA PRO A 83 47.45 -1.46 -32.41
C PRO A 83 46.87 -1.23 -31.02
N THR A 84 47.69 -1.49 -30.01
CA THR A 84 47.40 -1.14 -28.63
C THR A 84 48.29 0.01 -28.22
N VAL A 85 47.72 0.97 -27.49
CA VAL A 85 48.42 2.18 -27.07
C VAL A 85 48.56 2.17 -25.54
N ALA A 86 49.72 2.64 -25.09
CA ALA A 86 50.01 2.86 -23.68
C ALA A 86 50.31 4.33 -23.45
N VAL A 87 49.81 4.88 -22.35
CA VAL A 87 49.80 6.32 -22.12
C VAL A 87 50.20 6.59 -20.67
N ARG A 88 51.00 7.63 -20.47
CA ARG A 88 51.21 8.25 -19.18
C ARG A 88 50.50 9.60 -19.17
N ASN A 89 49.68 9.84 -18.16
CA ASN A 89 48.90 11.07 -18.04
C ASN A 89 49.60 12.03 -17.07
N ASP A 90 48.98 13.20 -16.88
CA ASP A 90 49.58 14.24 -16.05
C ASP A 90 49.55 13.86 -14.57
N LYS A 91 48.58 13.02 -14.17
CA LYS A 91 48.58 12.47 -12.82
C LYS A 91 49.70 11.46 -12.60
N GLY A 92 50.34 10.99 -13.66
CA GLY A 92 51.35 9.97 -13.56
C GLY A 92 50.82 8.55 -13.56
N GLN A 93 49.55 8.36 -13.87
CA GLN A 93 49.00 7.03 -14.01
C GLN A 93 49.28 6.49 -15.42
N LEU A 94 49.38 5.18 -15.52
CA LEU A 94 49.55 4.52 -16.81
C LEU A 94 48.21 4.00 -17.29
N LEU A 95 48.05 3.94 -18.60
CA LEU A 95 46.81 3.50 -19.23
C LEU A 95 47.18 2.62 -20.41
N VAL A 96 46.45 1.52 -20.58
CA VAL A 96 46.69 0.59 -21.68
C VAL A 96 45.33 0.23 -22.28
N ALA A 97 45.22 0.36 -23.60
CA ALA A 97 43.95 0.12 -24.28
C ALA A 97 44.20 0.04 -25.78
N PRO A 98 43.29 -0.58 -26.54
CA PRO A 98 43.41 -0.51 -28.00
C PRO A 98 43.29 0.93 -28.48
N ASP A 99 44.08 1.27 -29.50
CA ASP A 99 44.12 2.63 -30.02
C ASP A 99 42.92 2.89 -30.95
N ASN A 100 41.73 2.73 -30.37
CA ASN A 100 40.47 2.97 -31.08
C ASN A 100 39.66 4.07 -30.42
N GLY A 101 40.27 4.85 -29.53
CA GLY A 101 39.61 5.95 -28.87
C GLY A 101 39.00 5.63 -27.52
N LEU A 102 39.10 4.39 -27.05
CA LEU A 102 38.42 4.00 -25.81
C LEU A 102 38.90 4.84 -24.62
N LEU A 103 40.11 5.36 -24.68
CA LEU A 103 40.66 6.17 -23.61
C LEU A 103 40.34 7.65 -23.75
N THR A 104 39.40 8.02 -24.61
CA THR A 104 39.23 9.43 -24.99
C THR A 104 38.87 10.29 -23.78
N ARG A 105 37.76 9.98 -23.10
CA ARG A 105 37.30 10.81 -22.00
C ARG A 105 38.29 10.79 -20.83
N ALA A 106 38.85 9.62 -20.52
CA ALA A 106 39.83 9.53 -19.46
C ALA A 106 41.03 10.42 -19.76
N LEU A 107 41.49 10.39 -21.01
CA LEU A 107 42.62 11.24 -21.40
C LEU A 107 42.24 12.73 -21.39
N ASP A 108 41.00 13.08 -21.77
CA ASP A 108 40.62 14.49 -21.69
C ASP A 108 40.67 14.96 -20.25
N ALA A 109 40.25 14.09 -19.32
CA ALA A 109 40.22 14.46 -17.90
C ALA A 109 41.62 14.53 -17.29
N SER A 110 42.54 13.66 -17.70
CA SER A 110 43.84 13.57 -17.03
C SER A 110 45.04 13.93 -17.91
N GLY A 111 44.86 14.11 -19.22
CA GLY A 111 45.92 14.59 -20.07
C GLY A 111 46.78 13.48 -20.64
N VAL A 112 47.49 13.80 -21.72
CA VAL A 112 48.47 12.91 -22.34
C VAL A 112 49.84 13.52 -22.12
N ALA A 113 50.61 12.95 -21.19
CA ALA A 113 52.00 13.33 -21.04
C ALA A 113 52.92 12.52 -21.95
N GLU A 114 52.57 11.27 -22.23
CA GLU A 114 53.35 10.48 -23.18
C GLU A 114 52.48 9.34 -23.69
N ALA A 115 52.67 8.96 -24.95
CA ALA A 115 51.90 7.87 -25.54
C ALA A 115 52.77 7.11 -26.53
N ARG A 116 52.80 5.78 -26.38
CA ARG A 116 53.54 4.91 -27.28
C ARG A 116 52.64 3.78 -27.75
N LEU A 117 52.99 3.22 -28.91
CA LEU A 117 52.32 2.03 -29.42
C LEU A 117 52.99 0.80 -28.83
N VAL A 118 52.18 -0.19 -28.47
CA VAL A 118 52.67 -1.42 -27.86
C VAL A 118 53.08 -2.36 -29.00
N THR A 119 54.39 -2.46 -29.23
CA THR A 119 54.92 -3.29 -30.30
C THR A 119 56.03 -4.24 -29.85
N ASN A 120 56.54 -4.09 -28.63
CA ASN A 120 57.66 -4.89 -28.17
C ASN A 120 57.15 -6.26 -27.70
N PRO A 121 57.61 -7.35 -28.31
CA PRO A 121 57.09 -8.68 -27.90
C PRO A 121 57.34 -9.00 -26.44
N ALA A 122 58.35 -8.37 -25.81
CA ALA A 122 58.68 -8.71 -24.43
C ALA A 122 57.61 -8.26 -23.43
N VAL A 123 56.73 -7.34 -23.81
CA VAL A 123 55.62 -6.95 -22.94
C VAL A 123 54.32 -7.63 -23.35
N MET A 124 54.36 -8.54 -24.30
CA MET A 124 53.20 -9.27 -24.79
C MET A 124 53.21 -10.69 -24.26
N ASN A 125 52.08 -11.37 -24.43
CA ASN A 125 52.00 -12.81 -24.17
C ASN A 125 52.39 -13.51 -25.47
N HIS A 126 53.59 -14.07 -25.49
CA HIS A 126 54.41 -14.47 -26.64
C HIS A 126 53.64 -15.06 -27.83
N PRO A 127 52.66 -15.93 -27.64
CA PRO A 127 51.78 -16.31 -28.77
C PRO A 127 50.50 -15.49 -28.78
N PRO A 128 50.55 -14.21 -29.15
CA PRO A 128 49.35 -13.37 -29.03
C PRO A 128 48.27 -13.89 -29.97
N THR A 129 47.14 -14.27 -29.40
CA THR A 129 46.05 -14.83 -30.19
C THR A 129 45.32 -13.69 -30.86
N PRO A 130 45.17 -13.69 -32.18
CA PRO A 130 44.57 -12.53 -32.84
C PRO A 130 43.19 -12.17 -32.35
N THR A 131 42.41 -13.14 -31.91
CA THR A 131 41.06 -12.89 -31.42
C THR A 131 41.02 -12.40 -29.98
N TRP A 132 42.14 -12.38 -29.26
CA TRP A 132 42.14 -11.99 -27.86
C TRP A 132 43.34 -11.11 -27.50
N TYR A 133 43.62 -10.11 -28.33
CA TYR A 133 44.70 -9.17 -28.00
C TYR A 133 44.47 -8.53 -26.64
N GLY A 134 43.22 -8.27 -26.29
CA GLY A 134 42.85 -7.76 -24.97
C GLY A 134 43.56 -8.48 -23.85
N ARG A 135 43.67 -9.81 -23.96
CA ARG A 135 44.45 -10.56 -22.98
C ARG A 135 45.94 -10.52 -23.29
N ASP A 136 46.31 -10.81 -24.54
CA ASP A 136 47.70 -11.10 -24.85
C ASP A 136 48.54 -9.86 -25.12
N VAL A 137 47.92 -8.70 -25.34
CA VAL A 137 48.67 -7.47 -25.51
C VAL A 137 48.30 -6.47 -24.42
N VAL A 138 47.01 -6.13 -24.32
CA VAL A 138 46.58 -5.08 -23.41
C VAL A 138 46.82 -5.49 -21.96
N ALA A 139 46.36 -6.68 -21.58
CA ALA A 139 46.49 -7.11 -20.19
C ALA A 139 47.95 -7.41 -19.82
N ALA A 140 48.67 -8.09 -20.71
CA ALA A 140 50.07 -8.40 -20.46
C ALA A 140 50.91 -7.14 -20.35
N CYS A 141 50.66 -6.16 -21.22
CA CYS A 141 51.38 -4.89 -21.13
C CYS A 141 51.03 -4.15 -19.85
N ALA A 142 49.75 -4.15 -19.47
CA ALA A 142 49.36 -3.52 -18.21
C ALA A 142 50.10 -4.15 -17.02
N ALA A 143 50.24 -5.48 -17.05
CA ALA A 143 50.94 -6.17 -15.97
C ALA A 143 52.44 -5.87 -15.98
N HIS A 144 53.06 -5.86 -17.16
CA HIS A 144 54.48 -5.54 -17.24
C HIS A 144 54.76 -4.12 -16.76
N LEU A 145 53.90 -3.17 -17.15
CA LEU A 145 54.05 -1.80 -16.66
C LEU A 145 53.85 -1.73 -15.15
N ALA A 146 52.84 -2.45 -14.63
CA ALA A 146 52.62 -2.49 -13.19
C ALA A 146 53.82 -3.07 -12.45
N ALA A 147 54.54 -4.00 -13.08
CA ALA A 147 55.75 -4.56 -12.51
C ALA A 147 56.93 -3.59 -12.56
N GLY A 148 56.82 -2.50 -13.29
CA GLY A 148 57.88 -1.52 -13.38
C GLY A 148 58.67 -1.49 -14.67
N THR A 149 58.13 -2.07 -15.74
CA THR A 149 58.79 -1.96 -17.04
C THR A 149 58.66 -0.53 -17.55
N PRO A 150 59.76 0.11 -17.97
CA PRO A 150 59.66 1.49 -18.46
C PRO A 150 58.77 1.58 -19.68
N LEU A 151 57.91 2.60 -19.70
CA LEU A 151 56.98 2.80 -20.82
C LEU A 151 57.72 2.91 -22.15
N ALA A 152 58.93 3.48 -22.13
CA ALA A 152 59.71 3.64 -23.35
C ALA A 152 60.08 2.31 -23.99
N ASP A 153 60.13 1.23 -23.20
CA ASP A 153 60.42 -0.09 -23.76
C ASP A 153 59.24 -0.66 -24.54
N VAL A 154 58.07 -0.03 -24.48
CA VAL A 154 56.86 -0.63 -25.01
C VAL A 154 56.79 -0.52 -26.53
N GLY A 155 57.38 0.51 -27.12
CA GLY A 155 57.31 0.73 -28.54
C GLY A 155 57.44 2.20 -28.90
N PRO A 156 57.03 2.55 -30.13
CA PRO A 156 57.34 3.89 -30.65
C PRO A 156 56.39 4.97 -30.17
N VAL A 157 56.95 6.16 -29.95
CA VAL A 157 56.14 7.33 -29.64
C VAL A 157 55.13 7.57 -30.76
N VAL A 158 53.90 7.90 -30.36
CA VAL A 158 52.88 8.37 -31.28
C VAL A 158 52.32 9.68 -30.74
N ASP A 159 52.02 10.63 -31.63
CA ASP A 159 51.76 11.99 -31.21
C ASP A 159 50.49 12.09 -30.36
N ASP A 160 49.39 11.49 -30.84
CA ASP A 160 48.14 11.54 -30.11
C ASP A 160 47.43 10.21 -30.23
N PRO A 161 46.95 9.64 -29.13
CA PRO A 161 46.05 8.48 -29.24
C PRO A 161 44.83 8.84 -30.06
N VAL A 162 44.32 7.85 -30.80
CA VAL A 162 43.08 8.03 -31.54
C VAL A 162 41.99 8.50 -30.58
N ARG A 163 41.17 9.44 -31.05
CA ARG A 163 40.19 10.10 -30.20
C ARG A 163 38.79 9.93 -30.77
N LEU A 164 37.83 9.69 -29.88
CA LEU A 164 36.43 9.64 -30.26
C LEU A 164 35.91 11.05 -30.53
N PRO A 165 34.93 11.18 -31.42
CA PRO A 165 34.30 12.49 -31.62
C PRO A 165 33.20 12.73 -30.59
N ASP A 166 32.88 14.01 -30.41
CA ASP A 166 31.81 14.40 -29.50
C ASP A 166 30.87 15.35 -30.23
N VAL A 167 29.57 15.16 -30.01
CA VAL A 167 28.57 16.15 -30.37
C VAL A 167 28.13 16.83 -29.08
N PRO A 168 28.76 17.94 -28.69
CA PRO A 168 28.43 18.59 -27.42
C PRO A 168 27.02 19.17 -27.40
N PHE A 169 26.64 19.77 -26.27
CA PHE A 169 25.38 20.46 -26.16
C PHE A 169 25.46 21.83 -26.80
N THR A 170 24.32 22.35 -27.22
CA THR A 170 24.23 23.65 -27.86
C THR A 170 23.27 24.55 -27.10
N ARG A 171 23.70 25.82 -26.96
CA ARG A 171 22.93 26.94 -26.45
C ARG A 171 22.38 27.77 -27.59
N VAL A 180 20.59 12.54 -23.88
CA VAL A 180 20.78 11.59 -22.78
C VAL A 180 22.07 10.83 -23.07
N ALA A 181 23.10 11.07 -22.26
CA ALA A 181 24.39 10.42 -22.49
C ALA A 181 24.36 8.98 -21.99
N ARG A 182 24.01 8.77 -20.72
CA ARG A 182 23.98 7.45 -20.12
C ARG A 182 22.72 7.35 -19.26
N ILE A 183 22.32 6.12 -19.00
CA ILE A 183 21.23 5.81 -18.07
C ILE A 183 21.79 5.00 -16.92
N ASP A 184 21.41 5.36 -15.70
CA ASP A 184 21.81 4.59 -14.52
C ASP A 184 21.02 3.28 -14.53
N ARG A 185 21.66 2.20 -14.95
CA ARG A 185 20.94 0.95 -15.19
C ARG A 185 20.54 0.24 -13.90
N ALA A 186 21.13 0.62 -12.77
CA ALA A 186 20.67 0.07 -11.49
C ALA A 186 19.39 0.74 -11.02
N PHE A 187 19.17 1.99 -11.40
CA PHE A 187 18.13 2.83 -10.80
C PHE A 187 17.17 3.45 -11.81
N GLY A 188 17.54 3.56 -13.08
CA GLY A 188 16.70 4.22 -14.06
C GLY A 188 16.89 5.71 -14.16
N ASN A 189 17.93 6.26 -13.54
CA ASN A 189 18.20 7.69 -13.61
C ASN A 189 18.75 8.05 -14.99
N VAL A 190 18.45 9.26 -15.44
CA VAL A 190 18.77 9.72 -16.78
C VAL A 190 19.81 10.83 -16.68
N TRP A 191 20.92 10.65 -17.38
CA TRP A 191 22.02 11.62 -17.41
C TRP A 191 22.09 12.28 -18.77
N THR A 192 22.38 13.58 -18.79
CA THR A 192 22.57 14.34 -20.02
C THR A 192 24.01 14.81 -20.13
N ASN A 193 24.34 15.34 -21.31
CA ASN A 193 25.64 15.96 -21.53
C ASN A 193 25.66 17.45 -21.19
N ILE A 194 24.52 18.01 -20.78
CA ILE A 194 24.45 19.42 -20.42
C ILE A 194 25.02 19.62 -19.02
N PRO A 195 26.11 20.37 -18.88
CA PRO A 195 26.59 20.69 -17.52
C PRO A 195 25.58 21.57 -16.80
N SER A 196 25.42 21.31 -15.50
CA SER A 196 24.45 22.06 -14.71
C SER A 196 24.83 23.53 -14.63
N ALA A 197 26.14 23.83 -14.60
CA ALA A 197 26.61 25.21 -14.58
C ALA A 197 26.16 26.00 -15.81
N ALA A 198 25.66 25.34 -16.85
CA ALA A 198 25.09 26.04 -17.98
C ALA A 198 23.70 26.57 -17.67
N LEU A 199 23.33 26.51 -16.38
CA LEU A 199 22.15 27.19 -15.85
C LEU A 199 22.55 28.53 -15.23
N VAL A 209 13.31 26.93 -7.27
CA VAL A 209 13.94 26.77 -8.57
C VAL A 209 13.40 25.54 -9.28
N THR A 210 13.12 25.69 -10.58
CA THR A 210 12.55 24.61 -11.38
C THR A 210 13.06 24.72 -12.81
N LEU A 211 12.93 23.61 -13.54
CA LEU A 211 13.41 23.48 -14.91
C LEU A 211 12.26 23.14 -15.84
N ASP A 212 12.15 23.88 -16.93
CA ASP A 212 11.26 23.51 -18.03
C ASP A 212 12.07 22.71 -19.03
N ALA A 213 11.74 21.43 -19.20
CA ALA A 213 12.62 20.57 -19.99
C ALA A 213 11.82 19.49 -20.71
N THR A 214 12.37 19.04 -21.84
CA THR A 214 11.82 17.97 -22.64
C THR A 214 12.75 16.77 -22.57
N VAL A 215 12.22 15.62 -22.15
CA VAL A 215 13.00 14.40 -22.02
C VAL A 215 12.15 13.19 -22.40
N ALA A 220 7.58 18.99 -19.35
CA ALA A 220 7.26 18.94 -17.92
C ALA A 220 8.19 19.82 -17.09
N ARG A 221 7.61 20.40 -16.05
CA ARG A 221 8.32 21.11 -15.00
C ARG A 221 8.98 20.12 -14.05
N TRP A 222 10.30 20.28 -13.86
CA TRP A 222 11.10 19.41 -13.02
C TRP A 222 11.63 20.21 -11.85
N PRO A 223 11.27 19.88 -10.61
CA PRO A 223 11.89 20.56 -9.45
C PRO A 223 13.39 20.31 -9.43
N TRP A 224 14.15 21.38 -9.23
CA TRP A 224 15.61 21.28 -9.14
C TRP A 224 15.98 20.97 -7.69
N CYS A 225 16.67 19.85 -7.49
CA CYS A 225 16.84 19.29 -6.15
C CYS A 225 18.31 19.03 -5.85
N THR A 226 18.63 19.09 -4.56
CA THR A 226 19.94 18.62 -4.09
C THR A 226 20.07 17.11 -4.23
N THR A 227 19.02 16.36 -3.90
CA THR A 227 19.10 14.91 -3.90
C THR A 227 17.70 14.34 -4.11
N PHE A 228 17.64 13.01 -4.19
CA PHE A 228 16.41 12.33 -4.61
C PHE A 228 15.26 12.55 -3.64
N SER A 229 15.55 12.56 -2.34
CA SER A 229 14.52 12.53 -1.31
C SER A 229 13.91 13.89 -1.00
N GLN A 230 14.14 14.91 -1.81
CA GLN A 230 13.47 16.19 -1.63
C GLN A 230 12.16 16.27 -2.39
N VAL A 231 11.71 15.17 -2.98
CA VAL A 231 10.45 15.09 -3.70
C VAL A 231 9.76 13.82 -3.24
N ALA A 232 8.42 13.83 -3.29
CA ALA A 232 7.64 12.67 -2.87
C ALA A 232 8.09 11.41 -3.61
N THR A 233 7.78 10.26 -3.01
CA THR A 233 8.13 8.99 -3.63
C THR A 233 7.41 8.85 -4.96
N THR A 234 8.14 8.44 -5.99
CA THR A 234 7.77 8.36 -7.41
C THR A 234 7.78 9.73 -8.09
N GLY A 235 8.14 10.80 -7.39
CA GLY A 235 8.10 12.12 -7.98
C GLY A 235 9.30 12.40 -8.86
N ARG A 236 9.08 13.24 -9.87
CA ARG A 236 10.14 13.63 -10.80
C ARG A 236 11.03 14.71 -10.18
N LEU A 237 12.28 14.73 -10.61
CA LEU A 237 13.24 15.67 -10.06
C LEU A 237 14.41 15.87 -11.02
N ALA A 238 14.96 17.08 -11.00
CA ALA A 238 16.15 17.43 -11.77
C ALA A 238 17.27 17.81 -10.82
N TYR A 239 18.51 17.47 -11.21
CA TYR A 239 19.63 17.65 -10.29
C TYR A 239 20.93 17.62 -11.09
N ALA A 240 22.03 17.89 -10.40
CA ALA A 240 23.36 17.71 -10.95
C ALA A 240 23.95 16.43 -10.38
N ASN A 241 24.30 15.49 -11.26
CA ASN A 241 24.79 14.21 -10.79
C ASN A 241 26.20 14.34 -10.22
N SER A 242 26.78 13.21 -9.85
CA SER A 242 28.11 13.20 -9.21
C SER A 242 29.15 13.89 -10.08
N ARG A 243 29.02 13.82 -11.40
CA ARG A 243 29.98 14.39 -12.32
C ARG A 243 29.68 15.86 -12.66
N GLY A 244 28.53 16.38 -12.26
CA GLY A 244 28.19 17.76 -12.52
C GLY A 244 27.28 18.01 -13.70
N ARG A 245 26.71 16.96 -14.29
CA ARG A 245 25.88 17.09 -15.48
C ARG A 245 24.41 16.97 -15.12
N LEU A 246 23.57 17.75 -15.81
CA LEU A 246 22.14 17.75 -15.53
C LEU A 246 21.56 16.34 -15.70
N SER A 247 20.75 15.94 -14.73
CA SER A 247 20.17 14.61 -14.70
C SER A 247 18.74 14.69 -14.22
N PHE A 248 17.93 13.71 -14.65
CA PHE A 248 16.53 13.62 -14.30
C PHE A 248 16.28 12.27 -13.64
N ALA A 249 15.34 12.24 -12.70
CA ALA A 249 15.13 11.02 -11.93
C ALA A 249 13.73 11.00 -11.36
N LEU A 250 13.32 9.81 -10.91
CA LEU A 250 12.15 9.61 -10.07
C LEU A 250 12.62 9.14 -8.70
N ASN A 251 12.11 9.76 -7.65
CA ASN A 251 12.48 9.36 -6.30
C ASN A 251 11.98 7.95 -6.02
N ARG A 252 12.92 7.03 -5.75
CA ARG A 252 12.63 5.61 -5.56
C ARG A 252 11.83 5.04 -6.73
N GLY A 253 12.31 5.34 -7.94
CA GLY A 253 11.69 4.82 -9.14
C GLY A 253 12.64 4.95 -10.32
N SER A 254 12.25 4.30 -11.42
CA SER A 254 13.05 4.28 -12.64
C SER A 254 12.44 5.24 -13.66
N LEU A 255 13.12 6.36 -13.90
CA LEU A 255 12.64 7.30 -14.91
C LEU A 255 12.72 6.72 -16.30
N VAL A 256 13.76 5.92 -16.57
CA VAL A 256 13.85 5.23 -17.85
C VAL A 256 12.64 4.33 -18.05
N ALA A 257 12.25 3.59 -17.01
CA ALA A 257 11.10 2.70 -17.14
C ALA A 257 9.82 3.47 -17.41
N GLU A 258 9.64 4.61 -16.72
CA GLU A 258 8.43 5.40 -16.92
C GLU A 258 8.38 6.00 -18.32
N LEU A 259 9.47 6.64 -18.73
CA LEU A 259 9.50 7.40 -19.98
C LEU A 259 10.03 6.59 -21.17
N GLY A 260 10.50 5.37 -20.96
CA GLY A 260 11.01 4.57 -22.05
C GLY A 260 12.19 5.19 -22.79
N VAL A 261 12.96 6.03 -22.11
CA VAL A 261 14.05 6.75 -22.74
C VAL A 261 15.28 5.85 -22.83
N ALA A 262 16.00 5.96 -23.95
CA ALA A 262 17.23 5.25 -24.21
C ALA A 262 18.36 6.25 -24.44
N PRO A 263 19.62 5.85 -24.21
CA PRO A 263 20.73 6.79 -24.38
C PRO A 263 20.78 7.33 -25.81
N ASP A 264 21.33 8.56 -25.92
CA ASP A 264 21.48 9.44 -27.10
C ASP A 264 20.19 10.18 -27.45
N ALA A 265 19.12 9.96 -26.72
CA ALA A 265 17.85 10.63 -27.02
C ALA A 265 17.93 12.13 -26.69
N PRO A 266 17.17 12.95 -27.41
CA PRO A 266 17.35 14.41 -27.31
C PRO A 266 16.79 14.99 -26.02
N VAL A 267 17.45 16.06 -25.56
CA VAL A 267 17.04 16.77 -24.35
C VAL A 267 17.22 18.27 -24.61
N GLU A 268 16.26 19.07 -24.13
CA GLU A 268 16.36 20.51 -24.24
C GLU A 268 15.90 21.16 -22.94
N VAL A 269 16.63 22.21 -22.53
CA VAL A 269 16.32 22.98 -21.32
C VAL A 269 15.75 24.31 -21.77
N HIS A 270 14.51 24.59 -21.39
CA HIS A 270 13.82 25.78 -21.85
C HIS A 270 14.09 26.98 -20.96
N PRO B 6 51.72 -16.84 0.72
CA PRO B 6 50.52 -17.65 0.48
C PRO B 6 50.22 -17.75 -1.01
N ARG B 7 49.65 -18.89 -1.40
CA ARG B 7 49.25 -19.10 -2.78
C ARG B 7 48.12 -18.17 -3.16
N VAL B 8 48.03 -17.88 -4.46
CA VAL B 8 46.86 -17.20 -5.00
C VAL B 8 45.74 -18.22 -5.14
N VAL B 9 44.55 -17.85 -4.70
CA VAL B 9 43.37 -18.71 -4.79
C VAL B 9 42.53 -18.26 -5.98
N ALA B 10 42.34 -19.14 -6.95
CA ALA B 10 41.45 -18.91 -8.07
C ALA B 10 40.13 -19.62 -7.81
N PHE B 11 39.02 -18.90 -7.98
CA PHE B 11 37.76 -19.27 -7.35
C PHE B 11 36.65 -19.40 -8.40
N LEU B 12 36.05 -20.58 -8.49
CA LEU B 12 34.96 -20.84 -9.42
C LEU B 12 33.84 -21.58 -8.70
N SER B 13 32.60 -21.25 -9.03
CA SER B 13 31.44 -21.93 -8.46
C SER B 13 30.21 -21.63 -9.30
N ASP B 14 29.09 -22.27 -8.94
CA ASP B 14 27.79 -21.99 -9.55
C ASP B 14 26.87 -21.27 -8.59
N VAL B 15 27.42 -20.69 -7.53
CA VAL B 15 26.61 -20.09 -6.47
C VAL B 15 26.17 -18.67 -6.82
N GLY B 16 27.00 -17.91 -7.53
CA GLY B 16 26.59 -16.63 -8.07
C GLY B 16 27.23 -15.45 -7.36
N THR B 17 26.77 -14.25 -7.75
CA THR B 17 27.23 -13.00 -7.19
C THR B 17 26.07 -12.13 -6.70
N HIS B 18 24.85 -12.66 -6.69
CA HIS B 18 23.65 -11.89 -6.41
C HIS B 18 23.37 -11.75 -4.92
N ASP B 19 24.17 -12.36 -4.06
CA ASP B 19 23.99 -12.24 -2.62
C ASP B 19 25.34 -12.50 -1.94
N GLU B 20 25.29 -12.79 -0.64
CA GLU B 20 26.48 -12.78 0.22
C GLU B 20 27.30 -14.07 0.15
N ALA B 21 26.79 -15.14 -0.47
CA ALA B 21 27.37 -16.47 -0.26
C ALA B 21 28.83 -16.53 -0.69
N THR B 22 29.14 -16.11 -1.92
CA THR B 22 30.53 -16.12 -2.37
C THR B 22 31.39 -15.22 -1.49
N GLY B 23 30.84 -14.08 -1.08
CA GLY B 23 31.57 -13.20 -0.18
C GLY B 23 31.88 -13.86 1.16
N LEU B 24 30.93 -14.64 1.68
CA LEU B 24 31.19 -15.36 2.91
C LEU B 24 32.27 -16.42 2.74
N CYS B 25 32.29 -17.11 1.59
CA CYS B 25 33.38 -18.03 1.31
C CYS B 25 34.72 -17.30 1.30
N LYS B 26 34.78 -16.15 0.64
CA LYS B 26 36.03 -15.39 0.59
C LYS B 26 36.46 -14.92 1.98
N GLY B 27 35.51 -14.47 2.79
CA GLY B 27 35.83 -14.09 4.16
C GLY B 27 36.38 -15.26 4.97
N LEU B 28 35.77 -16.44 4.79
CA LEU B 28 36.29 -17.64 5.46
C LEU B 28 37.73 -17.93 5.03
N MET B 29 37.99 -17.82 3.73
CA MET B 29 39.33 -18.04 3.22
C MET B 29 40.32 -17.06 3.83
N SER B 30 39.94 -15.77 3.90
CA SER B 30 40.83 -14.78 4.49
C SER B 30 40.99 -15.00 5.99
N ARG B 31 39.98 -15.56 6.66
CA ARG B 31 40.13 -15.95 8.05
C ARG B 31 41.17 -17.05 8.20
N ILE B 32 41.10 -18.08 7.34
CA ILE B 32 42.05 -19.18 7.42
C ILE B 32 43.44 -18.73 6.98
N CYS B 33 43.51 -17.98 5.87
CA CYS B 33 44.77 -17.55 5.28
C CYS B 33 44.78 -16.03 5.19
N PRO B 34 45.24 -15.34 6.24
CA PRO B 34 45.32 -13.88 6.18
C PRO B 34 46.24 -13.42 5.06
N GLY B 35 45.84 -12.34 4.39
CA GLY B 35 46.63 -11.80 3.30
C GLY B 35 46.54 -12.57 2.00
N VAL B 36 45.56 -13.46 1.88
CA VAL B 36 45.41 -14.28 0.67
C VAL B 36 44.80 -13.43 -0.44
N THR B 37 45.24 -13.70 -1.68
CA THR B 37 44.67 -13.07 -2.86
C THR B 37 43.69 -14.03 -3.51
N ILE B 38 42.44 -13.58 -3.68
CA ILE B 38 41.40 -14.39 -4.28
C ILE B 38 40.99 -13.74 -5.59
N ILE B 39 41.23 -14.43 -6.70
CA ILE B 39 40.82 -14.01 -8.03
C ILE B 39 39.63 -14.86 -8.45
N ASP B 40 38.50 -14.21 -8.73
CA ASP B 40 37.35 -14.95 -9.24
C ASP B 40 37.57 -15.31 -10.69
N ILE B 41 37.38 -16.59 -11.00
CA ILE B 41 37.36 -17.05 -12.37
C ILE B 41 35.96 -16.80 -12.90
N THR B 42 34.97 -17.42 -12.25
CA THR B 42 33.57 -17.01 -12.40
C THR B 42 32.74 -17.74 -11.35
N HIS B 43 31.61 -17.12 -11.01
CA HIS B 43 30.62 -17.78 -10.16
C HIS B 43 29.27 -17.86 -10.86
N GLN B 44 29.28 -17.68 -12.19
CA GLN B 44 28.07 -17.73 -13.00
C GLN B 44 27.93 -19.04 -13.76
N VAL B 45 28.62 -20.08 -13.32
CA VAL B 45 28.38 -21.43 -13.85
C VAL B 45 26.88 -21.69 -13.68
N PRO B 46 26.18 -22.17 -14.71
CA PRO B 46 24.79 -22.56 -14.51
C PRO B 46 24.68 -23.56 -13.38
N ALA B 47 23.63 -23.41 -12.58
CA ALA B 47 23.38 -24.33 -11.47
C ALA B 47 23.43 -25.79 -11.95
N PHE B 48 24.06 -26.63 -11.11
CA PHE B 48 24.32 -28.07 -11.10
C PHE B 48 25.20 -28.49 -12.28
N ASP B 49 25.74 -27.56 -13.07
CA ASP B 49 26.34 -27.87 -14.37
C ASP B 49 27.84 -28.13 -14.22
N VAL B 50 28.19 -29.40 -13.95
CA VAL B 50 29.58 -29.78 -13.75
C VAL B 50 30.37 -29.72 -15.06
N VAL B 51 29.76 -30.12 -16.17
CA VAL B 51 30.45 -30.14 -17.47
C VAL B 51 30.85 -28.72 -17.88
N GLU B 52 29.93 -27.77 -17.70
CA GLU B 52 30.23 -26.38 -18.05
C GLU B 52 31.41 -25.86 -17.23
N GLY B 53 31.42 -26.14 -15.93
CA GLY B 53 32.53 -25.70 -15.10
C GLY B 53 33.84 -26.36 -15.48
N ALA B 54 33.81 -27.65 -15.83
CA ALA B 54 35.01 -28.34 -16.28
C ALA B 54 35.56 -27.71 -17.54
N LEU B 55 34.68 -27.34 -18.48
CA LEU B 55 35.12 -26.61 -19.66
C LEU B 55 35.74 -25.27 -19.28
N MET B 56 35.13 -24.56 -18.33
CA MET B 56 35.65 -23.26 -17.94
C MET B 56 36.99 -23.34 -17.23
N LEU B 57 37.31 -24.48 -16.60
CA LEU B 57 38.52 -24.63 -15.81
C LEU B 57 39.73 -25.14 -16.60
N GLU B 58 39.57 -25.44 -17.89
CA GLU B 58 40.63 -26.11 -18.63
C GLU B 58 41.90 -25.26 -18.71
N ASP B 59 41.77 -24.00 -19.09
CA ASP B 59 42.92 -23.12 -19.27
C ASP B 59 43.41 -22.49 -17.97
N VAL B 60 42.65 -22.60 -16.89
CA VAL B 60 43.00 -21.96 -15.62
C VAL B 60 44.41 -22.36 -15.17
N PRO B 61 44.79 -23.64 -15.21
CA PRO B 61 46.17 -23.98 -14.80
C PRO B 61 47.25 -23.27 -15.61
N GLU B 62 47.06 -23.11 -16.92
CA GLU B 62 48.09 -22.49 -17.74
C GLU B 62 48.31 -21.04 -17.35
N PHE B 63 47.22 -20.31 -17.16
CA PHE B 63 47.31 -18.86 -17.02
C PHE B 63 47.36 -18.41 -15.58
N PHE B 64 47.62 -19.33 -14.64
CA PHE B 64 47.84 -18.90 -13.28
C PHE B 64 49.22 -19.32 -12.82
N PRO B 65 49.80 -18.63 -11.85
CA PRO B 65 51.14 -19.00 -11.36
C PRO B 65 51.14 -20.42 -10.81
N GLU B 66 52.35 -20.94 -10.61
CA GLU B 66 52.47 -22.26 -9.99
C GLU B 66 52.09 -22.20 -8.51
N HIS B 67 52.30 -21.06 -7.86
CA HIS B 67 51.95 -20.90 -6.45
C HIS B 67 50.47 -20.54 -6.32
N THR B 68 49.63 -21.49 -6.70
CA THR B 68 48.19 -21.27 -6.84
C THR B 68 47.41 -22.42 -6.23
N VAL B 69 46.25 -22.09 -5.67
CA VAL B 69 45.19 -23.07 -5.41
C VAL B 69 43.99 -22.69 -6.28
N ILE B 70 43.55 -23.63 -7.09
CA ILE B 70 42.34 -23.49 -7.90
C ILE B 70 41.19 -24.06 -7.07
N CYS B 71 40.34 -23.19 -6.55
CA CYS B 71 39.21 -23.59 -5.73
C CYS B 71 37.95 -23.56 -6.59
N ALA B 72 37.35 -24.73 -6.82
CA ALA B 72 36.18 -24.79 -7.68
C ALA B 72 35.15 -25.70 -7.04
N TYR B 73 33.89 -25.26 -6.99
CA TYR B 73 32.85 -26.15 -6.51
C TYR B 73 31.56 -25.95 -7.29
N VAL B 74 31.14 -27.00 -7.98
CA VAL B 74 29.77 -27.19 -8.46
C VAL B 74 29.33 -28.51 -7.87
N TYR B 75 28.40 -28.47 -6.91
CA TYR B 75 28.27 -29.52 -5.91
C TYR B 75 26.80 -29.84 -5.62
N PRO B 76 26.08 -30.38 -6.61
CA PRO B 76 24.74 -30.92 -6.30
C PRO B 76 24.79 -32.16 -5.42
N GLU B 77 25.98 -32.72 -5.20
CA GLU B 77 26.17 -33.86 -4.31
C GLU B 77 26.62 -33.45 -2.92
N THR B 78 26.53 -32.17 -2.58
CA THR B 78 27.04 -31.70 -1.29
C THR B 78 26.33 -32.38 -0.13
N GLY B 79 27.09 -32.72 0.90
CA GLY B 79 26.51 -33.39 2.05
C GLY B 79 26.07 -34.81 1.79
N SER B 80 26.72 -35.50 0.85
CA SER B 80 26.41 -36.88 0.54
C SER B 80 27.68 -37.72 0.60
N GLY B 81 27.63 -38.94 0.10
CA GLY B 81 28.84 -39.75 0.04
C GLY B 81 29.92 -39.21 -0.87
N THR B 82 29.60 -38.25 -1.73
CA THR B 82 30.54 -37.70 -2.70
C THR B 82 31.56 -36.80 -2.01
N PRO B 83 32.80 -37.23 -1.89
CA PRO B 83 33.79 -36.44 -1.15
C PRO B 83 34.32 -35.25 -1.92
N THR B 84 35.27 -34.54 -1.31
CA THR B 84 36.03 -33.48 -1.96
C THR B 84 37.44 -33.98 -2.18
N VAL B 85 38.00 -33.68 -3.35
CA VAL B 85 39.32 -34.13 -3.75
C VAL B 85 40.25 -32.91 -3.88
N ALA B 86 41.49 -33.11 -3.46
CA ALA B 86 42.57 -32.15 -3.60
C ALA B 86 43.68 -32.78 -4.43
N VAL B 87 44.25 -31.99 -5.33
CA VAL B 87 45.16 -32.48 -6.36
C VAL B 87 46.36 -31.56 -6.48
N ARG B 88 47.54 -32.14 -6.66
CA ARG B 88 48.72 -31.44 -7.14
C ARG B 88 49.00 -31.89 -8.56
N ASN B 89 49.16 -30.91 -9.47
CA ASN B 89 49.39 -31.18 -10.87
C ASN B 89 50.88 -31.07 -11.19
N ASP B 90 51.22 -31.29 -12.46
CA ASP B 90 52.62 -31.30 -12.87
C ASP B 90 53.22 -29.89 -12.85
N LYS B 91 52.37 -28.87 -13.02
CA LYS B 91 52.82 -27.49 -12.85
C LYS B 91 53.12 -27.15 -11.39
N GLY B 92 52.69 -27.99 -10.45
CA GLY B 92 52.83 -27.70 -9.04
C GLY B 92 51.73 -26.86 -8.44
N GLN B 93 50.64 -26.65 -9.17
CA GLN B 93 49.50 -25.95 -8.61
C GLN B 93 48.62 -26.92 -7.85
N LEU B 94 47.93 -26.40 -6.85
CA LEU B 94 46.97 -27.19 -6.09
C LEU B 94 45.56 -26.92 -6.60
N LEU B 95 44.70 -27.92 -6.48
CA LEU B 95 43.33 -27.86 -6.96
C LEU B 95 42.44 -28.51 -5.93
N VAL B 96 41.30 -27.89 -5.66
CA VAL B 96 40.34 -28.41 -4.69
C VAL B 96 38.96 -28.33 -5.31
N ALA B 97 38.22 -29.43 -5.28
CA ALA B 97 36.90 -29.50 -5.92
C ALA B 97 36.20 -30.76 -5.46
N PRO B 98 34.87 -30.81 -5.57
CA PRO B 98 34.16 -32.07 -5.32
C PRO B 98 34.60 -33.13 -6.32
N ASP B 99 34.72 -34.38 -5.84
CA ASP B 99 35.20 -35.47 -6.67
C ASP B 99 34.06 -36.00 -7.56
N ASN B 100 33.53 -35.09 -8.38
CA ASN B 100 32.47 -35.41 -9.33
C ASN B 100 32.91 -35.16 -10.78
N GLY B 101 34.20 -34.99 -11.00
CA GLY B 101 34.74 -34.79 -12.33
C GLY B 101 34.92 -33.35 -12.75
N LEU B 102 34.58 -32.38 -11.89
CA LEU B 102 34.63 -30.97 -12.29
C LEU B 102 36.03 -30.54 -12.71
N LEU B 103 37.06 -31.22 -12.20
CA LEU B 103 38.44 -30.89 -12.52
C LEU B 103 38.94 -31.63 -13.75
N THR B 104 38.06 -32.24 -14.55
CA THR B 104 38.50 -33.18 -15.58
C THR B 104 39.40 -32.51 -16.60
N ARG B 105 38.91 -31.46 -17.27
CA ARG B 105 39.68 -30.82 -18.34
C ARG B 105 40.94 -30.15 -17.81
N ALA B 106 40.83 -29.50 -16.65
CA ALA B 106 42.00 -28.88 -16.04
C ALA B 106 43.07 -29.92 -15.75
N LEU B 107 42.67 -31.07 -15.23
CA LEU B 107 43.62 -32.14 -14.95
C LEU B 107 44.19 -32.74 -16.24
N ASP B 108 43.38 -32.86 -17.31
CA ASP B 108 43.94 -33.37 -18.57
C ASP B 108 45.01 -32.41 -19.08
N ALA B 109 44.79 -31.10 -18.91
CA ALA B 109 45.75 -30.11 -19.39
C ALA B 109 47.02 -30.06 -18.55
N SER B 110 46.92 -30.25 -17.22
CA SER B 110 48.07 -30.06 -16.35
C SER B 110 48.53 -31.31 -15.61
N GLY B 111 47.79 -32.42 -15.67
CA GLY B 111 48.27 -33.66 -15.11
C GLY B 111 47.90 -33.85 -13.65
N VAL B 112 47.93 -35.11 -13.21
CA VAL B 112 47.72 -35.47 -11.82
C VAL B 112 49.06 -36.01 -11.29
N ALA B 113 49.74 -35.20 -10.50
CA ALA B 113 50.93 -35.68 -9.79
C ALA B 113 50.58 -36.31 -8.45
N GLU B 114 49.52 -35.83 -7.79
CA GLU B 114 49.07 -36.44 -6.56
C GLU B 114 47.63 -36.05 -6.31
N ALA B 115 46.85 -36.97 -5.72
CA ALA B 115 45.45 -36.68 -5.43
C ALA B 115 45.05 -37.38 -4.14
N ARG B 116 44.43 -36.63 -3.24
CA ARG B 116 43.94 -37.17 -1.97
C ARG B 116 42.50 -36.73 -1.76
N LEU B 117 41.78 -37.51 -0.96
CA LEU B 117 40.44 -37.16 -0.54
C LEU B 117 40.52 -36.27 0.70
N VAL B 118 39.67 -35.25 0.75
CA VAL B 118 39.66 -34.31 1.86
C VAL B 118 38.79 -34.91 2.96
N THR B 119 39.43 -35.44 4.00
CA THR B 119 38.74 -36.07 5.11
C THR B 119 39.19 -35.58 6.47
N ASN B 120 40.27 -34.80 6.55
CA ASN B 120 40.81 -34.36 7.83
C ASN B 120 40.00 -33.17 8.34
N PRO B 121 39.37 -33.27 9.51
CA PRO B 121 38.56 -32.13 9.99
C PRO B 121 39.35 -30.85 10.19
N ALA B 122 40.67 -30.95 10.37
CA ALA B 122 41.47 -29.76 10.64
C ALA B 122 41.58 -28.83 9.43
N VAL B 123 41.30 -29.31 8.22
CA VAL B 123 41.29 -28.47 7.04
C VAL B 123 39.87 -28.08 6.63
N MET B 124 38.88 -28.43 7.44
CA MET B 124 37.48 -28.14 7.19
C MET B 124 37.01 -27.01 8.09
N ASN B 125 35.84 -26.48 7.79
CA ASN B 125 35.16 -25.54 8.68
C ASN B 125 34.30 -26.38 9.63
N HIS B 126 34.76 -26.48 10.89
CA HIS B 126 34.43 -27.48 11.90
C HIS B 126 32.98 -27.95 11.94
N PRO B 127 31.98 -27.07 11.82
CA PRO B 127 30.60 -27.54 11.62
C PRO B 127 30.21 -27.57 10.16
N PRO B 128 30.72 -28.52 9.36
CA PRO B 128 30.47 -28.46 7.92
C PRO B 128 28.98 -28.65 7.64
N THR B 129 28.38 -27.66 7.02
CA THR B 129 26.95 -27.71 6.75
C THR B 129 26.73 -28.60 5.54
N PRO B 130 25.90 -29.63 5.63
CA PRO B 130 25.78 -30.56 4.51
C PRO B 130 25.36 -29.91 3.20
N THR B 131 24.59 -28.84 3.26
CA THR B 131 24.13 -28.17 2.06
C THR B 131 25.16 -27.20 1.48
N TRP B 132 26.29 -26.96 2.15
CA TRP B 132 27.28 -26.00 1.67
C TRP B 132 28.70 -26.49 1.86
N TYR B 133 28.97 -27.75 1.50
CA TYR B 133 30.33 -28.25 1.57
C TYR B 133 31.29 -27.38 0.76
N GLY B 134 30.82 -26.84 -0.36
CA GLY B 134 31.58 -25.90 -1.16
C GLY B 134 32.28 -24.84 -0.33
N ARG B 135 31.57 -24.32 0.67
CA ARG B 135 32.20 -23.38 1.60
C ARG B 135 33.00 -24.11 2.67
N ASP B 136 32.39 -25.10 3.32
CA ASP B 136 32.95 -25.64 4.55
C ASP B 136 34.01 -26.72 4.34
N VAL B 137 34.11 -27.27 3.13
CA VAL B 137 35.17 -28.24 2.84
C VAL B 137 36.06 -27.71 1.73
N VAL B 138 35.47 -27.41 0.57
CA VAL B 138 36.26 -27.04 -0.59
C VAL B 138 37.00 -25.72 -0.36
N ALA B 139 36.28 -24.69 0.08
CA ALA B 139 36.90 -23.38 0.26
C ALA B 139 37.87 -23.38 1.44
N ALA B 140 37.47 -23.99 2.56
CA ALA B 140 38.34 -24.05 3.73
C ALA B 140 39.61 -24.84 3.44
N CYS B 141 39.50 -25.95 2.71
CA CYS B 141 40.69 -26.71 2.34
C CYS B 141 41.57 -25.91 1.39
N ALA B 142 40.97 -25.20 0.42
CA ALA B 142 41.75 -24.37 -0.47
C ALA B 142 42.54 -23.31 0.31
N ALA B 143 41.90 -22.72 1.33
CA ALA B 143 42.57 -21.72 2.14
C ALA B 143 43.68 -22.32 2.99
N HIS B 144 43.42 -23.49 3.61
CA HIS B 144 44.46 -24.13 4.41
C HIS B 144 45.66 -24.52 3.56
N LEU B 145 45.42 -25.04 2.34
CA LEU B 145 46.52 -25.34 1.43
C LEU B 145 47.26 -24.07 1.02
N ALA B 146 46.52 -23.00 0.72
CA ALA B 146 47.15 -21.73 0.38
C ALA B 146 48.01 -21.20 1.53
N ALA B 147 47.63 -21.49 2.77
CA ALA B 147 48.42 -21.11 3.93
C ALA B 147 49.66 -21.97 4.11
N GLY B 148 49.77 -23.07 3.38
CA GLY B 148 50.93 -23.94 3.48
C GLY B 148 50.72 -25.25 4.20
N THR B 149 49.48 -25.69 4.38
CA THR B 149 49.25 -27.01 4.96
C THR B 149 49.66 -28.08 3.97
N PRO B 150 50.46 -29.06 4.37
CA PRO B 150 50.87 -30.11 3.42
C PRO B 150 49.67 -30.89 2.91
N LEU B 151 49.66 -31.14 1.59
CA LEU B 151 48.57 -31.87 0.97
C LEU B 151 48.37 -33.24 1.61
N ALA B 152 49.45 -33.87 2.07
CA ALA B 152 49.36 -35.18 2.70
C ALA B 152 48.53 -35.16 3.97
N ASP B 153 48.41 -34.01 4.63
CA ASP B 153 47.58 -33.91 5.83
C ASP B 153 46.09 -33.92 5.51
N VAL B 154 45.72 -33.84 4.23
CA VAL B 154 44.33 -33.61 3.87
C VAL B 154 43.50 -34.89 3.96
N GLY B 155 44.11 -36.05 3.76
CA GLY B 155 43.39 -37.30 3.77
C GLY B 155 44.06 -38.35 2.91
N PRO B 156 43.33 -39.40 2.56
CA PRO B 156 43.96 -40.57 1.93
C PRO B 156 44.19 -40.42 0.44
N VAL B 157 45.31 -40.99 -0.02
CA VAL B 157 45.60 -41.06 -1.44
C VAL B 157 44.46 -41.78 -2.16
N VAL B 158 44.08 -41.26 -3.32
CA VAL B 158 43.15 -41.93 -4.23
C VAL B 158 43.82 -41.96 -5.61
N ASP B 159 43.64 -43.06 -6.33
CA ASP B 159 44.44 -43.30 -7.54
C ASP B 159 44.15 -42.26 -8.62
N ASP B 160 42.87 -42.04 -8.92
CA ASP B 160 42.50 -41.09 -9.96
C ASP B 160 41.26 -40.33 -9.52
N PRO B 161 41.26 -39.01 -9.63
CA PRO B 161 40.01 -38.26 -9.45
C PRO B 161 38.96 -38.73 -10.44
N VAL B 162 37.70 -38.70 -10.01
CA VAL B 162 36.60 -39.03 -10.91
C VAL B 162 36.68 -38.16 -12.14
N ARG B 163 36.40 -38.74 -13.31
CA ARG B 163 36.60 -38.08 -14.58
C ARG B 163 35.30 -38.04 -15.37
N LEU B 164 35.05 -36.89 -16.02
CA LEU B 164 33.93 -36.76 -16.93
C LEU B 164 34.20 -37.51 -18.23
N PRO B 165 33.16 -38.02 -18.89
CA PRO B 165 33.35 -38.63 -20.21
C PRO B 165 33.34 -37.57 -21.30
N ASP B 166 33.93 -37.94 -22.43
CA ASP B 166 33.96 -37.07 -23.60
C ASP B 166 33.47 -37.84 -24.81
N VAL B 167 32.65 -37.18 -25.62
CA VAL B 167 32.35 -37.66 -26.97
C VAL B 167 33.15 -36.80 -27.94
N PRO B 168 34.37 -37.21 -28.31
CA PRO B 168 35.20 -36.38 -29.20
C PRO B 168 34.63 -36.23 -30.59
N PHE B 169 35.34 -35.47 -31.44
CA PHE B 169 34.96 -35.33 -32.83
C PHE B 169 35.41 -36.56 -33.62
N THR B 170 34.71 -36.81 -34.73
CA THR B 170 34.99 -37.94 -35.59
C THR B 170 35.30 -37.46 -37.01
N ARG B 171 36.23 -38.13 -37.68
CA ARG B 171 36.53 -37.78 -39.05
C ARG B 171 35.51 -38.39 -40.00
N LEU B 176 34.44 -34.35 -41.35
CA LEU B 176 34.69 -34.35 -39.92
C LEU B 176 33.42 -33.93 -39.19
N VAL B 177 33.13 -34.54 -38.04
CA VAL B 177 31.90 -34.26 -37.29
C VAL B 177 32.22 -34.07 -35.81
N GLY B 178 31.65 -33.01 -35.23
CA GLY B 178 31.77 -32.72 -33.81
C GLY B 178 30.53 -31.98 -33.35
N ARG B 179 30.67 -31.14 -32.32
CA ARG B 179 29.54 -30.44 -31.73
C ARG B 179 29.92 -29.01 -31.35
N VAL B 180 28.90 -28.18 -31.11
CA VAL B 180 29.13 -26.88 -30.48
C VAL B 180 29.39 -27.12 -29.00
N ALA B 181 30.62 -26.90 -28.55
CA ALA B 181 30.96 -27.15 -27.15
C ALA B 181 30.44 -26.03 -26.26
N ARG B 182 30.81 -24.79 -26.55
CA ARG B 182 30.41 -23.64 -25.76
C ARG B 182 30.03 -22.51 -26.70
N ILE B 183 29.26 -21.57 -26.17
CA ILE B 183 28.91 -20.34 -26.88
C ILE B 183 29.47 -19.17 -26.09
N ASP B 184 30.10 -18.22 -26.79
CA ASP B 184 30.58 -17.00 -26.15
C ASP B 184 29.37 -16.14 -25.82
N ARG B 185 28.96 -16.15 -24.54
CA ARG B 185 27.69 -15.52 -24.17
C ARG B 185 27.77 -14.00 -24.16
N ALA B 186 28.97 -13.42 -24.15
CA ALA B 186 29.10 -11.97 -24.29
C ALA B 186 28.90 -11.52 -25.74
N PHE B 187 29.23 -12.38 -26.70
CA PHE B 187 29.34 -11.99 -28.10
C PHE B 187 28.51 -12.83 -29.06
N GLY B 188 28.10 -14.03 -28.68
CA GLY B 188 27.39 -14.90 -29.59
C GLY B 188 28.25 -15.77 -30.47
N ASN B 189 29.56 -15.84 -30.21
CA ASN B 189 30.45 -16.68 -30.98
C ASN B 189 30.23 -18.15 -30.63
N VAL B 190 30.44 -19.01 -31.62
CA VAL B 190 30.15 -20.43 -31.51
C VAL B 190 31.46 -21.20 -31.55
N TRP B 191 31.70 -22.03 -30.52
CA TRP B 191 32.89 -22.85 -30.42
C TRP B 191 32.54 -24.32 -30.63
N THR B 192 33.41 -25.05 -31.31
CA THR B 192 33.27 -26.48 -31.52
C THR B 192 34.37 -27.24 -30.80
N ASN B 193 34.23 -28.56 -30.76
CA ASN B 193 35.27 -29.43 -30.22
C ASN B 193 36.25 -29.88 -31.30
N ILE B 194 36.06 -29.47 -32.54
CA ILE B 194 36.97 -29.85 -33.62
C ILE B 194 38.22 -28.97 -33.55
N PRO B 195 39.40 -29.54 -33.33
CA PRO B 195 40.63 -28.73 -33.41
C PRO B 195 40.85 -28.26 -34.84
N SER B 196 41.33 -27.02 -34.97
CA SER B 196 41.55 -26.45 -36.29
C SER B 196 42.63 -27.21 -37.04
N ALA B 197 43.63 -27.72 -36.33
CA ALA B 197 44.68 -28.52 -36.95
C ALA B 197 44.15 -29.77 -37.63
N ALA B 198 42.90 -30.15 -37.37
CA ALA B 198 42.28 -31.26 -38.09
C ALA B 198 41.86 -30.84 -39.49
N LEU B 199 42.27 -29.67 -39.95
CA LEU B 199 41.85 -29.18 -41.25
C LEU B 199 43.06 -28.72 -42.04
N VAL B 209 41.17 -19.35 -48.65
CA VAL B 209 40.77 -20.54 -47.90
C VAL B 209 39.37 -20.36 -47.33
N THR B 210 38.55 -21.41 -47.44
CA THR B 210 37.17 -21.37 -46.98
C THR B 210 36.76 -22.76 -46.48
N LEU B 211 35.68 -22.77 -45.71
CA LEU B 211 35.17 -23.98 -45.06
C LEU B 211 33.73 -24.23 -45.52
N ASP B 212 33.45 -25.46 -45.94
CA ASP B 212 32.09 -25.91 -46.15
C ASP B 212 31.62 -26.59 -44.87
N ALA B 213 30.63 -26.01 -44.20
CA ALA B 213 30.28 -26.49 -42.87
C ALA B 213 28.80 -26.32 -42.60
N THR B 214 28.29 -27.19 -41.72
CA THR B 214 26.91 -27.17 -41.25
C THR B 214 26.90 -26.81 -39.78
N VAL B 215 26.18 -25.74 -39.42
CA VAL B 215 26.09 -25.28 -38.04
C VAL B 215 24.68 -24.75 -37.76
N ALA B 220 26.66 -23.96 -45.66
CA ALA B 220 27.19 -22.60 -45.80
C ALA B 220 28.71 -22.60 -46.04
N ARG B 221 29.18 -21.67 -46.90
CA ARG B 221 30.60 -21.38 -47.03
C ARG B 221 31.01 -20.31 -46.02
N TRP B 222 32.03 -20.62 -45.24
CA TRP B 222 32.54 -19.75 -44.19
C TRP B 222 33.96 -19.34 -44.53
N PRO B 223 34.25 -18.05 -44.74
CA PRO B 223 35.64 -17.63 -44.94
C PRO B 223 36.47 -17.94 -43.71
N TRP B 224 37.65 -18.52 -43.94
CA TRP B 224 38.57 -18.84 -42.85
C TRP B 224 39.43 -17.61 -42.59
N CYS B 225 39.38 -17.11 -41.36
CA CYS B 225 39.93 -15.79 -41.05
C CYS B 225 40.89 -15.86 -39.87
N THR B 226 41.84 -14.92 -39.87
CA THR B 226 42.69 -14.70 -38.70
C THR B 226 41.87 -14.13 -37.54
N THR B 227 40.99 -13.17 -37.82
CA THR B 227 40.26 -12.49 -36.76
C THR B 227 38.95 -11.96 -37.33
N PHE B 228 38.14 -11.36 -36.45
CA PHE B 228 36.77 -11.02 -36.79
C PHE B 228 36.70 -9.97 -37.90
N SER B 229 37.60 -9.00 -37.88
CA SER B 229 37.49 -7.83 -38.75
C SER B 229 38.01 -8.06 -40.17
N GLN B 230 38.25 -9.29 -40.59
CA GLN B 230 38.62 -9.56 -41.98
C GLN B 230 37.40 -9.82 -42.85
N VAL B 231 36.19 -9.64 -42.31
CA VAL B 231 34.96 -9.82 -43.05
C VAL B 231 34.08 -8.61 -42.74
N ALA B 232 33.20 -8.26 -43.67
CA ALA B 232 32.32 -7.11 -43.50
C ALA B 232 31.52 -7.24 -42.20
N THR B 233 31.03 -6.10 -41.71
CA THR B 233 30.24 -6.08 -40.50
C THR B 233 28.96 -6.90 -40.73
N THR B 234 28.65 -7.77 -39.77
CA THR B 234 27.58 -8.79 -39.76
C THR B 234 27.94 -10.00 -40.61
N GLY B 235 29.14 -10.06 -41.18
CA GLY B 235 29.49 -11.18 -42.03
C GLY B 235 29.93 -12.40 -41.25
N ARG B 236 29.68 -13.56 -41.82
CA ARG B 236 30.06 -14.83 -41.21
C ARG B 236 31.54 -15.11 -41.41
N LEU B 237 32.11 -15.86 -40.47
CA LEU B 237 33.54 -16.15 -40.53
C LEU B 237 33.85 -17.38 -39.70
N ALA B 238 34.87 -18.12 -40.13
CA ALA B 238 35.38 -19.28 -39.42
C ALA B 238 36.83 -19.02 -39.02
N TYR B 239 37.23 -19.55 -37.87
CA TYR B 239 38.54 -19.23 -37.33
C TYR B 239 38.92 -20.26 -36.27
N ALA B 240 40.14 -20.15 -35.77
CA ALA B 240 40.59 -20.92 -34.62
C ALA B 240 40.60 -20.01 -33.40
N ASN B 241 39.84 -20.38 -32.38
CA ASN B 241 39.71 -19.51 -31.22
C ASN B 241 41.00 -19.54 -30.39
N SER B 242 40.96 -18.86 -29.25
CA SER B 242 42.15 -18.73 -28.40
C SER B 242 42.71 -20.08 -28.01
N ARG B 243 41.86 -21.09 -27.86
CA ARG B 243 42.27 -22.43 -27.45
C ARG B 243 42.68 -23.32 -28.60
N GLY B 244 42.44 -22.90 -29.84
CA GLY B 244 42.84 -23.68 -31.00
C GLY B 244 41.74 -24.49 -31.64
N ARG B 245 40.48 -24.31 -31.23
CA ARG B 245 39.36 -25.09 -31.73
C ARG B 245 38.57 -24.29 -32.75
N LEU B 246 38.07 -24.98 -33.78
CA LEU B 246 37.30 -24.33 -34.84
C LEU B 246 36.09 -23.61 -34.25
N SER B 247 35.89 -22.38 -34.69
CA SER B 247 34.82 -21.53 -34.19
C SER B 247 34.21 -20.74 -35.34
N PHE B 248 32.94 -20.38 -35.17
CA PHE B 248 32.18 -19.62 -36.15
C PHE B 248 31.66 -18.35 -35.50
N ALA B 249 31.58 -17.28 -36.28
CA ALA B 249 31.20 -16.00 -35.70
C ALA B 249 30.62 -15.09 -36.77
N LEU B 250 29.97 -14.03 -36.30
CA LEU B 250 29.58 -12.89 -37.12
C LEU B 250 30.38 -11.68 -36.67
N ASN B 251 30.97 -10.96 -37.61
CA ASN B 251 31.73 -9.77 -37.28
C ASN B 251 30.82 -8.70 -36.70
N ARG B 252 31.07 -8.32 -35.44
CA ARG B 252 30.23 -7.39 -34.69
C ARG B 252 28.77 -7.84 -34.70
N GLY B 253 28.56 -9.11 -34.38
CA GLY B 253 27.22 -9.67 -34.28
C GLY B 253 27.24 -10.98 -33.53
N SER B 254 26.04 -11.45 -33.19
CA SER B 254 25.86 -12.68 -32.43
C SER B 254 25.43 -13.79 -33.39
N LEU B 255 26.33 -14.74 -33.63
CA LEU B 255 25.98 -15.88 -34.48
C LEU B 255 24.95 -16.76 -33.80
N VAL B 256 25.03 -16.91 -32.48
CA VAL B 256 24.01 -17.65 -31.74
C VAL B 256 22.64 -17.01 -31.96
N ALA B 257 22.57 -15.69 -31.87
CA ALA B 257 21.29 -15.00 -32.06
C ALA B 257 20.74 -15.22 -33.46
N GLU B 258 21.62 -15.16 -34.48
CA GLU B 258 21.16 -15.34 -35.86
C GLU B 258 20.69 -16.77 -36.09
N LEU B 259 21.48 -17.76 -35.70
CA LEU B 259 21.22 -19.15 -36.01
C LEU B 259 20.47 -19.90 -34.90
N GLY B 260 20.24 -19.26 -33.75
CA GLY B 260 19.53 -19.93 -32.68
C GLY B 260 20.20 -21.18 -32.17
N VAL B 261 21.52 -21.26 -32.29
CA VAL B 261 22.25 -22.47 -31.92
C VAL B 261 22.51 -22.48 -30.42
N ALA B 262 22.41 -23.67 -29.82
CA ALA B 262 22.67 -23.90 -28.41
C ALA B 262 23.78 -24.92 -28.26
N PRO B 263 24.50 -24.91 -27.14
CA PRO B 263 25.63 -25.84 -26.97
C PRO B 263 25.17 -27.29 -27.09
N ASP B 264 26.09 -28.18 -27.49
CA ASP B 264 25.88 -29.62 -27.79
C ASP B 264 25.32 -29.86 -29.19
N ALA B 265 25.02 -28.82 -29.95
CA ALA B 265 24.40 -28.99 -31.27
C ALA B 265 25.43 -29.49 -32.29
N PRO B 266 25.03 -30.34 -33.23
CA PRO B 266 26.03 -30.94 -34.12
C PRO B 266 26.67 -29.90 -35.03
N VAL B 267 27.91 -30.19 -35.44
CA VAL B 267 28.62 -29.39 -36.43
C VAL B 267 29.38 -30.35 -37.33
N GLU B 268 29.32 -30.12 -38.64
CA GLU B 268 29.98 -30.99 -39.60
C GLU B 268 30.77 -30.14 -40.57
N VAL B 269 32.08 -30.40 -40.62
CA VAL B 269 32.96 -29.75 -41.60
C VAL B 269 33.12 -30.69 -42.78
N HIS B 270 32.85 -30.18 -43.98
CA HIS B 270 32.87 -30.97 -45.19
C HIS B 270 34.20 -30.86 -45.92
N ALA C 5 48.93 -4.67 8.31
CA ALA C 5 48.18 -3.79 9.21
C ALA C 5 46.70 -3.59 8.84
N PRO C 6 46.42 -3.12 7.62
CA PRO C 6 45.10 -2.56 7.36
C PRO C 6 44.01 -3.63 7.43
N ARG C 7 42.83 -3.22 7.85
CA ARG C 7 41.70 -4.14 7.92
C ARG C 7 41.28 -4.57 6.52
N VAL C 8 40.65 -5.74 6.44
CA VAL C 8 39.99 -6.16 5.22
C VAL C 8 38.65 -5.45 5.13
N VAL C 9 38.34 -4.90 3.96
CA VAL C 9 37.08 -4.21 3.74
C VAL C 9 36.14 -5.15 2.99
N ALA C 10 35.00 -5.45 3.61
CA ALA C 10 33.95 -6.21 2.96
C ALA C 10 32.87 -5.25 2.47
N PHE C 11 32.47 -5.41 1.21
CA PHE C 11 31.82 -4.33 0.47
C PHE C 11 30.48 -4.79 -0.08
N LEU C 12 29.40 -4.11 0.32
CA LEU C 12 28.06 -4.41 -0.17
C LEU C 12 27.34 -3.13 -0.54
N SER C 13 26.55 -3.18 -1.62
CA SER C 13 25.78 -2.03 -2.06
C SER C 13 24.69 -2.50 -3.03
N ASP C 14 23.83 -1.56 -3.44
CA ASP C 14 22.83 -1.80 -4.47
C ASP C 14 23.17 -1.08 -5.77
N VAL C 15 24.43 -0.66 -5.92
CA VAL C 15 24.83 0.16 -7.06
C VAL C 15 25.12 -0.70 -8.30
N GLY C 16 25.67 -1.88 -8.13
CA GLY C 16 25.80 -2.83 -9.21
C GLY C 16 27.24 -3.02 -9.67
N THR C 17 27.38 -3.79 -10.75
CA THR C 17 28.67 -4.08 -11.37
C THR C 17 28.68 -3.76 -12.86
N HIS C 18 27.63 -3.12 -13.37
CA HIS C 18 27.43 -2.90 -14.79
C HIS C 18 28.17 -1.67 -15.31
N ASP C 19 28.82 -0.91 -14.44
CA ASP C 19 29.57 0.27 -14.86
C ASP C 19 30.65 0.55 -13.81
N GLU C 20 31.20 1.77 -13.84
CA GLU C 20 32.42 2.11 -13.12
C GLU C 20 32.21 2.43 -11.64
N ALA C 21 30.95 2.60 -11.19
CA ALA C 21 30.71 3.25 -9.89
C ALA C 21 31.38 2.49 -8.74
N THR C 22 31.11 1.18 -8.63
CA THR C 22 31.73 0.39 -7.57
C THR C 22 33.25 0.41 -7.70
N GLY C 23 33.75 0.36 -8.93
CA GLY C 23 35.19 0.45 -9.13
C GLY C 23 35.76 1.77 -8.66
N LEU C 24 35.03 2.87 -8.87
CA LEU C 24 35.49 4.16 -8.37
C LEU C 24 35.51 4.19 -6.85
N CYS C 25 34.50 3.59 -6.21
CA CYS C 25 34.53 3.48 -4.75
C CYS C 25 35.77 2.72 -4.29
N LYS C 26 36.07 1.59 -4.94
CA LYS C 26 37.24 0.80 -4.56
C LYS C 26 38.54 1.58 -4.77
N GLY C 27 38.64 2.32 -5.89
CA GLY C 27 39.79 3.15 -6.12
C GLY C 27 39.95 4.22 -5.04
N LEU C 28 38.84 4.84 -4.63
CA LEU C 28 38.89 5.80 -3.54
C LEU C 28 39.40 5.17 -2.25
N MET C 29 38.90 3.96 -1.96
CA MET C 29 39.35 3.25 -0.76
C MET C 29 40.85 2.97 -0.82
N SER C 30 41.34 2.52 -1.98
CA SER C 30 42.76 2.25 -2.12
C SER C 30 43.58 3.54 -2.06
N ARG C 31 43.01 4.66 -2.50
CA ARG C 31 43.66 5.95 -2.32
C ARG C 31 43.81 6.29 -0.85
N ILE C 32 42.74 6.11 -0.08
CA ILE C 32 42.78 6.42 1.35
C ILE C 32 43.65 5.43 2.10
N CYS C 33 43.48 4.14 1.80
CA CYS C 33 44.18 3.06 2.49
C CYS C 33 44.97 2.24 1.47
N PRO C 34 46.20 2.62 1.17
CA PRO C 34 47.01 1.83 0.24
C PRO C 34 47.23 0.41 0.74
N GLY C 35 47.19 -0.54 -0.18
CA GLY C 35 47.38 -1.93 0.17
C GLY C 35 46.18 -2.59 0.82
N VAL C 36 45.02 -1.97 0.75
CA VAL C 36 43.81 -2.51 1.37
C VAL C 36 43.26 -3.65 0.52
N THR C 37 42.71 -4.66 1.19
CA THR C 37 42.04 -5.77 0.53
C THR C 37 40.53 -5.52 0.58
N ILE C 38 39.90 -5.51 -0.60
CA ILE C 38 38.46 -5.30 -0.71
C ILE C 38 37.83 -6.57 -1.26
N ILE C 39 36.99 -7.20 -0.45
CA ILE C 39 36.23 -8.38 -0.84
C ILE C 39 34.78 -7.94 -1.05
N ASP C 40 34.26 -8.16 -2.26
CA ASP C 40 32.86 -7.86 -2.51
C ASP C 40 31.99 -8.94 -1.88
N ILE C 41 31.00 -8.51 -1.11
CA ILE C 41 29.99 -9.41 -0.60
C ILE C 41 28.93 -9.53 -1.70
N THR C 42 28.34 -8.41 -2.08
CA THR C 42 27.60 -8.30 -3.33
C THR C 42 27.27 -6.84 -3.58
N HIS C 43 27.06 -6.52 -4.86
CA HIS C 43 26.56 -5.21 -5.25
C HIS C 43 25.28 -5.34 -6.05
N GLN C 44 24.64 -6.50 -5.98
CA GLN C 44 23.41 -6.79 -6.70
C GLN C 44 22.19 -6.73 -5.79
N VAL C 45 22.29 -6.07 -4.64
CA VAL C 45 21.12 -5.78 -3.83
C VAL C 45 20.13 -5.06 -4.73
N PRO C 46 18.86 -5.45 -4.75
CA PRO C 46 17.88 -4.68 -5.52
C PRO C 46 17.89 -3.23 -5.07
N ALA C 47 17.76 -2.33 -6.04
CA ALA C 47 17.72 -0.90 -5.75
C ALA C 47 16.69 -0.59 -4.65
N PHE C 48 17.11 0.31 -3.74
CA PHE C 48 16.49 0.94 -2.58
C PHE C 48 16.16 -0.08 -1.49
N ASP C 49 16.57 -1.35 -1.62
CA ASP C 49 16.06 -2.44 -0.79
C ASP C 49 16.95 -2.63 0.45
N VAL C 50 16.62 -1.91 1.52
CA VAL C 50 17.41 -1.98 2.75
C VAL C 50 17.22 -3.33 3.45
N VAL C 51 16.00 -3.85 3.45
CA VAL C 51 15.71 -5.11 4.15
C VAL C 51 16.49 -6.25 3.52
N GLU C 52 16.52 -6.31 2.19
CA GLU C 52 17.28 -7.35 1.50
C GLU C 52 18.75 -7.30 1.88
N GLY C 53 19.33 -6.09 1.89
CA GLY C 53 20.73 -5.96 2.26
C GLY C 53 20.99 -6.36 3.70
N ALA C 54 20.06 -6.00 4.60
CA ALA C 54 20.21 -6.39 6.00
C ALA C 54 20.20 -7.91 6.14
N LEU C 55 19.32 -8.58 5.40
CA LEU C 55 19.34 -10.04 5.39
C LEU C 55 20.67 -10.57 4.86
N MET C 56 21.19 -9.95 3.80
CA MET C 56 22.44 -10.43 3.22
C MET C 56 23.65 -10.20 4.13
N LEU C 57 23.58 -9.23 5.05
CA LEU C 57 24.71 -8.88 5.90
C LEU C 57 24.75 -9.64 7.22
N GLU C 58 23.77 -10.50 7.51
CA GLU C 58 23.67 -11.11 8.83
C GLU C 58 24.88 -11.96 9.17
N ASP C 59 25.27 -12.86 8.27
CA ASP C 59 26.38 -13.77 8.51
C ASP C 59 27.74 -13.17 8.25
N VAL C 60 27.81 -12.00 7.63
CA VAL C 60 29.08 -11.38 7.25
C VAL C 60 30.00 -11.23 8.47
N PRO C 61 29.53 -10.75 9.63
CA PRO C 61 30.44 -10.68 10.78
C PRO C 61 31.05 -12.01 11.19
N GLU C 62 30.30 -13.10 11.14
CA GLU C 62 30.83 -14.40 11.57
C GLU C 62 31.97 -14.84 10.66
N PHE C 63 31.78 -14.72 9.35
CA PHE C 63 32.70 -15.33 8.41
C PHE C 63 33.77 -14.39 7.94
N PHE C 64 33.96 -13.26 8.60
CA PHE C 64 35.08 -12.41 8.27
C PHE C 64 35.99 -12.25 9.49
N PRO C 65 37.26 -11.96 9.29
CA PRO C 65 38.18 -11.79 10.43
C PRO C 65 37.72 -10.64 11.32
N GLU C 66 38.31 -10.59 12.53
CA GLU C 66 38.02 -9.47 13.41
C GLU C 66 38.62 -8.18 12.89
N HIS C 67 39.74 -8.26 12.17
CA HIS C 67 40.39 -7.09 11.59
C HIS C 67 39.72 -6.70 10.27
N THR C 68 38.46 -6.30 10.39
CA THR C 68 37.60 -6.09 9.23
C THR C 68 36.82 -4.79 9.37
N VAL C 69 36.57 -4.14 8.23
CA VAL C 69 35.53 -3.14 8.10
C VAL C 69 34.50 -3.67 7.11
N ILE C 70 33.25 -3.74 7.56
CA ILE C 70 32.11 -4.11 6.71
C ILE C 70 31.54 -2.80 6.17
N CYS C 71 31.77 -2.54 4.88
CA CYS C 71 31.29 -1.33 4.23
C CYS C 71 30.04 -1.68 3.44
N ALA C 72 28.90 -1.11 3.84
CA ALA C 72 27.65 -1.43 3.17
C ALA C 72 26.86 -0.15 2.96
N TYR C 73 26.33 0.04 1.76
CA TYR C 73 25.45 1.20 1.55
C TYR C 73 24.32 0.84 0.60
N VAL C 74 23.10 0.92 1.12
CA VAL C 74 21.88 1.02 0.35
C VAL C 74 21.21 2.29 0.85
N TYR C 75 21.18 3.34 0.02
CA TYR C 75 21.09 4.72 0.50
C TYR C 75 20.14 5.54 -0.37
N PRO C 76 18.84 5.22 -0.38
CA PRO C 76 17.88 6.14 -1.01
C PRO C 76 17.73 7.44 -0.26
N GLU C 77 18.29 7.55 0.95
CA GLU C 77 18.29 8.77 1.74
C GLU C 77 19.57 9.58 1.58
N THR C 78 20.39 9.27 0.58
CA THR C 78 21.69 9.93 0.45
C THR C 78 21.51 11.43 0.23
N GLY C 79 22.39 12.22 0.86
CA GLY C 79 22.30 13.66 0.75
C GLY C 79 21.09 14.26 1.44
N SER C 80 20.62 13.62 2.50
CA SER C 80 19.49 14.15 3.28
C SER C 80 19.88 14.23 4.75
N GLY C 81 18.90 14.42 5.63
CA GLY C 81 19.19 14.41 7.05
C GLY C 81 19.67 13.07 7.59
N THR C 82 19.50 11.99 6.83
CA THR C 82 19.86 10.64 7.25
C THR C 82 21.37 10.46 7.27
N PRO C 83 21.99 10.39 8.44
CA PRO C 83 23.46 10.32 8.50
C PRO C 83 24.00 8.95 8.17
N THR C 84 25.32 8.82 8.27
CA THR C 84 26.01 7.54 8.18
C THR C 84 26.52 7.17 9.58
N VAL C 85 26.38 5.89 9.93
CA VAL C 85 26.76 5.39 11.24
C VAL C 85 27.92 4.42 11.09
N ALA C 86 28.83 4.48 12.06
CA ALA C 86 29.95 3.56 12.19
C ALA C 86 29.86 2.86 13.53
N VAL C 87 30.15 1.56 13.53
CA VAL C 87 29.88 0.69 14.67
C VAL C 87 31.08 -0.23 14.90
N ARG C 88 31.40 -0.44 16.18
CA ARG C 88 32.26 -1.53 16.61
C ARG C 88 31.40 -2.57 17.32
N ASN C 89 31.53 -3.82 16.90
CA ASN C 89 30.74 -4.92 17.45
C ASN C 89 31.58 -5.69 18.48
N ASP C 90 30.95 -6.72 19.06
CA ASP C 90 31.61 -7.48 20.12
C ASP C 90 32.76 -8.32 19.58
N LYS C 91 32.69 -8.70 18.30
CA LYS C 91 33.82 -9.37 17.65
C LYS C 91 34.99 -8.43 17.42
N GLY C 92 34.79 -7.12 17.55
CA GLY C 92 35.82 -6.15 17.27
C GLY C 92 35.92 -5.74 15.81
N GLN C 93 34.95 -6.12 15.00
CA GLN C 93 34.91 -5.65 13.62
C GLN C 93 34.24 -4.29 13.54
N LEU C 94 34.64 -3.52 12.55
CA LEU C 94 34.04 -2.22 12.29
C LEU C 94 33.01 -2.35 11.18
N LEU C 95 31.99 -1.50 11.24
CA LEU C 95 30.90 -1.52 10.29
C LEU C 95 30.55 -0.08 9.94
N VAL C 96 30.32 0.19 8.66
CA VAL C 96 29.97 1.53 8.19
C VAL C 96 28.79 1.40 7.23
N ALA C 97 27.75 2.18 7.46
CA ALA C 97 26.54 2.08 6.65
C ALA C 97 25.66 3.29 6.94
N PRO C 98 24.73 3.63 6.04
CA PRO C 98 23.74 4.65 6.38
C PRO C 98 22.89 4.23 7.56
N ASP C 99 22.55 5.19 8.42
CA ASP C 99 21.79 4.90 9.64
C ASP C 99 20.30 4.77 9.31
N ASN C 100 20.00 3.81 8.43
CA ASN C 100 18.64 3.52 8.02
C ASN C 100 18.25 2.08 8.38
N GLY C 101 19.03 1.42 9.22
CA GLY C 101 18.73 0.07 9.65
C GLY C 101 19.41 -1.04 8.86
N LEU C 102 20.19 -0.69 7.82
CA LEU C 102 20.76 -1.72 6.95
C LEU C 102 21.64 -2.69 7.73
N LEU C 103 22.20 -2.26 8.85
CA LEU C 103 23.08 -3.10 9.66
C LEU C 103 22.32 -3.90 10.71
N THR C 104 20.99 -3.99 10.60
CA THR C 104 20.19 -4.51 11.71
C THR C 104 20.54 -5.95 12.04
N ARG C 105 20.43 -6.86 11.06
CA ARG C 105 20.67 -8.28 11.33
C ARG C 105 22.12 -8.55 11.70
N ALA C 106 23.06 -7.89 11.01
CA ALA C 106 24.47 -8.05 11.33
C ALA C 106 24.73 -7.63 12.77
N LEU C 107 24.15 -6.51 13.19
CA LEU C 107 24.32 -6.06 14.56
C LEU C 107 23.64 -6.99 15.57
N ASP C 108 22.47 -7.57 15.22
CA ASP C 108 21.85 -8.52 16.15
C ASP C 108 22.76 -9.72 16.34
N ALA C 109 23.43 -10.16 15.26
CA ALA C 109 24.31 -11.32 15.34
C ALA C 109 25.60 -11.03 16.09
N SER C 110 26.16 -9.83 15.96
CA SER C 110 27.48 -9.55 16.51
C SER C 110 27.50 -8.48 17.60
N GLY C 111 26.41 -7.76 17.84
CA GLY C 111 26.34 -6.84 18.95
C GLY C 111 26.82 -5.44 18.62
N VAL C 112 26.39 -4.49 19.43
CA VAL C 112 26.85 -3.10 19.33
C VAL C 112 27.69 -2.82 20.57
N ALA C 113 29.01 -2.75 20.39
CA ALA C 113 29.88 -2.30 21.47
C ALA C 113 30.06 -0.79 21.45
N GLU C 114 30.02 -0.17 20.28
CA GLU C 114 30.10 1.29 20.20
C GLU C 114 29.52 1.73 18.86
N ALA C 115 28.87 2.88 18.84
CA ALA C 115 28.30 3.41 17.61
C ALA C 115 28.38 4.93 17.62
N ARG C 116 28.91 5.49 16.53
CA ARG C 116 29.00 6.93 16.37
C ARG C 116 28.44 7.33 15.00
N LEU C 117 28.02 8.59 14.92
CA LEU C 117 27.60 9.17 13.65
C LEU C 117 28.82 9.73 12.93
N VAL C 118 28.86 9.52 11.62
CA VAL C 118 29.99 9.97 10.80
C VAL C 118 29.72 11.42 10.42
N THR C 119 30.42 12.34 11.10
CA THR C 119 30.26 13.77 10.88
C THR C 119 31.57 14.51 10.66
N ASN C 120 32.71 13.88 10.89
CA ASN C 120 33.99 14.54 10.79
C ASN C 120 34.42 14.63 9.32
N PRO C 121 34.62 15.83 8.77
CA PRO C 121 34.99 15.91 7.35
C PRO C 121 36.29 15.21 7.01
N ALA C 122 37.18 15.00 7.99
CA ALA C 122 38.47 14.40 7.71
C ALA C 122 38.37 12.92 7.33
N VAL C 123 37.26 12.25 7.64
CA VAL C 123 37.04 10.87 7.22
C VAL C 123 36.14 10.78 5.99
N MET C 124 35.77 11.91 5.41
CA MET C 124 34.91 11.98 4.24
C MET C 124 35.73 12.32 3.01
N ASN C 125 35.11 12.16 1.85
CA ASN C 125 35.68 12.65 0.59
C ASN C 125 35.22 14.09 0.42
N HIS C 126 36.15 15.03 0.64
CA HIS C 126 35.96 16.45 0.94
C HIS C 126 34.82 17.15 0.21
N PRO C 127 34.59 16.91 -1.08
CA PRO C 127 33.35 17.41 -1.72
C PRO C 127 32.28 16.33 -1.76
N PRO C 128 31.66 15.99 -0.64
CA PRO C 128 30.72 14.85 -0.65
C PRO C 128 29.53 15.18 -1.53
N THR C 129 29.34 14.37 -2.56
CA THR C 129 28.25 14.60 -3.51
C THR C 129 26.96 14.11 -2.89
N PRO C 130 25.93 14.93 -2.79
CA PRO C 130 24.73 14.50 -2.07
C PRO C 130 24.09 13.24 -2.63
N THR C 131 24.21 13.00 -3.92
CA THR C 131 23.62 11.82 -4.53
C THR C 131 24.48 10.57 -4.38
N TRP C 132 25.69 10.67 -3.84
CA TRP C 132 26.57 9.51 -3.72
C TRP C 132 27.31 9.47 -2.38
N TYR C 133 26.59 9.70 -1.28
CA TYR C 133 27.22 9.60 0.03
C TYR C 133 27.85 8.22 0.23
N GLY C 134 27.22 7.17 -0.31
CA GLY C 134 27.76 5.83 -0.29
C GLY C 134 29.23 5.79 -0.64
N ARG C 135 29.63 6.58 -1.65
CA ARG C 135 31.05 6.68 -1.97
C ARG C 135 31.76 7.67 -1.06
N ASP C 136 31.20 8.87 -0.91
CA ASP C 136 31.94 9.98 -0.32
C ASP C 136 31.90 10.00 1.20
N VAL C 137 31.00 9.25 1.83
CA VAL C 137 30.98 9.17 3.29
C VAL C 137 31.21 7.73 3.73
N VAL C 138 30.36 6.82 3.27
CA VAL C 138 30.41 5.43 3.75
C VAL C 138 31.73 4.78 3.35
N ALA C 139 32.07 4.84 2.06
CA ALA C 139 33.28 4.17 1.57
C ALA C 139 34.54 4.85 2.10
N ALA C 140 34.58 6.18 2.07
CA ALA C 140 35.75 6.91 2.57
C ALA C 140 35.96 6.65 4.05
N CYS C 141 34.88 6.64 4.84
CA CYS C 141 35.02 6.35 6.26
C CYS C 141 35.48 4.91 6.49
N ALA C 142 34.95 3.96 5.71
CA ALA C 142 35.41 2.58 5.83
C ALA C 142 36.89 2.47 5.55
N ALA C 143 37.38 3.22 4.55
CA ALA C 143 38.79 3.18 4.22
C ALA C 143 39.64 3.84 5.31
N HIS C 144 39.19 4.99 5.83
CA HIS C 144 39.94 5.65 6.90
C HIS C 144 40.01 4.77 8.14
N LEU C 145 38.92 4.10 8.50
CA LEU C 145 38.94 3.17 9.62
C LEU C 145 39.87 2.00 9.34
N ALA C 146 39.81 1.45 8.12
CA ALA C 146 40.71 0.37 7.75
C ALA C 146 42.17 0.79 7.84
N ALA C 147 42.45 2.06 7.58
CA ALA C 147 43.81 2.59 7.72
C ALA C 147 44.22 2.79 9.17
N GLY C 148 43.30 2.69 10.12
CA GLY C 148 43.61 2.84 11.51
C GLY C 148 43.18 4.14 12.17
N THR C 149 42.25 4.87 11.56
CA THR C 149 41.71 6.06 12.21
C THR C 149 40.84 5.64 13.38
N PRO C 150 41.03 6.20 14.57
CA PRO C 150 40.21 5.82 15.71
C PRO C 150 38.73 6.14 15.46
N LEU C 151 37.87 5.19 15.82
CA LEU C 151 36.43 5.36 15.62
C LEU C 151 35.93 6.62 16.32
N ALA C 152 36.52 6.98 17.46
CA ALA C 152 36.10 8.15 18.20
C ALA C 152 36.28 9.44 17.41
N ASP C 153 37.20 9.46 16.45
CA ASP C 153 37.40 10.64 15.61
C ASP C 153 36.27 10.83 14.60
N VAL C 154 35.38 9.86 14.46
CA VAL C 154 34.42 9.86 13.37
C VAL C 154 33.26 10.82 13.64
N GLY C 155 32.90 11.03 14.90
CA GLY C 155 31.78 11.87 15.24
C GLY C 155 31.16 11.46 16.56
N PRO C 156 29.93 11.92 16.80
CA PRO C 156 29.34 11.79 18.15
C PRO C 156 28.73 10.42 18.43
N VAL C 157 28.89 9.99 19.68
CA VAL C 157 28.23 8.77 20.14
C VAL C 157 26.72 8.88 19.93
N VAL C 158 26.12 7.79 19.46
CA VAL C 158 24.68 7.65 19.39
C VAL C 158 24.32 6.33 20.07
N ASP C 159 23.20 6.32 20.81
CA ASP C 159 22.91 5.21 21.71
C ASP C 159 22.68 3.91 20.97
N ASP C 160 21.83 3.94 19.94
CA ASP C 160 21.54 2.75 19.18
C ASP C 160 21.41 3.11 17.70
N PRO C 161 22.07 2.37 16.81
CA PRO C 161 21.78 2.53 15.37
C PRO C 161 20.31 2.26 15.10
N VAL C 162 19.77 2.99 14.12
CA VAL C 162 18.40 2.74 13.68
C VAL C 162 18.25 1.27 13.32
N ARG C 163 17.10 0.70 13.69
CA ARG C 163 16.89 -0.74 13.56
C ARG C 163 15.65 -1.01 12.72
N LEU C 164 15.74 -2.02 11.85
CA LEU C 164 14.61 -2.48 11.08
C LEU C 164 13.65 -3.26 11.98
N PRO C 165 12.35 -3.25 11.69
CA PRO C 165 11.41 -4.08 12.42
C PRO C 165 11.38 -5.50 11.85
N ASP C 166 10.92 -6.42 12.68
CA ASP C 166 10.75 -7.81 12.29
C ASP C 166 9.36 -8.28 12.63
N VAL C 167 8.74 -9.02 11.72
CA VAL C 167 7.55 -9.80 12.03
C VAL C 167 7.98 -11.26 12.15
N PRO C 168 8.32 -11.73 13.35
CA PRO C 168 8.80 -13.10 13.51
C PRO C 168 7.75 -14.16 13.19
N PHE C 169 8.13 -15.43 13.31
CA PHE C 169 7.20 -16.52 13.14
C PHE C 169 6.37 -16.71 14.41
N THR C 170 5.19 -17.28 14.24
CA THR C 170 4.28 -17.53 15.35
C THR C 170 3.94 -19.01 15.43
N ARG C 171 3.87 -19.51 16.66
CA ARG C 171 3.32 -20.84 16.90
C ARG C 171 1.81 -20.73 16.97
N HIS C 172 1.12 -21.44 16.09
CA HIS C 172 -0.34 -21.31 15.98
C HIS C 172 -1.05 -21.90 17.19
N LEU C 176 2.52 -23.26 13.51
CA LEU C 176 3.65 -22.48 13.04
C LEU C 176 3.35 -21.78 11.72
N VAL C 177 3.34 -20.46 11.74
CA VAL C 177 3.10 -19.64 10.56
C VAL C 177 4.24 -18.63 10.44
N GLY C 178 4.96 -18.68 9.33
CA GLY C 178 6.01 -17.72 9.04
C GLY C 178 5.92 -17.24 7.61
N ARG C 179 7.03 -16.74 7.07
CA ARG C 179 7.06 -16.24 5.71
C ARG C 179 8.29 -16.78 4.99
N VAL C 180 8.21 -16.78 3.66
CA VAL C 180 9.41 -16.96 2.85
C VAL C 180 10.26 -15.71 2.98
N ALA C 181 11.41 -15.83 3.64
CA ALA C 181 12.27 -14.66 3.86
C ALA C 181 13.04 -14.30 2.59
N ARG C 182 13.78 -15.28 2.06
CA ARG C 182 14.59 -15.06 0.87
C ARG C 182 14.45 -16.27 -0.04
N ILE C 183 14.75 -16.06 -1.32
CA ILE C 183 14.81 -17.13 -2.31
C ILE C 183 16.24 -17.23 -2.82
N ASP C 184 16.75 -18.44 -2.92
CA ASP C 184 18.08 -18.66 -3.51
C ASP C 184 17.97 -18.45 -5.01
N ARG C 185 18.41 -17.29 -5.47
CA ARG C 185 18.17 -16.90 -6.86
C ARG C 185 19.04 -17.65 -7.85
N ALA C 186 20.12 -18.30 -7.38
CA ALA C 186 20.90 -19.16 -8.26
C ALA C 186 20.21 -20.49 -8.51
N PHE C 187 19.43 -20.96 -7.55
CA PHE C 187 18.93 -22.33 -7.54
C PHE C 187 17.42 -22.47 -7.42
N GLY C 188 16.73 -21.44 -6.94
CA GLY C 188 15.30 -21.54 -6.73
C GLY C 188 14.88 -22.11 -5.39
N ASN C 189 15.81 -22.25 -4.45
CA ASN C 189 15.49 -22.75 -3.12
C ASN C 189 14.75 -21.68 -2.32
N VAL C 190 13.86 -22.13 -1.44
CA VAL C 190 12.97 -21.25 -0.68
C VAL C 190 13.36 -21.31 0.79
N TRP C 191 13.63 -20.14 1.37
CA TRP C 191 14.00 -20.01 2.77
C TRP C 191 12.87 -19.35 3.56
N THR C 192 12.65 -19.83 4.78
CA THR C 192 11.66 -19.26 5.68
C THR C 192 12.35 -18.63 6.88
N ASN C 193 11.56 -17.91 7.68
CA ASN C 193 12.03 -17.37 8.94
C ASN C 193 11.82 -18.32 10.12
N ILE C 194 11.23 -19.49 9.88
CA ILE C 194 11.01 -20.46 10.94
C ILE C 194 12.31 -21.21 11.22
N PRO C 195 12.87 -21.10 12.41
CA PRO C 195 14.03 -21.93 12.75
C PRO C 195 13.64 -23.39 12.80
N SER C 196 14.54 -24.25 12.31
CA SER C 196 14.25 -25.68 12.26
C SER C 196 14.10 -26.25 13.67
N ALA C 197 14.86 -25.72 14.63
CA ALA C 197 14.74 -26.16 16.02
C ALA C 197 13.34 -25.94 16.60
N ALA C 198 12.49 -25.17 15.92
CA ALA C 198 11.11 -25.03 16.33
C ALA C 198 10.29 -26.25 15.95
N VAL C 209 10.99 -39.15 8.92
CA VAL C 209 10.52 -37.84 9.34
C VAL C 209 10.05 -37.04 8.13
N THR C 210 8.90 -36.36 8.27
CA THR C 210 8.30 -35.60 7.20
C THR C 210 7.57 -34.39 7.78
N LEU C 211 7.32 -33.41 6.91
CA LEU C 211 6.69 -32.15 7.28
C LEU C 211 5.40 -31.96 6.49
N ASP C 212 4.33 -31.62 7.19
CA ASP C 212 3.10 -31.16 6.56
C ASP C 212 3.15 -29.64 6.50
N ALA C 213 3.21 -29.07 5.30
CA ALA C 213 3.47 -27.65 5.19
C ALA C 213 2.77 -27.05 3.98
N THR C 214 2.48 -25.76 4.08
CA THR C 214 1.87 -24.98 3.01
C THR C 214 2.88 -23.94 2.55
N VAL C 215 3.20 -23.96 1.25
CA VAL C 215 4.16 -23.02 0.66
C VAL C 215 3.71 -22.63 -0.74
N ARG C 221 3.15 -32.97 1.68
CA ARG C 221 4.12 -33.65 2.51
C ARG C 221 5.52 -33.46 1.94
N TRP C 222 6.44 -32.97 2.77
CA TRP C 222 7.82 -32.70 2.38
C TRP C 222 8.74 -33.61 3.17
N PRO C 223 9.50 -34.48 2.52
CA PRO C 223 10.49 -35.28 3.25
C PRO C 223 11.54 -34.37 3.88
N TRP C 224 11.84 -34.63 5.16
CA TRP C 224 12.85 -33.87 5.87
C TRP C 224 14.20 -34.51 5.61
N CYS C 225 15.13 -33.74 5.05
CA CYS C 225 16.36 -34.28 4.50
C CYS C 225 17.58 -33.59 5.06
N THR C 226 18.70 -34.33 5.10
CA THR C 226 20.00 -33.73 5.39
C THR C 226 20.44 -32.81 4.25
N THR C 227 20.25 -33.24 3.01
CA THR C 227 20.74 -32.48 1.86
C THR C 227 19.89 -32.81 0.64
N PHE C 228 20.20 -32.13 -0.47
CA PHE C 228 19.32 -32.16 -1.65
C PHE C 228 19.23 -33.56 -2.25
N SER C 229 20.33 -34.30 -2.27
CA SER C 229 20.42 -35.55 -3.03
C SER C 229 19.83 -36.76 -2.30
N GLN C 230 19.08 -36.57 -1.21
CA GLN C 230 18.40 -37.69 -0.58
C GLN C 230 17.01 -37.91 -1.14
N VAL C 231 16.64 -37.19 -2.20
CA VAL C 231 15.35 -37.35 -2.85
C VAL C 231 15.63 -37.41 -4.35
N ALA C 232 14.75 -38.08 -5.09
CA ALA C 232 14.91 -38.23 -6.53
C ALA C 232 15.05 -36.87 -7.20
N THR C 233 15.64 -36.88 -8.40
CA THR C 233 15.81 -35.64 -9.15
C THR C 233 14.44 -35.05 -9.47
N THR C 234 14.30 -33.74 -9.23
CA THR C 234 13.09 -32.93 -9.31
C THR C 234 12.19 -33.13 -8.09
N GLY C 235 12.59 -33.94 -7.12
CA GLY C 235 11.73 -34.19 -5.98
C GLY C 235 11.78 -33.09 -4.94
N ARG C 236 10.67 -32.92 -4.24
CA ARG C 236 10.56 -31.91 -3.19
C ARG C 236 11.23 -32.39 -1.91
N LEU C 237 11.71 -31.42 -1.12
CA LEU C 237 12.43 -31.76 0.11
C LEU C 237 12.42 -30.56 1.06
N ALA C 238 12.42 -30.88 2.35
CA ALA C 238 12.50 -29.89 3.41
C ALA C 238 13.79 -30.11 4.20
N TYR C 239 14.39 -29.03 4.68
CA TYR C 239 15.69 -29.14 5.33
C TYR C 239 15.96 -27.88 6.14
N ALA C 240 17.06 -27.90 6.87
CA ALA C 240 17.57 -26.72 7.56
C ALA C 240 18.74 -26.17 6.76
N ASN C 241 18.64 -24.91 6.32
CA ASN C 241 19.67 -24.35 5.47
C ASN C 241 20.92 -24.06 6.30
N SER C 242 21.91 -23.44 5.64
CA SER C 242 23.19 -23.17 6.28
C SER C 242 23.03 -22.35 7.55
N ARG C 243 22.02 -21.49 7.61
CA ARG C 243 21.81 -20.61 8.75
C ARG C 243 20.93 -21.26 9.83
N GLY C 244 20.32 -22.41 9.55
CA GLY C 244 19.50 -23.08 10.53
C GLY C 244 18.01 -22.88 10.39
N ARG C 245 17.55 -22.26 9.30
CA ARG C 245 16.14 -21.95 9.11
C ARG C 245 15.51 -22.93 8.14
N LEU C 246 14.25 -23.28 8.41
CA LEU C 246 13.53 -24.24 7.57
C LEU C 246 13.48 -23.75 6.13
N SER C 247 13.77 -24.65 5.20
CA SER C 247 13.84 -24.32 3.78
C SER C 247 13.24 -25.47 2.98
N PHE C 248 12.74 -25.12 1.80
CA PHE C 248 12.12 -26.07 0.88
C PHE C 248 12.84 -26.00 -0.45
N ALA C 249 12.93 -27.13 -1.13
CA ALA C 249 13.71 -27.17 -2.37
C ALA C 249 13.24 -28.32 -3.25
N LEU C 250 13.67 -28.25 -4.51
CA LEU C 250 13.58 -29.36 -5.45
C LEU C 250 15.00 -29.82 -5.78
N ASN C 251 15.23 -31.13 -5.71
CA ASN C 251 16.56 -31.66 -6.02
C ASN C 251 16.87 -31.43 -7.49
N ARG C 252 17.93 -30.66 -7.75
CA ARG C 252 18.33 -30.25 -9.10
C ARG C 252 17.16 -29.59 -9.83
N GLY C 253 16.52 -28.65 -9.15
CA GLY C 253 15.42 -27.90 -9.75
C GLY C 253 15.14 -26.65 -8.95
N SER C 254 14.32 -25.78 -9.53
CA SER C 254 13.96 -24.50 -8.93
C SER C 254 12.55 -24.61 -8.34
N LEU C 255 12.47 -24.62 -7.01
CA LEU C 255 11.17 -24.65 -6.35
C LEU C 255 10.41 -23.35 -6.59
N VAL C 256 11.12 -22.21 -6.61
CA VAL C 256 10.48 -20.95 -6.94
C VAL C 256 9.84 -21.01 -8.32
N ALA C 257 10.57 -21.57 -9.30
CA ALA C 257 10.02 -21.67 -10.66
C ALA C 257 8.78 -22.56 -10.69
N GLU C 258 8.81 -23.68 -9.98
CA GLU C 258 7.66 -24.58 -9.97
C GLU C 258 6.45 -23.93 -9.30
N LEU C 259 6.64 -23.38 -8.11
CA LEU C 259 5.54 -22.87 -7.31
C LEU C 259 5.28 -21.38 -7.49
N GLY C 260 6.11 -20.67 -8.25
CA GLY C 260 5.89 -19.25 -8.46
C GLY C 260 5.93 -18.43 -7.19
N VAL C 261 6.64 -18.88 -6.17
CA VAL C 261 6.65 -18.22 -4.87
C VAL C 261 7.65 -17.06 -4.91
N ALA C 262 7.29 -15.96 -4.28
CA ALA C 262 8.14 -14.79 -4.12
C ALA C 262 8.40 -14.58 -2.64
N PRO C 263 9.42 -13.79 -2.30
CA PRO C 263 9.71 -13.53 -0.88
C PRO C 263 8.57 -12.78 -0.19
N ASP C 264 8.50 -13.02 1.12
CA ASP C 264 7.50 -12.54 2.06
C ASP C 264 6.17 -13.27 1.97
N ALA C 265 6.06 -14.34 1.15
CA ALA C 265 4.84 -15.15 1.03
C ALA C 265 4.66 -16.06 2.25
N VAL C 267 4.33 -19.23 4.60
CA VAL C 267 4.69 -20.56 5.06
C VAL C 267 3.96 -20.95 6.35
N GLU C 268 3.12 -21.98 6.28
CA GLU C 268 2.48 -22.55 7.46
C GLU C 268 2.93 -24.00 7.60
N VAL C 269 3.41 -24.33 8.79
CA VAL C 269 3.88 -25.67 9.12
C VAL C 269 2.84 -26.31 10.02
N HIS C 270 2.19 -27.36 9.54
CA HIS C 270 1.09 -28.00 10.26
C HIS C 270 1.65 -29.01 11.26
N LEU C 271 1.22 -28.88 12.51
CA LEU C 271 1.67 -29.77 13.57
C LEU C 271 0.49 -30.46 14.24
N ALA D 5 -55.58 13.83 2.20
CA ALA D 5 -56.16 14.60 3.30
C ALA D 5 -55.15 14.99 4.40
N PRO D 6 -54.52 14.01 5.06
CA PRO D 6 -53.82 14.32 6.31
C PRO D 6 -52.64 15.25 6.07
N ARG D 7 -52.36 16.09 7.06
CA ARG D 7 -51.23 16.99 6.98
C ARG D 7 -49.92 16.22 7.01
N VAL D 8 -48.89 16.83 6.43
CA VAL D 8 -47.54 16.32 6.58
C VAL D 8 -47.02 16.74 7.96
N VAL D 9 -46.42 15.79 8.68
CA VAL D 9 -45.85 16.05 9.99
C VAL D 9 -44.35 16.23 9.85
N ALA D 10 -43.85 17.39 10.23
CA ALA D 10 -42.42 17.66 10.28
C ALA D 10 -41.95 17.53 11.73
N PHE D 11 -40.87 16.77 11.94
CA PHE D 11 -40.59 16.19 13.25
C PHE D 11 -39.19 16.59 13.72
N LEU D 12 -39.11 17.26 14.87
CA LEU D 12 -37.83 17.66 15.45
C LEU D 12 -37.82 17.33 16.94
N SER D 13 -36.67 16.90 17.45
CA SER D 13 -36.52 16.60 18.87
C SER D 13 -35.04 16.52 19.20
N ASP D 14 -34.74 16.36 20.50
CA ASP D 14 -33.39 16.13 20.98
C ASP D 14 -33.21 14.69 21.47
N VAL D 15 -34.11 13.79 21.07
CA VAL D 15 -34.10 12.42 21.59
C VAL D 15 -33.12 11.53 20.83
N GLY D 16 -32.95 11.75 19.53
CA GLY D 16 -31.89 11.09 18.78
C GLY D 16 -32.42 10.03 17.82
N THR D 17 -31.47 9.32 17.22
CA THR D 17 -31.76 8.24 16.28
C THR D 17 -31.05 6.95 16.65
N HIS D 18 -30.42 6.90 17.81
CA HIS D 18 -29.58 5.78 18.23
C HIS D 18 -30.36 4.63 18.82
N ASP D 19 -31.67 4.76 18.98
CA ASP D 19 -32.50 3.69 19.53
C ASP D 19 -33.93 3.88 19.03
N GLU D 20 -34.88 3.22 19.69
CA GLU D 20 -36.24 3.06 19.19
C GLU D 20 -37.15 4.26 19.45
N ALA D 21 -36.73 5.23 20.28
CA ALA D 21 -37.67 6.20 20.84
C ALA D 21 -38.37 7.01 19.75
N THR D 22 -37.60 7.62 18.84
CA THR D 22 -38.21 8.39 17.75
C THR D 22 -39.09 7.49 16.90
N GLY D 23 -38.65 6.25 16.65
CA GLY D 23 -39.46 5.31 15.89
C GLY D 23 -40.78 5.01 16.57
N LEU D 24 -40.76 4.90 17.91
CA LEU D 24 -42.01 4.67 18.64
C LEU D 24 -42.94 5.87 18.54
N CYS D 25 -42.38 7.08 18.58
CA CYS D 25 -43.21 8.27 18.36
C CYS D 25 -43.86 8.23 16.98
N LYS D 26 -43.08 7.88 15.95
CA LYS D 26 -43.62 7.82 14.60
C LYS D 26 -44.70 6.74 14.49
N GLY D 27 -44.48 5.59 15.11
CA GLY D 27 -45.50 4.55 15.12
C GLY D 27 -46.78 5.02 15.79
N LEU D 28 -46.65 5.73 16.90
CA LEU D 28 -47.83 6.30 17.57
C LEU D 28 -48.57 7.25 16.65
N MET D 29 -47.81 8.11 15.95
CA MET D 29 -48.44 9.05 15.02
C MET D 29 -49.19 8.31 13.92
N SER D 30 -48.58 7.27 13.36
CA SER D 30 -49.25 6.49 12.32
C SER D 30 -50.45 5.73 12.86
N ARG D 31 -50.41 5.34 14.13
CA ARG D 31 -51.59 4.76 14.78
C ARG D 31 -52.72 5.77 14.84
N ILE D 32 -52.42 7.00 15.26
CA ILE D 32 -53.45 8.02 15.38
C ILE D 32 -53.92 8.48 14.00
N CYS D 33 -52.97 8.71 13.09
CA CYS D 33 -53.26 9.21 11.75
C CYS D 33 -52.72 8.24 10.72
N PRO D 34 -53.52 7.24 10.32
CA PRO D 34 -53.06 6.30 9.28
C PRO D 34 -52.77 7.03 7.97
N GLY D 35 -51.70 6.59 7.30
CA GLY D 35 -51.32 7.18 6.05
C GLY D 35 -50.61 8.52 6.17
N VAL D 36 -50.16 8.89 7.37
CA VAL D 36 -49.51 10.17 7.58
C VAL D 36 -48.08 10.11 7.06
N THR D 37 -47.61 11.23 6.52
CA THR D 37 -46.23 11.38 6.08
C THR D 37 -45.45 12.12 7.16
N ILE D 38 -44.37 11.51 7.64
CA ILE D 38 -43.53 12.10 8.66
C ILE D 38 -42.16 12.36 8.05
N ILE D 39 -41.79 13.64 7.97
CA ILE D 39 -40.47 14.06 7.51
C ILE D 39 -39.68 14.52 8.72
N ASP D 40 -38.52 13.88 8.95
CA ASP D 40 -37.66 14.31 10.04
C ASP D 40 -36.93 15.58 9.63
N ILE D 41 -36.99 16.59 10.50
CA ILE D 41 -36.21 17.80 10.34
C ILE D 41 -34.84 17.49 10.94
N THR D 42 -34.82 17.16 12.23
CA THR D 42 -33.68 16.50 12.85
C THR D 42 -34.08 16.04 14.24
N HIS D 43 -33.36 15.02 14.72
CA HIS D 43 -33.50 14.59 16.11
C HIS D 43 -32.16 14.63 16.82
N GLN D 44 -31.20 15.37 16.26
CA GLN D 44 -29.87 15.53 16.81
C GLN D 44 -29.67 16.87 17.51
N VAL D 45 -30.76 17.53 17.88
CA VAL D 45 -30.66 18.71 18.74
C VAL D 45 -29.88 18.28 19.97
N PRO D 46 -28.87 19.04 20.41
CA PRO D 46 -28.21 18.71 21.67
C PRO D 46 -29.23 18.62 22.79
N ALA D 47 -29.04 17.65 23.66
CA ALA D 47 -29.91 17.48 24.82
C ALA D 47 -30.09 18.80 25.59
N PHE D 48 -31.35 19.04 25.99
CA PHE D 48 -31.98 20.11 26.77
C PHE D 48 -31.89 21.45 26.04
N ASP D 49 -31.41 21.51 24.80
CA ASP D 49 -31.02 22.77 24.15
C ASP D 49 -32.21 23.36 23.37
N VAL D 50 -33.02 24.17 24.07
CA VAL D 50 -34.20 24.78 23.45
C VAL D 50 -33.80 25.84 22.42
N VAL D 51 -32.77 26.63 22.72
CA VAL D 51 -32.35 27.71 21.81
C VAL D 51 -31.88 27.14 20.49
N GLU D 52 -31.09 26.07 20.53
CA GLU D 52 -30.62 25.44 19.31
C GLU D 52 -31.78 24.96 18.44
N GLY D 53 -32.76 24.31 19.07
CA GLY D 53 -33.92 23.85 18.32
C GLY D 53 -34.73 24.99 17.74
N ALA D 54 -34.88 26.08 18.50
CA ALA D 54 -35.59 27.25 17.98
C ALA D 54 -34.88 27.81 16.75
N LEU D 55 -33.56 27.88 16.79
CA LEU D 55 -32.82 28.29 15.61
C LEU D 55 -33.04 27.33 14.45
N MET D 56 -33.07 26.03 14.72
CA MET D 56 -33.25 25.05 13.64
C MET D 56 -34.66 25.11 13.05
N LEU D 57 -35.66 25.59 13.80
CA LEU D 57 -37.05 25.59 13.34
C LEU D 57 -37.47 26.85 12.60
N GLU D 58 -36.59 27.85 12.47
CA GLU D 58 -36.98 29.14 11.92
C GLU D 58 -37.50 29.03 10.50
N ASP D 59 -36.75 28.37 9.62
CA ASP D 59 -37.10 28.27 8.21
C ASP D 59 -38.11 27.18 7.92
N VAL D 60 -38.38 26.29 8.88
CA VAL D 60 -39.27 25.15 8.65
C VAL D 60 -40.63 25.60 8.13
N PRO D 61 -41.27 26.64 8.69
CA PRO D 61 -42.56 27.07 8.12
C PRO D 61 -42.50 27.47 6.66
N GLU D 62 -41.43 28.15 6.23
CA GLU D 62 -41.35 28.60 4.85
C GLU D 62 -41.30 27.42 3.88
N PHE D 63 -40.48 26.43 4.20
CA PHE D 63 -40.17 25.39 3.24
C PHE D 63 -41.05 24.16 3.41
N PHE D 64 -42.13 24.27 4.16
CA PHE D 64 -43.08 23.17 4.19
C PHE D 64 -44.44 23.63 3.70
N PRO D 65 -45.27 22.72 3.20
CA PRO D 65 -46.59 23.12 2.71
C PRO D 65 -47.43 23.72 3.82
N GLU D 66 -48.53 24.36 3.42
CA GLU D 66 -49.45 24.90 4.41
C GLU D 66 -50.18 23.78 5.15
N HIS D 67 -50.40 22.65 4.48
CA HIS D 67 -51.08 21.51 5.09
C HIS D 67 -50.08 20.68 5.90
N THR D 68 -49.56 21.29 6.96
CA THR D 68 -48.46 20.75 7.72
C THR D 68 -48.72 20.88 9.22
N VAL D 69 -48.23 19.91 9.97
CA VAL D 69 -48.02 20.03 11.41
C VAL D 69 -46.51 19.94 11.67
N ILE D 70 -45.97 20.97 12.30
CA ILE D 70 -44.58 20.97 12.76
C ILE D 70 -44.57 20.45 14.18
N CYS D 71 -44.09 19.23 14.36
CA CYS D 71 -44.02 18.59 15.67
C CYS D 71 -42.60 18.71 16.19
N ALA D 72 -42.43 19.44 17.28
CA ALA D 72 -41.08 19.64 17.82
C ALA D 72 -41.14 19.51 19.33
N TYR D 73 -40.19 18.76 19.90
CA TYR D 73 -40.12 18.71 21.36
C TYR D 73 -38.67 18.64 21.82
N VAL D 74 -38.27 19.66 22.56
CA VAL D 74 -37.09 19.64 23.42
C VAL D 74 -37.63 20.02 24.80
N TYR D 75 -37.67 19.05 25.72
CA TYR D 75 -38.59 19.07 26.85
C TYR D 75 -37.92 18.62 28.14
N PRO D 76 -36.94 19.38 28.64
CA PRO D 76 -36.44 19.09 30.00
C PRO D 76 -37.46 19.39 31.08
N GLU D 77 -38.58 20.04 30.73
CA GLU D 77 -39.67 20.31 31.65
C GLU D 77 -40.79 19.28 31.57
N THR D 78 -40.55 18.14 30.91
CA THR D 78 -41.61 17.16 30.69
C THR D 78 -42.15 16.64 32.02
N GLY D 79 -43.47 16.46 32.08
CA GLY D 79 -44.09 15.99 33.30
C GLY D 79 -44.07 16.98 34.45
N SER D 80 -44.07 18.28 34.13
CA SER D 80 -44.09 19.33 35.15
C SER D 80 -45.25 20.28 34.85
N GLY D 81 -45.26 21.43 35.52
CA GLY D 81 -46.28 22.43 35.22
C GLY D 81 -46.21 23.01 33.83
N THR D 82 -45.09 22.80 33.11
CA THR D 82 -44.87 23.37 31.79
C THR D 82 -45.72 22.65 30.75
N PRO D 83 -46.77 23.28 30.23
CA PRO D 83 -47.69 22.60 29.31
C PRO D 83 -47.12 22.45 27.90
N THR D 84 -47.93 21.89 27.02
CA THR D 84 -47.65 21.85 25.59
C THR D 84 -48.59 22.82 24.88
N VAL D 85 -48.06 23.55 23.91
CA VAL D 85 -48.81 24.56 23.18
C VAL D 85 -48.95 24.12 21.73
N ALA D 86 -50.13 24.40 21.16
CA ALA D 86 -50.42 24.21 19.75
C ALA D 86 -50.79 25.54 19.13
N VAL D 87 -50.31 25.78 17.92
CA VAL D 87 -50.36 27.10 17.28
C VAL D 87 -50.77 26.93 15.83
N ARG D 88 -51.62 27.85 15.36
CA ARG D 88 -51.84 28.07 13.94
C ARG D 88 -51.20 29.40 13.56
N ASN D 89 -50.38 29.37 12.50
CA ASN D 89 -49.66 30.54 12.03
C ASN D 89 -50.39 31.18 10.85
N ASP D 90 -49.82 32.27 10.33
CA ASP D 90 -50.46 33.00 9.25
C ASP D 90 -50.42 32.22 7.94
N LYS D 91 -49.42 31.35 7.77
CA LYS D 91 -49.40 30.44 6.63
C LYS D 91 -50.48 29.37 6.71
N GLY D 92 -51.09 29.19 7.87
CA GLY D 92 -52.06 28.14 8.07
C GLY D 92 -51.48 26.80 8.46
N GLN D 93 -50.20 26.76 8.80
CA GLN D 93 -49.60 25.54 9.30
C GLN D 93 -49.84 25.41 10.79
N LEU D 94 -49.90 24.18 11.27
CA LEU D 94 -50.05 23.90 12.69
C LEU D 94 -48.69 23.58 13.28
N LEU D 95 -48.52 23.90 14.56
CA LEU D 95 -47.27 23.70 15.27
C LEU D 95 -47.59 23.17 16.65
N VAL D 96 -46.82 22.19 17.11
CA VAL D 96 -47.01 21.60 18.43
C VAL D 96 -45.66 21.47 19.09
N ALA D 97 -45.54 21.97 20.33
CA ALA D 97 -44.26 21.98 21.02
C ALA D 97 -44.51 22.31 22.49
N PRO D 98 -43.58 21.96 23.37
CA PRO D 98 -43.69 22.43 24.76
C PRO D 98 -43.63 23.95 24.82
N ASP D 99 -44.44 24.53 25.72
CA ASP D 99 -44.53 25.99 25.84
C ASP D 99 -43.34 26.53 26.64
N ASN D 100 -42.14 26.27 26.11
CA ASN D 100 -40.90 26.74 26.71
C ASN D 100 -40.13 27.65 25.76
N GLY D 101 -40.78 28.11 24.69
CA GLY D 101 -40.16 29.02 23.74
C GLY D 101 -39.53 28.36 22.53
N LEU D 102 -39.58 27.03 22.43
CA LEU D 102 -38.90 26.33 21.34
C LEU D 102 -39.40 26.79 19.97
N LEU D 103 -40.64 27.27 19.89
CA LEU D 103 -41.22 27.72 18.65
C LEU D 103 -40.96 29.20 18.36
N THR D 104 -40.02 29.82 19.08
CA THR D 104 -39.92 31.28 19.04
C THR D 104 -39.59 31.79 17.64
N ARG D 105 -38.47 31.33 17.06
CA ARG D 105 -38.06 31.85 15.77
C ARG D 105 -39.03 31.47 14.66
N ALA D 106 -39.55 30.23 14.70
CA ALA D 106 -40.53 29.81 13.71
C ALA D 106 -41.76 30.71 13.77
N LEU D 107 -42.22 31.01 14.98
CA LEU D 107 -43.37 31.89 15.13
C LEU D 107 -43.06 33.33 14.70
N ASP D 108 -41.84 33.82 14.96
CA ASP D 108 -41.51 35.18 14.49
C ASP D 108 -41.58 35.21 12.96
N ALA D 109 -41.12 34.14 12.31
CA ALA D 109 -41.12 34.10 10.85
C ALA D 109 -42.52 33.94 10.26
N SER D 110 -43.40 33.18 10.90
CA SER D 110 -44.70 32.87 10.31
C SER D 110 -45.91 33.41 11.07
N GLY D 111 -45.74 33.94 12.26
CA GLY D 111 -46.83 34.61 12.96
C GLY D 111 -47.65 33.66 13.83
N VAL D 112 -48.36 34.26 14.79
CA VAL D 112 -49.29 33.53 15.64
C VAL D 112 -50.69 34.01 15.28
N ALA D 113 -51.43 33.17 14.56
CA ALA D 113 -52.84 33.44 14.32
C ALA D 113 -53.72 32.88 15.43
N GLU D 114 -53.33 31.78 16.05
CA GLU D 114 -54.07 31.24 17.18
C GLU D 114 -53.15 30.33 17.98
N ALA D 115 -53.33 30.31 19.31
CA ALA D 115 -52.52 29.46 20.16
C ALA D 115 -53.35 28.97 21.33
N ARG D 116 -53.33 27.66 21.56
CA ARG D 116 -54.03 27.05 22.68
C ARG D 116 -53.09 26.13 23.45
N LEU D 117 -53.42 25.90 24.71
CA LEU D 117 -52.71 24.93 25.52
C LEU D 117 -53.32 23.55 25.31
N VAL D 118 -52.47 22.54 25.24
CA VAL D 118 -52.91 21.17 25.00
C VAL D 118 -53.27 20.57 26.35
N THR D 119 -54.58 20.48 26.62
CA THR D 119 -55.09 19.96 27.89
C THR D 119 -56.15 18.89 27.73
N ASN D 120 -56.67 18.67 26.53
CA ASN D 120 -57.76 17.73 26.32
C ASN D 120 -57.18 16.31 26.25
N PRO D 121 -57.61 15.41 27.14
CA PRO D 121 -57.04 14.05 27.11
C PRO D 121 -57.28 13.32 25.80
N ALA D 122 -58.30 13.70 25.04
CA ALA D 122 -58.63 12.99 23.82
C ALA D 122 -57.59 13.18 22.72
N VAL D 123 -56.73 14.20 22.80
CA VAL D 123 -55.64 14.38 21.85
C VAL D 123 -54.31 13.89 22.41
N MET D 124 -54.32 13.27 23.60
CA MET D 124 -53.13 12.76 24.25
C MET D 124 -53.09 11.25 24.13
N ASN D 125 -51.92 10.69 24.47
CA ASN D 125 -51.80 9.23 24.62
C ASN D 125 -52.14 8.92 26.07
N HIS D 126 -53.33 8.32 26.26
CA HIS D 126 -54.12 8.24 27.49
C HIS D 126 -53.34 8.04 28.78
N PRO D 127 -52.32 7.19 28.84
CA PRO D 127 -51.42 7.17 30.01
C PRO D 127 -50.19 8.01 29.78
N PRO D 128 -50.28 9.34 29.78
CA PRO D 128 -49.11 10.15 29.43
C PRO D 128 -48.01 9.97 30.46
N THR D 129 -46.87 9.47 30.00
CA THR D 129 -45.76 9.20 30.90
C THR D 129 -45.07 10.52 31.20
N PRO D 130 -44.92 10.89 32.48
CA PRO D 130 -44.37 12.21 32.78
C PRO D 130 -43.00 12.47 32.20
N THR D 131 -42.18 11.44 32.03
CA THR D 131 -40.85 11.60 31.48
C THR D 131 -40.83 11.66 29.95
N TRP D 132 -41.96 11.44 29.27
CA TRP D 132 -41.97 11.43 27.81
C TRP D 132 -43.20 12.12 27.24
N TYR D 133 -43.53 13.31 27.76
CA TYR D 133 -44.63 14.07 27.20
C TYR D 133 -44.44 14.32 25.71
N GLY D 134 -43.19 14.52 25.28
CA GLY D 134 -42.85 14.65 23.88
C GLY D 134 -43.54 13.62 23.01
N ARG D 135 -43.59 12.37 23.48
CA ARG D 135 -44.33 11.35 22.76
C ARG D 135 -45.82 11.42 23.06
N ASP D 136 -46.17 11.48 24.35
CA ASP D 136 -47.56 11.23 24.75
C ASP D 136 -48.44 12.47 24.67
N VAL D 137 -47.87 13.66 24.55
CA VAL D 137 -48.68 14.87 24.38
C VAL D 137 -48.35 15.53 23.04
N VAL D 138 -47.08 15.87 22.85
CA VAL D 138 -46.68 16.64 21.67
C VAL D 138 -46.92 15.83 20.39
N ALA D 139 -46.41 14.61 20.35
CA ALA D 139 -46.52 13.80 19.14
C ALA D 139 -47.96 13.36 18.90
N ALA D 140 -48.65 12.92 19.95
CA ALA D 140 -50.04 12.50 19.80
C ALA D 140 -50.93 13.65 19.36
N CYS D 141 -50.73 14.85 19.92
CA CYS D 141 -51.49 16.00 19.49
C CYS D 141 -51.18 16.38 18.04
N ALA D 142 -49.89 16.31 17.66
CA ALA D 142 -49.54 16.58 16.27
C ALA D 142 -50.24 15.61 15.33
N ALA D 143 -50.33 14.34 15.71
CA ALA D 143 -51.00 13.35 14.88
C ALA D 143 -52.51 13.59 14.83
N HIS D 144 -53.13 13.90 15.98
CA HIS D 144 -54.57 14.18 15.97
C HIS D 144 -54.90 15.40 15.13
N LEU D 145 -54.08 16.45 15.21
CA LEU D 145 -54.28 17.62 14.36
C LEU D 145 -54.09 17.27 12.89
N ALA D 146 -53.06 16.47 12.58
CA ALA D 146 -52.83 16.04 11.21
C ALA D 146 -54.01 15.23 10.68
N ALA D 147 -54.70 14.49 11.56
CA ALA D 147 -55.88 13.75 11.18
C ALA D 147 -57.11 14.64 10.97
N GLY D 148 -57.04 15.90 11.37
CA GLY D 148 -58.14 16.83 11.18
C GLY D 148 -58.92 17.18 12.43
N THR D 149 -58.36 16.95 13.61
CA THR D 149 -59.01 17.39 14.84
C THR D 149 -58.95 18.91 14.92
N PRO D 150 -60.07 19.60 15.16
CA PRO D 150 -60.03 21.07 15.25
C PRO D 150 -59.14 21.53 16.39
N LEU D 151 -58.32 22.55 16.10
CA LEU D 151 -57.40 23.08 17.11
C LEU D 151 -58.14 23.52 18.37
N ALA D 152 -59.38 24.03 18.20
CA ALA D 152 -60.16 24.49 19.34
C ALA D 152 -60.47 23.38 20.33
N ASP D 153 -60.48 22.13 19.89
CA ASP D 153 -60.70 21.00 20.78
C ASP D 153 -59.51 20.71 21.68
N VAL D 154 -58.38 21.35 21.43
CA VAL D 154 -57.13 20.97 22.09
C VAL D 154 -57.06 21.49 23.52
N GLY D 155 -57.69 22.63 23.80
CA GLY D 155 -57.62 23.24 25.10
C GLY D 155 -57.82 24.74 25.04
N PRO D 156 -57.43 25.44 26.12
CA PRO D 156 -57.79 26.86 26.24
C PRO D 156 -56.88 27.80 25.48
N VAL D 157 -57.49 28.85 24.94
CA VAL D 157 -56.73 29.93 24.30
C VAL D 157 -55.73 30.50 25.29
N VAL D 158 -54.51 30.76 24.81
CA VAL D 158 -53.50 31.50 25.56
C VAL D 158 -53.00 32.63 24.65
N ASP D 159 -52.74 33.80 25.25
CA ASP D 159 -52.53 35.00 24.45
C ASP D 159 -51.27 34.91 23.60
N ASP D 160 -50.15 34.51 24.21
CA ASP D 160 -48.91 34.41 23.48
C ASP D 160 -48.14 33.18 23.97
N PRO D 161 -47.64 32.35 23.06
CA PRO D 161 -46.70 31.30 23.47
C PRO D 161 -45.48 31.92 24.15
N VAL D 162 -44.94 31.19 25.12
CA VAL D 162 -43.71 31.63 25.76
C VAL D 162 -42.64 31.86 24.71
N ARG D 163 -41.84 32.92 24.88
CA ARG D 163 -40.90 33.35 23.87
C ARG D 163 -39.49 33.40 24.45
N LEU D 164 -38.52 32.95 23.65
CA LEU D 164 -37.12 33.07 24.01
C LEU D 164 -36.65 34.51 23.87
N PRO D 165 -35.68 34.93 24.68
CA PRO D 165 -35.10 36.26 24.50
C PRO D 165 -34.02 36.25 23.43
N ASP D 166 -33.75 37.43 22.89
CA ASP D 166 -32.71 37.60 21.90
C ASP D 166 -31.80 38.75 22.32
N VAL D 167 -30.50 38.55 22.16
CA VAL D 167 -29.53 39.64 22.21
C VAL D 167 -29.12 39.95 20.77
N PRO D 168 -29.80 40.89 20.09
CA PRO D 168 -29.49 41.17 18.69
C PRO D 168 -28.11 41.77 18.49
N PHE D 169 -27.76 42.04 17.23
CA PHE D 169 -26.52 42.71 16.92
C PHE D 169 -26.67 44.22 17.14
N THR D 170 -25.53 44.87 17.40
CA THR D 170 -25.49 46.30 17.65
C THR D 170 -24.57 47.00 16.64
N ARG D 171 -24.76 48.29 16.43
CA ARG D 171 -23.78 49.04 15.66
C ARG D 171 -22.82 49.80 16.59
N HIS D 172 -21.52 49.77 16.26
CA HIS D 172 -20.52 50.50 17.04
C HIS D 172 -20.30 51.91 16.48
N LEU D 176 -20.33 47.39 14.08
CA LEU D 176 -21.17 46.20 14.10
C LEU D 176 -20.56 45.11 14.96
N VAL D 177 -21.23 44.78 16.06
CA VAL D 177 -20.81 43.71 16.96
C VAL D 177 -21.97 42.75 17.13
N GLY D 178 -21.77 41.49 16.79
CA GLY D 178 -22.74 40.44 17.02
C GLY D 178 -22.08 39.19 17.55
N ARG D 179 -22.67 38.03 17.27
CA ARG D 179 -22.13 36.78 17.77
C ARG D 179 -22.21 35.72 16.70
N VAL D 180 -21.42 34.67 16.88
CA VAL D 180 -21.58 33.45 16.10
C VAL D 180 -22.83 32.75 16.60
N ALA D 181 -23.88 32.72 15.77
CA ALA D 181 -25.13 32.10 16.18
C ALA D 181 -25.05 30.58 16.11
N ARG D 182 -24.69 30.05 14.95
CA ARG D 182 -24.61 28.62 14.73
C ARG D 182 -23.35 28.32 13.92
N ILE D 183 -22.90 27.07 14.01
CA ILE D 183 -21.80 26.57 13.19
C ILE D 183 -22.34 25.44 12.33
N ASP D 184 -21.97 25.46 11.04
CA ASP D 184 -22.33 24.38 10.13
C ASP D 184 -21.48 23.17 10.50
N ARG D 185 -22.08 22.21 11.21
CA ARG D 185 -21.31 21.11 11.78
C ARG D 185 -20.89 20.09 10.73
N ALA D 186 -21.50 20.10 9.55
CA ALA D 186 -21.01 19.24 8.47
C ALA D 186 -19.76 19.80 7.81
N PHE D 187 -19.60 21.12 7.82
CA PHE D 187 -18.59 21.80 7.01
C PHE D 187 -17.66 22.71 7.78
N GLY D 188 -18.03 23.16 8.98
CA GLY D 188 -17.22 24.09 9.72
C GLY D 188 -17.46 25.55 9.41
N ASN D 189 -18.52 25.86 8.66
CA ASN D 189 -18.85 27.24 8.35
C ASN D 189 -19.41 27.95 9.57
N VAL D 190 -19.16 29.25 9.66
CA VAL D 190 -19.50 30.05 10.83
C VAL D 190 -20.59 31.04 10.44
N TRP D 191 -21.69 31.03 11.18
CA TRP D 191 -22.82 31.93 10.94
C TRP D 191 -22.92 32.94 12.08
N THR D 192 -23.25 34.18 11.72
CA THR D 192 -23.47 35.24 12.69
C THR D 192 -24.93 35.67 12.70
N ASN D 193 -25.28 36.50 13.67
CA ASN D 193 -26.61 37.10 13.72
C ASN D 193 -26.68 38.43 12.99
N ILE D 194 -25.57 38.90 12.43
CA ILE D 194 -25.56 40.16 11.69
C ILE D 194 -26.14 39.93 10.30
N PRO D 195 -27.26 40.57 9.96
CA PRO D 195 -27.75 40.49 8.58
C PRO D 195 -26.78 41.16 7.63
N SER D 196 -26.62 40.56 6.45
CA SER D 196 -25.67 41.10 5.47
C SER D 196 -26.11 42.48 4.99
N ALA D 197 -27.42 42.70 4.89
CA ALA D 197 -27.95 44.00 4.49
C ALA D 197 -27.54 45.12 5.44
N ALA D 198 -27.01 44.79 6.62
CA ALA D 198 -26.46 45.80 7.51
C ALA D 198 -25.09 46.28 7.04
N LEU D 199 -24.53 45.60 6.05
CA LEU D 199 -23.17 45.79 5.60
C LEU D 199 -23.22 46.53 4.27
N GLY D 200 -22.07 46.71 3.64
CA GLY D 200 -22.06 47.41 2.37
C GLY D 200 -20.76 48.11 2.04
N VAL D 209 -14.74 44.11 -3.17
CA VAL D 209 -15.37 44.30 -1.87
C VAL D 209 -14.78 43.34 -0.84
N THR D 210 -14.50 43.85 0.35
CA THR D 210 -13.89 43.07 1.41
C THR D 210 -14.40 43.55 2.77
N LEU D 211 -14.21 42.70 3.77
CA LEU D 211 -14.70 42.94 5.12
C LEU D 211 -13.53 42.92 6.09
N ASP D 212 -13.44 43.94 6.94
CA ASP D 212 -12.55 43.92 8.09
C ASP D 212 -13.34 43.40 9.28
N ALA D 213 -12.95 42.23 9.81
CA ALA D 213 -13.78 41.58 10.81
C ALA D 213 -12.93 40.79 11.79
N THR D 214 -13.47 40.65 13.00
CA THR D 214 -12.87 39.87 14.08
C THR D 214 -13.76 38.66 14.35
N VAL D 215 -13.18 37.47 14.26
CA VAL D 215 -13.91 36.22 14.49
C VAL D 215 -13.01 35.21 15.18
N ALA D 220 -9.08 39.89 10.63
CA ALA D 220 -8.54 39.68 9.29
C ALA D 220 -9.38 40.37 8.21
N ARG D 221 -8.77 40.52 7.00
CA ARG D 221 -9.51 40.88 5.81
C ARG D 221 -10.14 39.64 5.19
N TRP D 222 -11.45 39.69 4.97
CA TRP D 222 -12.22 38.58 4.41
C TRP D 222 -12.79 39.01 3.07
N PRO D 223 -12.43 38.36 1.96
CA PRO D 223 -13.07 38.67 0.68
C PRO D 223 -14.55 38.37 0.75
N TRP D 224 -15.37 39.30 0.27
CA TRP D 224 -16.81 39.13 0.23
C TRP D 224 -17.17 38.41 -1.06
N CYS D 225 -17.81 37.25 -0.94
CA CYS D 225 -17.96 36.34 -2.06
C CYS D 225 -19.42 35.94 -2.27
N THR D 226 -19.75 35.62 -3.52
CA THR D 226 -21.03 35.00 -3.83
C THR D 226 -21.11 33.59 -3.26
N THR D 227 -20.03 32.81 -3.38
CA THR D 227 -20.05 31.41 -2.98
C THR D 227 -18.62 30.98 -2.64
N PHE D 228 -18.51 29.73 -2.19
CA PHE D 228 -17.26 29.24 -1.61
C PHE D 228 -16.12 29.22 -2.63
N SER D 229 -16.42 28.86 -3.87
CA SER D 229 -15.39 28.58 -4.86
C SER D 229 -14.83 29.83 -5.55
N GLN D 230 -15.10 31.03 -5.04
CA GLN D 230 -14.48 32.23 -5.58
C GLN D 230 -13.17 32.57 -4.91
N VAL D 231 -12.68 31.69 -4.03
CA VAL D 231 -11.42 31.87 -3.34
C VAL D 231 -10.67 30.54 -3.43
N ALA D 232 -9.34 30.61 -3.39
CA ALA D 232 -8.51 29.42 -3.48
C ALA D 232 -8.91 28.39 -2.42
N THR D 233 -8.56 27.14 -2.68
CA THR D 233 -8.85 26.08 -1.72
C THR D 233 -8.12 26.35 -0.42
N THR D 234 -8.84 26.22 0.70
CA THR D 234 -8.46 26.55 2.08
C THR D 234 -8.53 28.05 2.34
N GLY D 235 -8.93 28.87 1.37
CA GLY D 235 -8.94 30.30 1.59
C GLY D 235 -10.16 30.77 2.36
N ARG D 236 -9.97 31.87 3.09
CA ARG D 236 -11.04 32.46 3.89
C ARG D 236 -11.97 33.28 3.00
N LEU D 237 -13.23 33.39 3.43
CA LEU D 237 -14.21 34.09 2.64
C LEU D 237 -15.39 34.51 3.53
N ALA D 238 -16.00 35.64 3.17
CA ALA D 238 -17.19 36.14 3.83
C ALA D 238 -18.33 36.19 2.83
N TYR D 239 -19.55 35.93 3.31
CA TYR D 239 -20.68 35.82 2.40
C TYR D 239 -21.98 35.95 3.18
N ALA D 240 -23.08 35.98 2.46
CA ALA D 240 -24.42 35.92 3.06
C ALA D 240 -24.95 34.51 2.88
N ASN D 241 -25.27 33.84 3.99
CA ASN D 241 -25.70 32.45 3.90
C ASN D 241 -27.11 32.38 3.33
N SER D 242 -27.66 31.15 3.30
CA SER D 242 -28.97 30.92 2.71
C SER D 242 -30.05 31.78 3.37
N ARG D 243 -29.90 32.08 4.65
CA ARG D 243 -30.89 32.86 5.37
C ARG D 243 -30.65 34.36 5.30
N GLY D 244 -29.52 34.80 4.75
CA GLY D 244 -29.24 36.21 4.60
C GLY D 244 -28.33 36.81 5.66
N ARG D 245 -27.73 36.01 6.51
CA ARG D 245 -26.90 36.49 7.61
C ARG D 245 -25.43 36.33 7.28
N LEU D 246 -24.62 37.29 7.71
CA LEU D 246 -23.19 37.27 7.44
C LEU D 246 -22.55 36.00 7.98
N SER D 247 -21.72 35.36 7.15
CA SER D 247 -21.09 34.11 7.49
C SER D 247 -19.66 34.11 6.98
N PHE D 248 -18.83 33.32 7.66
CA PHE D 248 -17.42 33.19 7.34
C PHE D 248 -17.11 31.71 7.08
N ALA D 249 -16.18 31.46 6.16
CA ALA D 249 -15.91 30.09 5.77
C ALA D 249 -14.52 29.95 5.20
N LEU D 250 -14.07 28.71 5.11
CA LEU D 250 -12.89 28.33 4.33
C LEU D 250 -13.34 27.47 3.16
N ASN D 251 -12.85 27.79 1.97
CA ASN D 251 -13.21 27.02 0.80
C ASN D 251 -12.65 25.60 0.90
N ARG D 252 -13.57 24.61 0.92
CA ARG D 252 -13.22 23.21 1.12
C ARG D 252 -12.40 23.02 2.40
N GLY D 253 -12.88 23.62 3.48
CA GLY D 253 -12.24 23.49 4.78
C GLY D 253 -13.18 23.90 5.89
N SER D 254 -12.77 23.61 7.12
CA SER D 254 -13.56 23.90 8.31
C SER D 254 -12.98 25.12 9.00
N LEU D 255 -13.72 26.24 8.93
CA LEU D 255 -13.28 27.45 9.63
C LEU D 255 -13.34 27.27 11.13
N VAL D 256 -14.35 26.54 11.63
CA VAL D 256 -14.40 26.22 13.05
C VAL D 256 -13.16 25.47 13.48
N ALA D 257 -12.74 24.48 12.69
CA ALA D 257 -11.55 23.70 13.04
C ALA D 257 -10.31 24.58 13.06
N GLU D 258 -10.16 25.48 12.09
CA GLU D 258 -8.99 26.35 12.04
C GLU D 258 -8.97 27.31 13.21
N LEU D 259 -10.07 28.00 13.46
CA LEU D 259 -10.13 29.07 14.44
C LEU D 259 -10.64 28.61 15.81
N GLY D 260 -11.06 27.36 15.95
CA GLY D 260 -11.53 26.88 17.24
C GLY D 260 -12.72 27.64 17.78
N VAL D 261 -13.53 28.22 16.91
CA VAL D 261 -14.66 29.05 17.33
C VAL D 261 -15.85 28.17 17.68
N ALA D 262 -16.56 28.52 18.74
CA ALA D 262 -17.80 27.83 19.03
C ALA D 262 -18.94 28.85 19.10
N PRO D 263 -20.18 28.38 19.05
CA PRO D 263 -21.32 29.29 18.98
C PRO D 263 -21.41 30.20 20.19
N ASP D 264 -22.00 31.37 19.97
CA ASP D 264 -22.18 32.50 20.88
C ASP D 264 -20.91 33.33 21.05
N ALA D 265 -19.85 33.05 20.31
CA ALA D 265 -18.61 33.81 20.39
C ALA D 265 -18.74 35.16 19.67
N PRO D 266 -18.01 36.19 20.11
CA PRO D 266 -18.27 37.52 19.58
C PRO D 266 -17.68 37.69 18.20
N VAL D 267 -18.33 38.55 17.42
CA VAL D 267 -17.91 38.85 16.07
C VAL D 267 -18.00 40.36 15.92
N GLU D 268 -16.98 40.96 15.34
CA GLU D 268 -16.96 42.40 15.14
C GLU D 268 -16.73 42.71 13.66
N VAL D 269 -17.61 43.52 13.08
CA VAL D 269 -17.44 43.98 11.71
C VAL D 269 -16.98 45.44 11.78
N HIS D 270 -15.71 45.66 11.48
CA HIS D 270 -15.06 46.95 11.65
C HIS D 270 -15.43 47.90 10.52
N LEU D 271 -16.02 49.04 10.88
CA LEU D 271 -16.35 50.08 9.91
C LEU D 271 -15.82 51.43 10.36
N PRO E 6 -51.23 -1.61 1.96
CA PRO E 6 -49.99 -2.25 2.41
C PRO E 6 -49.68 -1.92 3.86
N ARG E 7 -49.06 -2.88 4.54
CA ARG E 7 -48.65 -2.68 5.92
C ARG E 7 -47.56 -1.62 6.01
N VAL E 8 -47.49 -0.99 7.17
CA VAL E 8 -46.35 -0.12 7.48
C VAL E 8 -45.18 -1.00 7.89
N VAL E 9 -44.00 -0.72 7.34
CA VAL E 9 -42.80 -1.47 7.66
C VAL E 9 -41.98 -0.65 8.65
N ALA E 10 -41.74 -1.23 9.82
CA ALA E 10 -40.86 -0.65 10.83
C ALA E 10 -39.50 -1.34 10.76
N PHE E 11 -38.44 -0.55 10.70
CA PHE E 11 -37.15 -1.02 10.18
C PHE E 11 -36.04 -0.81 11.20
N LEU E 12 -35.38 -1.89 11.61
CA LEU E 12 -34.27 -1.81 12.56
C LEU E 12 -33.12 -2.68 12.06
N SER E 13 -31.89 -2.21 12.27
CA SER E 13 -30.71 -2.97 11.88
C SER E 13 -29.50 -2.38 12.59
N ASP E 14 -28.35 -3.04 12.41
CA ASP E 14 -27.06 -2.55 12.90
C ASP E 14 -26.17 -2.08 11.75
N VAL E 15 -26.76 -1.84 10.58
CA VAL E 15 -25.98 -1.51 9.38
C VAL E 15 -25.61 -0.04 9.33
N GLY E 16 -26.47 0.85 9.80
CA GLY E 16 -26.13 2.24 9.97
C GLY E 16 -26.82 3.15 8.96
N THR E 17 -26.43 4.42 9.00
CA THR E 17 -26.95 5.45 8.12
C THR E 17 -25.84 6.21 7.39
N HIS E 18 -24.60 5.75 7.52
CA HIS E 18 -23.42 6.46 7.02
C HIS E 18 -23.16 6.21 5.53
N ASP E 19 -23.94 5.35 4.89
CA ASP E 19 -23.77 5.06 3.47
C ASP E 19 -25.10 4.55 2.92
N GLU E 20 -25.04 3.93 1.74
CA GLU E 20 -26.22 3.63 0.94
C GLU E 20 -26.98 2.38 1.37
N ALA E 21 -26.42 1.55 2.26
CA ALA E 21 -26.92 0.19 2.44
C ALA E 21 -28.39 0.17 2.88
N THR E 22 -28.72 0.90 3.96
CA THR E 22 -30.10 0.96 4.41
C THR E 22 -31.00 1.54 3.33
N GLY E 23 -30.52 2.55 2.62
CA GLY E 23 -31.29 3.10 1.51
C GLY E 23 -31.56 2.09 0.42
N LEU E 24 -30.58 1.23 0.12
CA LEU E 24 -30.80 0.18 -0.87
C LEU E 24 -31.83 -0.83 -0.38
N CYS E 25 -31.80 -1.16 0.90
CA CYS E 25 -32.86 -2.03 1.45
C CYS E 25 -34.23 -1.40 1.27
N LYS E 26 -34.35 -0.11 1.59
CA LYS E 26 -35.63 0.58 1.44
C LYS E 26 -36.09 0.61 -0.01
N GLY E 27 -35.16 0.87 -0.93
CA GLY E 27 -35.50 0.83 -2.34
C GLY E 27 -35.99 -0.53 -2.79
N LEU E 28 -35.33 -1.59 -2.30
CA LEU E 28 -35.79 -2.95 -2.60
C LEU E 28 -37.21 -3.17 -2.08
N MET E 29 -37.47 -2.71 -0.86
CA MET E 29 -38.81 -2.86 -0.29
C MET E 29 -39.85 -2.13 -1.13
N SER E 30 -39.53 -0.90 -1.56
CA SER E 30 -40.46 -0.15 -2.40
C SER E 30 -40.62 -0.78 -3.77
N ARG E 31 -39.58 -1.46 -4.27
CA ARG E 31 -39.71 -2.24 -5.49
C ARG E 31 -40.70 -3.37 -5.32
N ILE E 32 -40.58 -4.11 -4.22
CA ILE E 32 -41.47 -5.25 -3.97
C ILE E 32 -42.88 -4.75 -3.64
N CYS E 33 -42.98 -3.74 -2.78
CA CYS E 33 -44.27 -3.22 -2.31
C CYS E 33 -44.35 -1.74 -2.66
N PRO E 34 -44.83 -1.39 -3.85
CA PRO E 34 -45.00 0.04 -4.19
C PRO E 34 -45.95 0.74 -3.23
N GLY E 35 -45.59 1.98 -2.90
CA GLY E 35 -46.41 2.76 -1.98
C GLY E 35 -46.27 2.39 -0.52
N VAL E 36 -45.26 1.62 -0.17
CA VAL E 36 -45.07 1.18 1.20
C VAL E 36 -44.50 2.32 2.04
N THR E 37 -44.91 2.40 3.30
CA THR E 37 -44.38 3.35 4.25
C THR E 37 -43.34 2.65 5.12
N ILE E 38 -42.12 3.18 5.15
CA ILE E 38 -41.04 2.63 5.94
C ILE E 38 -40.66 3.65 7.01
N ILE E 39 -40.86 3.27 8.26
CA ILE E 39 -40.48 4.07 9.42
C ILE E 39 -39.25 3.42 10.04
N ASP E 40 -38.15 4.18 10.12
CA ASP E 40 -36.95 3.67 10.78
C ASP E 40 -37.16 3.71 12.29
N ILE E 41 -36.89 2.58 12.94
CA ILE E 41 -36.86 2.52 14.39
C ILE E 41 -35.47 2.97 14.79
N THR E 42 -34.45 2.25 14.33
CA THR E 42 -33.08 2.74 14.34
C THR E 42 -32.21 1.81 13.51
N HIS E 43 -31.11 2.34 13.00
CA HIS E 43 -30.10 1.53 12.35
C HIS E 43 -28.75 1.71 13.03
N GLN E 44 -28.75 2.25 14.25
CA GLN E 44 -27.54 2.49 15.03
C GLN E 44 -27.33 1.45 16.12
N VAL E 45 -27.97 0.29 16.00
CA VAL E 45 -27.66 -0.83 16.89
C VAL E 45 -26.16 -1.07 16.76
N PRO E 46 -25.43 -1.21 17.87
CA PRO E 46 -24.02 -1.57 17.77
C PRO E 46 -23.86 -2.84 16.96
N ALA E 47 -22.83 -2.87 16.13
CA ALA E 47 -22.53 -4.05 15.32
C ALA E 47 -22.50 -5.32 16.18
N PHE E 48 -23.10 -6.38 15.62
CA PHE E 48 -23.28 -7.77 16.01
C PHE E 48 -24.13 -7.89 17.28
N ASP E 49 -24.73 -6.81 17.79
CA ASP E 49 -25.31 -6.78 19.13
C ASP E 49 -26.79 -7.15 19.09
N VAL E 50 -27.08 -8.46 19.19
CA VAL E 50 -28.45 -8.95 19.13
C VAL E 50 -29.24 -8.55 20.38
N VAL E 51 -28.61 -8.60 21.55
CA VAL E 51 -29.29 -8.29 22.79
C VAL E 51 -29.76 -6.84 22.80
N GLU E 52 -28.89 -5.93 22.36
CA GLU E 52 -29.25 -4.52 22.30
C GLU E 52 -30.46 -4.30 21.41
N GLY E 53 -30.46 -4.93 20.23
CA GLY E 53 -31.59 -4.80 19.33
C GLY E 53 -32.87 -5.38 19.90
N ALA E 54 -32.76 -6.52 20.59
CA ALA E 54 -33.93 -7.11 21.23
C ALA E 54 -34.51 -6.18 22.28
N LEU E 55 -33.66 -5.53 23.06
CA LEU E 55 -34.14 -4.52 24.00
C LEU E 55 -34.81 -3.37 23.28
N MET E 56 -34.24 -2.93 22.15
CA MET E 56 -34.83 -1.80 21.43
C MET E 56 -36.17 -2.16 20.79
N LEU E 57 -36.42 -3.43 20.50
CA LEU E 57 -37.63 -3.85 19.80
C LEU E 57 -38.81 -4.18 20.72
N GLU E 58 -38.63 -4.11 22.04
CA GLU E 58 -39.66 -4.58 22.97
C GLU E 58 -40.97 -3.81 22.82
N ASP E 59 -40.90 -2.48 22.83
CA ASP E 59 -42.09 -1.65 22.77
C ASP E 59 -42.61 -1.43 21.37
N VAL E 60 -41.85 -1.80 20.35
CA VAL E 60 -42.24 -1.55 18.96
C VAL E 60 -43.62 -2.14 18.65
N PRO E 61 -43.94 -3.37 19.05
CA PRO E 61 -45.30 -3.87 18.78
C PRO E 61 -46.42 -3.02 19.36
N GLU E 62 -46.24 -2.50 20.59
CA GLU E 62 -47.30 -1.71 21.22
C GLU E 62 -47.59 -0.45 20.44
N PHE E 63 -46.54 0.26 20.04
CA PHE E 63 -46.70 1.60 19.51
C PHE E 63 -46.77 1.62 18.00
N PHE E 64 -46.98 0.49 17.35
CA PHE E 64 -47.22 0.50 15.93
C PHE E 64 -48.59 -0.10 15.62
N PRO E 65 -49.20 0.26 14.50
CA PRO E 65 -50.52 -0.29 14.17
C PRO E 65 -50.46 -1.81 14.03
N GLU E 66 -51.64 -2.42 14.00
CA GLU E 66 -51.69 -3.86 13.77
C GLU E 66 -51.31 -4.19 12.33
N HIS E 67 -51.58 -3.29 11.40
CA HIS E 67 -51.24 -3.51 9.99
C HIS E 67 -49.79 -3.14 9.73
N THR E 68 -48.89 -3.90 10.36
CA THR E 68 -47.48 -3.58 10.41
C THR E 68 -46.64 -4.82 10.13
N VAL E 69 -45.49 -4.60 9.49
CA VAL E 69 -44.39 -5.55 9.48
C VAL E 69 -43.21 -4.89 10.19
N ILE E 70 -42.71 -5.55 11.24
CA ILE E 70 -41.51 -5.14 11.95
C ILE E 70 -40.35 -5.87 11.29
N CYS E 71 -39.54 -5.13 10.53
CA CYS E 71 -38.38 -5.69 9.85
C CYS E 71 -37.13 -5.36 10.64
N ALA E 72 -36.48 -6.38 11.17
CA ALA E 72 -35.29 -6.15 12.00
C ALA E 72 -34.22 -7.16 11.62
N TYR E 73 -32.99 -6.68 11.45
CA TYR E 73 -31.90 -7.62 11.20
C TYR E 73 -30.62 -7.15 11.88
N VAL E 74 -30.15 -7.96 12.83
CA VAL E 74 -28.78 -7.93 13.33
C VAL E 74 -28.27 -9.35 13.11
N TYR E 75 -27.36 -9.52 12.16
CA TYR E 75 -27.17 -10.81 11.49
C TYR E 75 -25.69 -11.12 11.29
N PRO E 76 -24.93 -11.33 12.37
CA PRO E 76 -23.57 -11.87 12.19
C PRO E 76 -23.56 -13.30 11.69
N GLU E 77 -24.71 -13.97 11.66
CA GLU E 77 -24.85 -15.31 11.13
C GLU E 77 -25.33 -15.33 9.68
N THR E 78 -25.30 -14.19 8.99
CA THR E 78 -25.83 -14.12 7.64
C THR E 78 -25.09 -15.07 6.71
N GLY E 79 -25.83 -15.71 5.81
CA GLY E 79 -25.23 -16.66 4.89
C GLY E 79 -24.72 -17.92 5.53
N SER E 80 -25.33 -18.34 6.64
CA SER E 80 -24.95 -19.57 7.31
C SER E 80 -26.18 -20.45 7.49
N GLY E 81 -26.07 -21.48 8.33
CA GLY E 81 -27.23 -22.31 8.62
C GLY E 81 -28.34 -21.59 9.36
N THR E 82 -28.07 -20.41 9.92
CA THR E 82 -29.03 -19.65 10.72
C THR E 82 -30.09 -19.03 9.81
N PRO E 83 -31.31 -19.53 9.85
CA PRO E 83 -32.34 -19.03 8.92
C PRO E 83 -32.93 -17.69 9.34
N THR E 84 -33.91 -17.22 8.58
CA THR E 84 -34.72 -16.07 8.91
C THR E 84 -36.11 -16.56 9.30
N VAL E 85 -36.67 -15.97 10.35
CA VAL E 85 -37.98 -16.35 10.87
C VAL E 85 -38.95 -15.20 10.67
N ALA E 86 -40.19 -15.56 10.34
CA ALA E 86 -41.32 -14.65 10.23
C ALA E 86 -42.40 -15.08 11.21
N VAL E 87 -43.01 -14.10 11.87
CA VAL E 87 -43.88 -14.33 13.01
C VAL E 87 -45.14 -13.46 12.89
N ARG E 88 -46.27 -14.03 13.24
CA ARG E 88 -47.49 -13.28 13.52
C ARG E 88 -47.75 -13.32 15.02
N ASN E 89 -47.95 -12.15 15.62
CA ASN E 89 -48.17 -12.02 17.05
C ASN E 89 -49.66 -11.90 17.35
N ASP E 90 -49.99 -11.78 18.64
CA ASP E 90 -51.39 -11.73 19.05
C ASP E 90 -52.04 -10.42 18.65
N LYS E 91 -51.25 -9.35 18.51
CA LYS E 91 -51.78 -8.09 17.97
C LYS E 91 -52.09 -8.19 16.49
N GLY E 92 -51.62 -9.23 15.81
CA GLY E 92 -51.79 -9.37 14.38
C GLY E 92 -50.73 -8.68 13.55
N GLN E 93 -49.65 -8.20 14.17
CA GLN E 93 -48.55 -7.63 13.43
C GLN E 93 -47.61 -8.74 12.95
N LEU E 94 -46.95 -8.48 11.84
CA LEU E 94 -45.95 -9.41 11.31
C LEU E 94 -44.57 -8.94 11.71
N LEU E 95 -43.66 -9.90 11.86
CA LEU E 95 -42.29 -9.63 12.28
C LEU E 95 -41.37 -10.51 11.45
N VAL E 96 -40.26 -9.94 10.99
CA VAL E 96 -39.27 -10.66 10.20
C VAL E 96 -37.89 -10.34 10.75
N ALA E 97 -37.10 -11.38 11.02
CA ALA E 97 -35.79 -11.19 11.63
C ALA E 97 -35.02 -12.50 11.53
N PRO E 98 -33.69 -12.45 11.62
CA PRO E 98 -32.93 -13.70 11.72
C PRO E 98 -33.32 -14.46 12.99
N ASP E 99 -33.36 -15.79 12.87
CA ASP E 99 -33.78 -16.64 13.98
C ASP E 99 -32.62 -16.84 14.97
N ASN E 100 -32.14 -15.71 15.50
CA ASN E 100 -31.05 -15.70 16.48
C ASN E 100 -31.50 -15.09 17.80
N GLY E 101 -32.81 -14.92 18.00
CA GLY E 101 -33.35 -14.38 19.23
C GLY E 101 -33.60 -12.89 19.23
N LEU E 102 -33.30 -12.19 18.13
CA LEU E 102 -33.43 -10.73 18.12
C LEU E 102 -34.85 -10.27 18.43
N LEU E 103 -35.84 -11.11 18.13
CA LEU E 103 -37.24 -10.77 18.37
C LEU E 103 -37.71 -11.16 19.77
N THR E 104 -36.79 -11.47 20.70
CA THR E 104 -37.18 -12.11 21.95
C THR E 104 -38.12 -11.23 22.77
N ARG E 105 -37.66 -10.02 23.11
CA ARG E 105 -38.46 -9.15 23.97
C ARG E 105 -39.76 -8.71 23.29
N ALA E 106 -39.69 -8.40 22.00
CA ALA E 106 -40.89 -8.02 21.26
C ALA E 106 -41.91 -9.15 21.29
N LEU E 107 -41.45 -10.38 21.10
CA LEU E 107 -42.35 -11.53 21.15
C LEU E 107 -42.88 -11.77 22.56
N ASP E 108 -42.07 -11.55 23.61
CA ASP E 108 -42.60 -11.72 24.97
C ASP E 108 -43.72 -10.72 25.21
N ALA E 109 -43.56 -9.50 24.68
CA ALA E 109 -44.57 -8.46 24.87
C ALA E 109 -45.85 -8.71 24.07
N SER E 110 -45.73 -9.25 22.85
CA SER E 110 -46.89 -9.37 21.98
C SER E 110 -47.29 -10.79 21.62
N GLY E 111 -46.51 -11.80 21.97
CA GLY E 111 -46.91 -13.18 21.79
C GLY E 111 -46.54 -13.75 20.43
N VAL E 112 -46.51 -15.07 20.37
CA VAL E 112 -46.29 -15.81 19.12
C VAL E 112 -47.59 -16.52 18.79
N ALA E 113 -48.32 -16.00 17.81
CA ALA E 113 -49.48 -16.71 17.28
C ALA E 113 -49.10 -17.67 16.16
N GLU E 114 -48.07 -17.35 15.37
CA GLU E 114 -47.59 -18.26 14.35
C GLU E 114 -46.16 -17.89 13.99
N ALA E 115 -45.35 -18.88 13.67
CA ALA E 115 -43.96 -18.62 13.29
C ALA E 115 -43.53 -19.64 12.24
N ARG E 116 -42.96 -19.14 11.15
CA ARG E 116 -42.43 -19.98 10.08
C ARG E 116 -41.02 -19.56 9.73
N LEU E 117 -40.27 -20.50 9.17
CA LEU E 117 -38.95 -20.20 8.64
C LEU E 117 -39.07 -19.71 7.21
N VAL E 118 -38.27 -18.70 6.86
CA VAL E 118 -38.32 -18.10 5.53
C VAL E 118 -37.42 -18.94 4.63
N THR E 119 -38.04 -19.77 3.79
CA THR E 119 -37.32 -20.65 2.89
C THR E 119 -37.79 -20.58 1.45
N ASN E 120 -38.90 -19.91 1.17
CA ASN E 120 -39.47 -19.88 -0.18
C ASN E 120 -38.72 -18.83 -1.01
N PRO E 121 -38.09 -19.21 -2.12
CA PRO E 121 -37.34 -18.22 -2.91
C PRO E 121 -38.19 -17.09 -3.43
N ALA E 122 -39.51 -17.29 -3.55
CA ALA E 122 -40.36 -16.26 -4.13
C ALA E 122 -40.52 -15.04 -3.23
N VAL E 123 -40.22 -15.16 -1.93
CA VAL E 123 -40.24 -14.01 -1.02
C VAL E 123 -38.84 -13.46 -0.78
N MET E 124 -37.84 -13.98 -1.46
CA MET E 124 -36.45 -13.56 -1.32
C MET E 124 -36.05 -12.70 -2.52
N ASN E 125 -34.90 -12.05 -2.40
CA ASN E 125 -34.27 -11.37 -3.53
C ASN E 125 -33.37 -12.40 -4.22
N HIS E 126 -33.83 -12.87 -5.39
CA HIS E 126 -33.45 -14.09 -6.09
C HIS E 126 -31.97 -14.49 -6.02
N PRO E 127 -31.02 -13.56 -6.16
CA PRO E 127 -29.62 -13.89 -5.86
C PRO E 127 -29.23 -13.48 -4.45
N PRO E 128 -29.69 -14.20 -3.42
CA PRO E 128 -29.44 -13.74 -2.05
C PRO E 128 -27.95 -13.78 -1.75
N THR E 129 -27.38 -12.62 -1.44
CA THR E 129 -25.96 -12.53 -1.19
C THR E 129 -25.69 -13.02 0.21
N PRO E 130 -24.82 -14.00 0.40
CA PRO E 130 -24.64 -14.58 1.74
C PRO E 130 -24.25 -13.58 2.80
N THR E 131 -23.53 -12.52 2.45
CA THR E 131 -23.11 -11.52 3.40
C THR E 131 -24.19 -10.48 3.71
N TRP E 132 -25.33 -10.50 3.01
CA TRP E 132 -26.36 -9.48 3.22
C TRP E 132 -27.76 -10.08 3.19
N TYR E 133 -27.96 -11.19 3.89
CA TYR E 133 -29.30 -11.76 3.98
C TYR E 133 -30.30 -10.75 4.54
N GLY E 134 -29.85 -9.90 5.46
CA GLY E 134 -30.67 -8.81 5.97
C GLY E 134 -31.41 -8.06 4.90
N ARG E 135 -30.73 -7.80 3.77
CA ARG E 135 -31.41 -7.18 2.64
C ARG E 135 -32.18 -8.22 1.83
N ASP E 136 -31.52 -9.33 1.47
CA ASP E 136 -32.05 -10.21 0.43
C ASP E 136 -33.05 -11.23 0.96
N VAL E 137 -33.13 -11.43 2.28
CA VAL E 137 -34.13 -12.33 2.84
C VAL E 137 -35.06 -11.56 3.78
N VAL E 138 -34.48 -10.93 4.80
CA VAL E 138 -35.28 -10.28 5.83
C VAL E 138 -36.09 -9.13 5.24
N ALA E 139 -35.42 -8.22 4.53
CA ALA E 139 -36.11 -7.04 3.99
C ALA E 139 -37.07 -7.41 2.87
N ALA E 140 -36.64 -8.30 1.97
CA ALA E 140 -37.51 -8.71 0.87
C ALA E 140 -38.75 -9.45 1.39
N CYS E 141 -38.57 -10.32 2.39
CA CYS E 141 -39.72 -10.99 2.98
C CYS E 141 -40.65 -10.01 3.69
N ALA E 142 -40.08 -9.03 4.41
CA ALA E 142 -40.90 -8.01 5.05
C ALA E 142 -41.73 -7.26 4.02
N ALA E 143 -41.13 -6.95 2.87
CA ALA E 143 -41.85 -6.24 1.82
C ALA E 143 -42.93 -7.11 1.18
N HIS E 144 -42.62 -8.38 0.91
CA HIS E 144 -43.62 -9.28 0.34
C HIS E 144 -44.81 -9.46 1.29
N LEU E 145 -44.53 -9.62 2.59
CA LEU E 145 -45.61 -9.70 3.56
C LEU E 145 -46.42 -8.41 3.61
N ALA E 146 -45.73 -7.27 3.59
CA ALA E 146 -46.42 -5.98 3.58
C ALA E 146 -47.31 -5.83 2.35
N ALA E 147 -46.91 -6.44 1.23
CA ALA E 147 -47.72 -6.43 0.02
C ALA E 147 -48.92 -7.37 0.10
N GLY E 148 -48.98 -8.23 1.11
CA GLY E 148 -50.09 -9.14 1.27
C GLY E 148 -49.83 -10.59 0.94
N THR E 149 -48.56 -11.01 0.87
CA THR E 149 -48.26 -12.41 0.68
C THR E 149 -48.61 -13.19 1.94
N PRO E 150 -49.37 -14.28 1.84
CA PRO E 150 -49.73 -15.05 3.04
C PRO E 150 -48.49 -15.59 3.74
N LEU E 151 -48.47 -15.46 5.06
CA LEU E 151 -47.33 -15.94 5.85
C LEU E 151 -47.06 -17.42 5.60
N ALA E 152 -48.11 -18.20 5.36
CA ALA E 152 -47.97 -19.63 5.12
C ALA E 152 -47.13 -19.94 3.88
N ASP E 153 -47.07 -19.01 2.92
CA ASP E 153 -46.25 -19.20 1.74
C ASP E 153 -44.76 -19.05 2.03
N VAL E 154 -44.40 -18.60 3.22
CA VAL E 154 -43.01 -18.21 3.49
C VAL E 154 -42.13 -19.43 3.73
N GLY E 155 -42.68 -20.51 4.26
CA GLY E 155 -41.90 -21.68 4.59
C GLY E 155 -42.52 -22.48 5.72
N PRO E 156 -41.73 -23.36 6.33
CA PRO E 156 -42.29 -24.34 7.27
C PRO E 156 -42.52 -23.78 8.68
N VAL E 157 -43.62 -24.25 9.28
CA VAL E 157 -43.90 -23.95 10.67
C VAL E 157 -42.72 -24.39 11.54
N VAL E 158 -42.37 -23.54 12.51
CA VAL E 158 -41.42 -23.89 13.56
C VAL E 158 -42.07 -23.56 14.90
N ASP E 159 -41.84 -24.41 15.90
CA ASP E 159 -42.62 -24.34 17.13
C ASP E 159 -42.38 -23.04 17.88
N ASP E 160 -41.11 -22.67 18.09
CA ASP E 160 -40.79 -21.46 18.81
C ASP E 160 -39.59 -20.79 18.16
N PRO E 161 -39.65 -19.49 17.90
CA PRO E 161 -38.45 -18.76 17.50
C PRO E 161 -37.38 -18.89 18.58
N VAL E 162 -36.11 -18.93 18.13
CA VAL E 162 -35.00 -18.94 19.06
C VAL E 162 -35.13 -17.76 20.01
N ARG E 163 -34.81 -17.98 21.29
CA ARG E 163 -35.05 -17.00 22.33
C ARG E 163 -33.75 -16.68 23.05
N LEU E 164 -33.55 -15.40 23.36
CA LEU E 164 -32.44 -14.96 24.17
C LEU E 164 -32.67 -15.33 25.64
N PRO E 165 -31.61 -15.59 26.39
CA PRO E 165 -31.75 -15.82 27.83
C PRO E 165 -31.80 -14.50 28.59
N ASP E 166 -32.37 -14.56 29.79
CA ASP E 166 -32.45 -13.41 30.67
C ASP E 166 -31.91 -13.78 32.04
N VAL E 167 -31.12 -12.89 32.63
CA VAL E 167 -30.80 -12.95 34.04
C VAL E 167 -31.64 -11.90 34.75
N PRO E 168 -32.83 -12.25 35.24
CA PRO E 168 -33.71 -11.25 35.87
C PRO E 168 -33.14 -10.68 37.16
N PHE E 169 -33.88 -9.76 37.77
CA PHE E 169 -33.51 -9.23 39.07
C PHE E 169 -33.89 -10.19 40.18
N THR E 170 -33.18 -10.10 41.30
CA THR E 170 -33.41 -10.96 42.45
C THR E 170 -33.74 -10.12 43.68
N ARG E 171 -34.75 -10.59 44.42
CA ARG E 171 -35.19 -10.02 45.69
C ARG E 171 -34.47 -10.68 46.86
N LEU E 176 -33.42 -5.94 46.83
CA LEU E 176 -33.47 -6.28 45.42
C LEU E 176 -32.10 -6.14 44.76
N VAL E 177 -31.78 -7.05 43.83
CA VAL E 177 -30.57 -7.00 43.04
C VAL E 177 -30.95 -7.09 41.57
N GLY E 178 -30.50 -6.11 40.77
CA GLY E 178 -30.80 -6.00 39.35
C GLY E 178 -29.58 -5.69 38.50
N ARG E 179 -29.69 -4.89 37.43
CA ARG E 179 -28.54 -4.52 36.60
C ARG E 179 -28.86 -3.28 35.76
N VAL E 180 -27.82 -2.54 35.34
CA VAL E 180 -28.12 -1.48 34.37
C VAL E 180 -28.36 -2.14 33.02
N ALA E 181 -29.60 -2.11 32.55
CA ALA E 181 -29.93 -2.75 31.29
C ALA E 181 -29.47 -1.91 30.10
N ARG E 182 -29.90 -0.65 30.05
CA ARG E 182 -29.57 0.25 28.96
C ARG E 182 -29.24 1.62 29.55
N ILE E 183 -28.52 2.41 28.77
CA ILE E 183 -28.22 3.80 29.09
C ILE E 183 -28.85 4.68 28.02
N ASP E 184 -29.52 5.75 28.44
CA ASP E 184 -30.06 6.71 27.50
C ASP E 184 -28.89 7.51 26.92
N ARG E 185 -28.49 7.17 25.69
CA ARG E 185 -27.26 7.73 25.14
C ARG E 185 -27.41 9.18 24.70
N ALA E 186 -28.65 9.67 24.56
CA ALA E 186 -28.84 11.10 24.31
C ALA E 186 -28.66 11.94 25.56
N PHE E 187 -28.94 11.36 26.72
CA PHE E 187 -29.08 12.13 27.96
C PHE E 187 -28.21 11.63 29.10
N GLY E 188 -27.73 10.39 29.07
CA GLY E 188 -26.97 9.85 30.16
C GLY E 188 -27.79 9.22 31.27
N ASN E 189 -29.09 9.01 31.06
CA ASN E 189 -29.94 8.38 32.05
C ASN E 189 -29.65 6.89 32.12
N VAL E 190 -29.81 6.32 33.31
CA VAL E 190 -29.46 4.94 33.59
C VAL E 190 -30.73 4.14 33.86
N TRP E 191 -30.92 3.06 33.12
CA TRP E 191 -32.08 2.18 33.26
C TRP E 191 -31.65 0.85 33.86
N THR E 192 -32.49 0.30 34.73
CA THR E 192 -32.26 -1.00 35.33
C THR E 192 -33.33 -1.99 34.86
N ASN E 193 -33.12 -3.26 35.19
CA ASN E 193 -34.12 -4.30 34.94
C ASN E 193 -35.08 -4.48 36.10
N ILE E 194 -34.91 -3.73 37.19
CA ILE E 194 -35.80 -3.84 38.34
C ILE E 194 -37.08 -3.07 38.05
N PRO E 195 -38.23 -3.73 38.01
CA PRO E 195 -39.49 -3.00 37.88
C PRO E 195 -39.75 -2.16 39.13
N SER E 196 -40.28 -0.96 38.91
CA SER E 196 -40.53 -0.05 40.03
C SER E 196 -41.57 -0.63 40.99
N ALA E 197 -42.55 -1.36 40.46
CA ALA E 197 -43.56 -2.01 41.29
C ALA E 197 -42.96 -2.99 42.28
N ALA E 198 -41.69 -3.37 42.12
CA ALA E 198 -41.02 -4.20 43.10
C ALA E 198 -40.61 -3.38 44.32
N LEU E 199 -41.58 -2.53 44.67
CA LEU E 199 -41.56 -1.66 45.83
C LEU E 199 -42.96 -1.38 46.39
N VAL E 209 -40.48 10.21 49.93
CA VAL E 209 -40.03 8.89 49.53
C VAL E 209 -38.64 8.97 48.91
N THR E 210 -37.77 8.03 49.30
CA THR E 210 -36.39 8.00 48.83
C THR E 210 -35.92 6.56 48.72
N LEU E 211 -34.83 6.37 47.96
CA LEU E 211 -34.26 5.07 47.68
C LEU E 211 -32.82 5.01 48.15
N ASP E 212 -32.48 3.97 48.90
CA ASP E 212 -31.09 3.66 49.21
C ASP E 212 -30.59 2.67 48.16
N ALA E 213 -29.62 3.09 47.34
CA ALA E 213 -29.27 2.28 46.19
C ALA E 213 -27.79 2.43 45.84
N THR E 214 -27.24 1.38 45.24
CA THR E 214 -25.86 1.34 44.77
C THR E 214 -25.88 1.28 43.25
N VAL E 215 -25.22 2.24 42.61
CA VAL E 215 -25.15 2.30 41.15
C VAL E 215 -23.77 2.80 40.72
N ALA E 220 -26.42 5.23 48.16
CA ALA E 220 -26.59 6.66 48.17
C ALA E 220 -28.05 6.95 48.13
N ARG E 221 -28.40 8.07 48.70
CA ARG E 221 -29.83 8.33 48.77
C ARG E 221 -30.30 9.05 47.51
N TRP E 222 -31.30 8.48 46.85
CA TRP E 222 -31.85 9.00 45.62
C TRP E 222 -33.30 9.43 45.85
N PRO E 223 -33.64 10.70 45.71
CA PRO E 223 -35.05 11.09 45.80
C PRO E 223 -35.87 10.42 44.72
N TRP E 224 -37.01 9.87 45.12
CA TRP E 224 -37.92 9.22 44.18
C TRP E 224 -38.84 10.29 43.60
N CYS E 225 -38.82 10.43 42.27
CA CYS E 225 -39.44 11.57 41.63
C CYS E 225 -40.40 11.15 40.52
N THR E 226 -41.39 11.99 40.28
CA THR E 226 -42.24 11.84 39.11
C THR E 226 -41.47 12.10 37.81
N THR E 227 -40.64 13.13 37.81
CA THR E 227 -39.94 13.54 36.58
C THR E 227 -38.65 14.27 36.97
N PHE E 228 -37.88 14.63 35.94
CA PHE E 228 -36.52 15.13 36.15
C PHE E 228 -36.51 16.44 36.93
N SER E 229 -37.46 17.33 36.65
CA SER E 229 -37.41 18.69 37.17
C SER E 229 -37.91 18.84 38.59
N GLN E 230 -38.09 17.76 39.35
CA GLN E 230 -38.43 17.87 40.76
C GLN E 230 -37.21 17.92 41.66
N VAL E 231 -36.01 18.01 41.06
CA VAL E 231 -34.77 18.11 41.81
C VAL E 231 -33.95 19.22 41.16
N ALA E 232 -33.10 19.86 41.94
CA ALA E 232 -32.27 20.95 41.45
C ALA E 232 -31.46 20.51 40.23
N THR E 233 -31.05 21.49 39.43
CA THR E 233 -30.24 21.19 38.25
C THR E 233 -28.93 20.54 38.67
N THR E 234 -28.57 19.45 37.99
CA THR E 234 -27.46 18.53 38.24
C THR E 234 -27.76 17.57 39.40
N GLY E 235 -28.94 17.64 39.99
CA GLY E 235 -29.25 16.78 41.12
C GLY E 235 -29.63 15.37 40.71
N ARG E 236 -29.31 14.42 41.59
CA ARG E 236 -29.62 13.02 41.35
C ARG E 236 -31.09 12.73 41.64
N LEU E 237 -31.63 11.72 40.96
CA LEU E 237 -33.04 11.39 41.12
C LEU E 237 -33.29 9.96 40.67
N ALA E 238 -34.27 9.32 41.31
CA ALA E 238 -34.74 7.98 40.96
C ALA E 238 -36.19 8.07 40.52
N TYR E 239 -36.56 7.22 39.55
CA TYR E 239 -37.89 7.31 38.97
C TYR E 239 -38.21 6.01 38.25
N ALA E 240 -39.44 5.92 37.76
CA ALA E 240 -39.86 4.84 36.87
C ALA E 240 -39.90 5.37 35.46
N ASN E 241 -39.13 4.78 34.56
CA ASN E 241 -39.05 5.28 33.20
C ASN E 241 -40.34 4.97 32.44
N SER E 242 -40.34 5.31 31.15
CA SER E 242 -41.53 5.13 30.33
C SER E 242 -42.03 3.70 30.33
N ARG E 243 -41.12 2.74 30.45
CA ARG E 243 -41.47 1.32 30.42
C ARG E 243 -41.82 0.77 31.80
N GLY E 244 -41.61 1.52 32.86
CA GLY E 244 -41.95 1.08 34.20
C GLY E 244 -40.82 0.53 35.02
N ARG E 245 -39.58 0.66 34.56
CA ARG E 245 -38.42 0.09 35.24
C ARG E 245 -37.67 1.18 35.99
N LEU E 246 -37.13 0.83 37.16
CA LEU E 246 -36.40 1.79 37.98
C LEU E 246 -35.22 2.37 37.21
N SER E 247 -35.08 3.69 37.28
CA SER E 247 -34.05 4.41 36.54
C SER E 247 -33.49 5.52 37.42
N PHE E 248 -32.24 5.88 37.13
CA PHE E 248 -31.52 6.90 37.86
C PHE E 248 -31.06 7.97 36.87
N ALA E 249 -31.03 9.22 37.32
CA ALA E 249 -30.72 10.31 36.41
C ALA E 249 -30.18 11.51 37.17
N LEU E 250 -29.58 12.42 36.42
CA LEU E 250 -29.26 13.76 36.88
C LEU E 250 -30.11 14.75 36.12
N ASN E 251 -30.73 15.68 36.84
CA ASN E 251 -31.56 16.70 36.20
C ASN E 251 -30.69 17.60 35.33
N ARG E 252 -30.97 17.60 34.02
CA ARG E 252 -30.19 18.34 33.03
C ARG E 252 -28.70 17.97 33.13
N GLY E 253 -28.43 16.67 33.19
CA GLY E 253 -27.07 16.18 33.23
C GLY E 253 -27.02 14.71 32.87
N SER E 254 -25.80 14.22 32.65
CA SER E 254 -25.56 12.84 32.26
C SER E 254 -25.07 12.06 33.47
N LEU E 255 -25.93 11.17 33.99
CA LEU E 255 -25.52 10.33 35.11
C LEU E 255 -24.44 9.34 34.69
N VAL E 256 -24.52 8.82 33.46
CA VAL E 256 -23.46 7.96 32.95
C VAL E 256 -22.12 8.70 32.95
N ALA E 257 -22.12 9.95 32.50
CA ALA E 257 -20.87 10.72 32.47
C ALA E 257 -20.32 10.93 33.88
N GLU E 258 -21.19 11.23 34.84
CA GLU E 258 -20.73 11.46 36.20
C GLU E 258 -20.18 10.18 36.82
N LEU E 259 -20.93 9.09 36.73
CA LEU E 259 -20.59 7.85 37.42
C LEU E 259 -19.81 6.86 36.56
N GLY E 260 -19.61 7.16 35.27
CA GLY E 260 -18.87 6.26 34.40
C GLY E 260 -19.49 4.87 34.28
N VAL E 261 -20.79 4.77 34.45
CA VAL E 261 -21.46 3.47 34.43
C VAL E 261 -21.71 3.04 32.99
N ALA E 262 -21.65 1.73 32.78
CA ALA E 262 -21.82 1.09 31.48
C ALA E 262 -22.84 -0.02 31.62
N PRO E 263 -23.60 -0.30 30.54
CA PRO E 263 -24.67 -1.29 30.66
C PRO E 263 -24.14 -2.62 31.16
N ALA E 265 -23.91 -3.29 34.34
CA ALA E 265 -23.29 -3.08 35.65
C ALA E 265 -24.28 -3.31 36.78
N PRO E 266 -23.71 -3.76 37.98
CA PRO E 266 -24.36 -3.81 39.33
C PRO E 266 -25.84 -3.60 39.65
N VAL E 267 -26.18 -2.46 40.28
CA VAL E 267 -27.54 -2.09 40.69
C VAL E 267 -28.12 -2.95 41.82
N GLU E 268 -28.44 -2.32 42.96
CA GLU E 268 -29.08 -3.00 44.08
C GLU E 268 -29.86 -2.00 44.91
N VAL E 269 -31.13 -2.31 45.17
CA VAL E 269 -32.04 -1.43 45.91
C VAL E 269 -32.14 -1.94 47.34
N HIS E 270 -31.56 -1.19 48.27
CA HIS E 270 -31.47 -1.63 49.66
C HIS E 270 -32.80 -1.48 50.39
N ALA F 5 -48.65 7.73 -8.49
CA ALA F 5 -48.19 8.41 -9.69
C ALA F 5 -46.84 9.13 -9.56
N PRO F 6 -46.63 9.97 -8.54
CA PRO F 6 -45.32 10.62 -8.46
C PRO F 6 -44.20 9.61 -8.25
N ARG F 7 -43.03 9.94 -8.80
CA ARG F 7 -41.87 9.09 -8.63
C ARG F 7 -41.41 9.09 -7.18
N VAL F 8 -40.74 8.00 -6.80
CA VAL F 8 -40.05 7.96 -5.52
C VAL F 8 -38.73 8.73 -5.66
N VAL F 9 -38.44 9.60 -4.70
CA VAL F 9 -37.22 10.38 -4.69
C VAL F 9 -36.23 9.72 -3.75
N ALA F 10 -35.08 9.31 -4.27
CA ALA F 10 -33.98 8.79 -3.46
C ALA F 10 -32.95 9.89 -3.28
N PHE F 11 -32.52 10.10 -2.03
CA PHE F 11 -31.92 11.37 -1.63
C PHE F 11 -30.55 11.13 -1.01
N LEU F 12 -29.51 11.73 -1.61
CA LEU F 12 -28.15 11.63 -1.08
C LEU F 12 -27.49 12.99 -1.09
N SER F 13 -26.68 13.27 -0.06
CA SER F 13 -25.96 14.53 0.02
C SER F 13 -24.85 14.40 1.06
N ASP F 14 -24.03 15.44 1.17
CA ASP F 14 -23.01 15.54 2.21
C ASP F 14 -23.36 16.58 3.26
N VAL F 15 -24.64 16.97 3.32
CA VAL F 15 -25.06 18.06 4.20
C VAL F 15 -25.31 17.57 5.63
N GLY F 16 -25.80 16.36 5.81
CA GLY F 16 -25.87 15.75 7.12
C GLY F 16 -27.30 15.64 7.64
N THR F 17 -27.39 15.21 8.90
CA THR F 17 -28.66 15.04 9.60
C THR F 17 -28.68 15.77 10.94
N HIS F 18 -27.64 16.56 11.23
CA HIS F 18 -27.45 17.18 12.53
C HIS F 18 -28.23 18.47 12.70
N ASP F 19 -28.93 18.93 11.67
CA ASP F 19 -29.73 20.15 11.75
C ASP F 19 -30.83 20.08 10.70
N GLU F 20 -31.42 21.24 10.40
CA GLU F 20 -32.66 21.32 9.64
C GLU F 20 -32.48 21.22 8.12
N ALA F 21 -31.25 21.30 7.61
CA ALA F 21 -31.04 21.57 6.19
C ALA F 21 -31.69 20.51 5.30
N THR F 22 -31.37 19.23 5.54
CA THR F 22 -31.96 18.15 4.77
C THR F 22 -33.48 18.14 4.91
N GLY F 23 -33.97 18.42 6.12
CA GLY F 23 -35.40 18.51 6.33
C GLY F 23 -36.04 19.62 5.52
N LEU F 24 -35.35 20.75 5.40
CA LEU F 24 -35.87 21.84 4.58
C LEU F 24 -35.91 21.45 3.10
N CYS F 25 -34.88 20.73 2.64
CA CYS F 25 -34.93 20.22 1.27
C CYS F 25 -36.13 19.31 1.07
N LYS F 26 -36.38 18.40 2.00
CA LYS F 26 -37.51 17.49 1.89
C LYS F 26 -38.84 18.24 1.90
N GLY F 27 -38.95 19.25 2.77
CA GLY F 27 -40.15 20.08 2.77
C GLY F 27 -40.37 20.79 1.46
N LEU F 28 -39.29 21.31 0.87
CA LEU F 28 -39.39 21.94 -0.45
C LEU F 28 -39.88 20.95 -1.50
N MET F 29 -39.33 19.72 -1.46
CA MET F 29 -39.77 18.69 -2.39
C MET F 29 -41.25 18.38 -2.23
N SER F 30 -41.70 18.26 -0.99
CA SER F 30 -43.12 17.97 -0.75
C SER F 30 -44.00 19.16 -1.14
N ARG F 31 -43.47 20.38 -1.04
CA ARG F 31 -44.18 21.54 -1.56
C ARG F 31 -44.36 21.45 -3.06
N ILE F 32 -43.28 21.12 -3.78
CA ILE F 32 -43.35 21.02 -5.23
C ILE F 32 -44.18 19.81 -5.65
N CYS F 33 -43.96 18.67 -5.02
CA CYS F 33 -44.62 17.40 -5.36
C CYS F 33 -45.35 16.87 -4.14
N PRO F 34 -46.60 17.28 -3.93
CA PRO F 34 -47.37 16.75 -2.79
C PRO F 34 -47.52 15.24 -2.89
N GLY F 35 -47.44 14.58 -1.73
CA GLY F 35 -47.56 13.14 -1.68
C GLY F 35 -46.35 12.38 -2.14
N VAL F 36 -45.20 13.04 -2.27
CA VAL F 36 -43.99 12.39 -2.75
C VAL F 36 -43.38 11.56 -1.63
N THR F 37 -42.78 10.43 -2.00
CA THR F 37 -42.06 9.57 -1.07
C THR F 37 -40.57 9.85 -1.21
N ILE F 38 -39.93 10.21 -0.11
CA ILE F 38 -38.50 10.52 -0.09
C ILE F 38 -37.81 9.47 0.77
N ILE F 39 -36.96 8.67 0.15
CA ILE F 39 -36.13 7.68 0.84
C ILE F 39 -34.70 8.21 0.89
N ASP F 40 -34.16 8.36 2.10
CA ASP F 40 -32.77 8.77 2.22
C ASP F 40 -31.86 7.60 1.92
N ILE F 41 -30.90 7.84 1.03
CA ILE F 41 -29.84 6.88 0.76
C ILE F 41 -28.78 7.10 1.83
N THR F 42 -28.24 8.31 1.88
CA THR F 42 -27.49 8.79 3.03
C THR F 42 -27.22 10.28 2.86
N HIS F 43 -27.03 10.96 3.99
CA HIS F 43 -26.57 12.34 3.98
C HIS F 43 -25.28 12.49 4.77
N GLN F 44 -24.59 11.38 5.00
CA GLN F 44 -23.34 11.35 5.75
C GLN F 44 -22.13 11.20 4.83
N VAL F 45 -22.27 11.52 3.55
CA VAL F 45 -21.12 11.61 2.66
C VAL F 45 -20.15 12.60 3.31
N PRO F 46 -18.87 12.27 3.40
CA PRO F 46 -17.92 13.27 3.91
C PRO F 46 -18.00 14.54 3.07
N ALA F 47 -17.90 15.68 3.75
CA ALA F 47 -17.92 16.96 3.08
C ALA F 47 -16.92 17.00 1.91
N PHE F 48 -17.38 17.59 0.80
CA PHE F 48 -16.81 17.89 -0.51
C PHE F 48 -16.45 16.62 -1.28
N ASP F 49 -16.80 15.43 -0.78
CA ASP F 49 -16.25 14.17 -1.29
C ASP F 49 -17.12 13.60 -2.41
N VAL F 50 -16.85 14.02 -3.64
CA VAL F 50 -17.65 13.58 -4.79
C VAL F 50 -17.40 12.10 -5.10
N VAL F 51 -16.15 11.64 -4.98
CA VAL F 51 -15.82 10.25 -5.31
C VAL F 51 -16.55 9.30 -4.37
N GLU F 52 -16.57 9.62 -3.07
CA GLU F 52 -17.26 8.78 -2.10
C GLU F 52 -18.75 8.67 -2.44
N GLY F 53 -19.37 9.79 -2.77
CA GLY F 53 -20.78 9.76 -3.15
C GLY F 53 -21.03 8.97 -4.41
N ALA F 54 -20.15 9.10 -5.40
CA ALA F 54 -20.29 8.32 -6.62
C ALA F 54 -20.21 6.84 -6.34
N LEU F 55 -19.29 6.42 -5.46
CA LEU F 55 -19.25 5.03 -5.04
C LEU F 55 -20.54 4.62 -4.35
N MET F 56 -21.09 5.48 -3.50
CA MET F 56 -22.31 5.14 -2.79
C MET F 56 -23.52 5.05 -3.71
N LEU F 57 -23.51 5.73 -4.85
CA LEU F 57 -24.66 5.79 -5.74
C LEU F 57 -24.69 4.69 -6.80
N GLU F 58 -23.66 3.82 -6.86
CA GLU F 58 -23.54 2.87 -7.97
C GLU F 58 -24.73 1.91 -8.03
N ASP F 59 -25.07 1.28 -6.90
CA ASP F 59 -26.13 0.30 -6.86
C ASP F 59 -27.52 0.89 -6.74
N VAL F 60 -27.64 2.19 -6.46
CA VAL F 60 -28.93 2.83 -6.25
C VAL F 60 -29.87 2.60 -7.43
N PRO F 61 -29.43 2.75 -8.69
CA PRO F 61 -30.36 2.47 -9.81
C PRO F 61 -30.92 1.05 -9.81
N GLU F 62 -30.11 0.04 -9.48
CA GLU F 62 -30.58 -1.34 -9.52
C GLU F 62 -31.70 -1.56 -8.50
N PHE F 63 -31.50 -1.07 -7.29
CA PHE F 63 -32.38 -1.43 -6.19
C PHE F 63 -33.50 -0.43 -5.97
N PHE F 64 -33.73 0.46 -6.92
CA PHE F 64 -34.90 1.32 -6.81
C PHE F 64 -35.82 1.10 -8.01
N PRO F 65 -37.11 1.39 -7.87
CA PRO F 65 -38.03 1.19 -8.99
C PRO F 65 -37.64 2.06 -10.18
N GLU F 66 -38.24 1.76 -11.33
CA GLU F 66 -38.01 2.59 -12.50
C GLU F 66 -38.66 3.95 -12.34
N HIS F 67 -39.77 4.02 -11.60
CA HIS F 67 -40.47 5.29 -11.38
C HIS F 67 -39.80 6.05 -10.23
N THR F 68 -38.56 6.46 -10.47
CA THR F 68 -37.70 7.01 -9.43
C THR F 68 -36.98 8.26 -9.95
N VAL F 69 -36.75 9.21 -9.04
CA VAL F 69 -35.75 10.25 -9.21
C VAL F 69 -34.69 10.05 -8.14
N ILE F 70 -33.44 9.90 -8.57
CA ILE F 70 -32.28 9.85 -7.69
C ILE F 70 -31.77 11.27 -7.54
N CYS F 71 -31.99 11.87 -6.38
CA CYS F 71 -31.56 13.23 -6.09
C CYS F 71 -30.28 13.17 -5.27
N ALA F 72 -29.18 13.64 -5.83
CA ALA F 72 -27.91 13.58 -5.12
C ALA F 72 -27.18 14.89 -5.29
N TYR F 73 -26.64 15.44 -4.21
CA TYR F 73 -25.82 16.64 -4.35
C TYR F 73 -24.65 16.60 -3.36
N VAL F 74 -23.45 16.59 -3.91
CA VAL F 74 -22.22 16.95 -3.23
C VAL F 74 -21.61 18.06 -4.08
N TYR F 75 -21.62 19.28 -3.56
CA TYR F 75 -21.59 20.48 -4.41
C TYR F 75 -20.68 21.55 -3.83
N PRO F 76 -19.37 21.30 -3.75
CA PRO F 76 -18.44 22.39 -3.42
C PRO F 76 -18.36 23.44 -4.51
N GLU F 77 -18.93 23.18 -5.69
CA GLU F 77 -18.99 24.14 -6.79
C GLU F 77 -20.30 24.91 -6.83
N THR F 78 -21.11 24.85 -5.78
CA THR F 78 -22.43 25.48 -5.79
C THR F 78 -22.32 26.98 -6.01
N GLY F 79 -23.23 27.52 -6.81
CA GLY F 79 -23.20 28.94 -7.11
C GLY F 79 -22.05 29.38 -7.97
N SER F 80 -21.53 28.49 -8.83
CA SER F 80 -20.45 28.82 -9.74
C SER F 80 -20.86 28.47 -11.16
N GLY F 81 -19.90 28.45 -12.08
CA GLY F 81 -20.21 28.03 -13.44
C GLY F 81 -20.62 26.58 -13.58
N THR F 82 -20.40 25.77 -12.54
CA THR F 82 -20.71 24.34 -12.57
C THR F 82 -22.20 24.09 -12.50
N PRO F 83 -22.83 23.67 -13.59
CA PRO F 83 -24.29 23.54 -13.60
C PRO F 83 -24.78 22.29 -12.89
N THR F 84 -26.09 22.08 -12.92
CA THR F 84 -26.72 20.85 -12.47
C THR F 84 -27.22 20.09 -13.70
N VAL F 85 -27.03 18.77 -13.68
CA VAL F 85 -27.39 17.90 -14.79
C VAL F 85 -28.52 16.97 -14.35
N ALA F 86 -29.44 16.72 -15.28
CA ALA F 86 -30.52 15.76 -15.13
C ALA F 86 -30.40 14.72 -16.22
N VAL F 87 -30.63 13.46 -15.86
CA VAL F 87 -30.34 12.31 -16.71
C VAL F 87 -31.50 11.33 -16.66
N ARG F 88 -31.82 10.76 -17.81
CA ARG F 88 -32.64 9.55 -17.91
C ARG F 88 -31.74 8.39 -18.31
N ASN F 89 -31.80 7.30 -17.56
CA ASN F 89 -30.99 6.13 -17.80
C ASN F 89 -31.78 5.06 -18.56
N ASP F 90 -31.12 3.94 -18.85
CA ASP F 90 -31.76 2.89 -19.65
C ASP F 90 -32.87 2.18 -18.86
N LYS F 91 -32.76 2.17 -17.53
CA LYS F 91 -33.85 1.67 -16.69
C LYS F 91 -35.07 2.60 -16.71
N GLY F 92 -34.93 3.82 -17.21
CA GLY F 92 -35.99 4.79 -17.17
C GLY F 92 -36.10 5.58 -15.90
N GLN F 93 -35.09 5.49 -15.02
CA GLN F 93 -35.07 6.31 -13.83
C GLN F 93 -34.47 7.67 -14.15
N LEU F 94 -34.89 8.68 -13.40
CA LEU F 94 -34.34 10.02 -13.53
C LEU F 94 -33.30 10.25 -12.45
N LEU F 95 -32.32 11.09 -12.77
CA LEU F 95 -31.22 11.38 -11.87
C LEU F 95 -30.93 12.88 -11.94
N VAL F 96 -30.70 13.49 -10.79
CA VAL F 96 -30.40 14.92 -10.72
C VAL F 96 -29.21 15.12 -9.78
N ALA F 97 -28.20 15.84 -10.25
CA ALA F 97 -26.98 16.02 -9.47
C ALA F 97 -26.16 17.13 -10.11
N PRO F 98 -25.24 17.75 -9.36
CA PRO F 98 -24.31 18.68 -9.99
C PRO F 98 -23.44 17.97 -11.01
N ASP F 99 -23.16 18.66 -12.11
CA ASP F 99 -22.40 18.09 -13.23
C ASP F 99 -20.90 18.11 -12.90
N ASN F 100 -20.56 17.44 -11.80
CA ASN F 100 -19.17 17.32 -11.36
C ASN F 100 -18.72 15.87 -11.30
N GLY F 101 -19.48 14.96 -11.91
CA GLY F 101 -19.13 13.56 -11.96
C GLY F 101 -19.75 12.70 -10.88
N LEU F 102 -20.53 13.28 -9.96
CA LEU F 102 -21.05 12.52 -8.82
C LEU F 102 -21.90 11.33 -9.28
N LEU F 103 -22.49 11.41 -10.46
CA LEU F 103 -23.33 10.34 -10.99
C LEU F 103 -22.55 9.32 -11.79
N THR F 104 -21.21 9.31 -11.69
CA THR F 104 -20.40 8.54 -12.64
C THR F 104 -20.70 7.05 -12.54
N ARG F 105 -20.53 6.46 -11.35
CA ARG F 105 -20.70 5.01 -11.22
C ARG F 105 -22.15 4.59 -11.46
N ALA F 106 -23.11 5.38 -10.96
CA ALA F 106 -24.51 5.08 -11.19
C ALA F 106 -24.82 5.07 -12.69
N LEU F 107 -24.28 6.05 -13.41
CA LEU F 107 -24.49 6.09 -14.85
C LEU F 107 -23.77 4.95 -15.57
N ASP F 108 -22.58 4.54 -15.11
CA ASP F 108 -21.93 3.39 -15.75
C ASP F 108 -22.78 2.14 -15.58
N ALA F 109 -23.42 2.00 -14.41
CA ALA F 109 -24.24 0.82 -14.14
C ALA F 109 -25.56 0.84 -14.92
N SER F 110 -26.17 2.01 -15.10
CA SER F 110 -27.51 2.08 -15.69
C SER F 110 -27.59 2.79 -17.04
N GLY F 111 -26.53 3.46 -17.48
CA GLY F 111 -26.51 4.04 -18.82
C GLY F 111 -27.05 5.46 -18.86
N VAL F 112 -26.68 6.16 -19.92
CA VAL F 112 -27.19 7.51 -20.21
C VAL F 112 -28.05 7.41 -21.46
N ALA F 113 -29.37 7.45 -21.27
CA ALA F 113 -30.27 7.55 -22.41
C ALA F 113 -30.52 9.00 -22.81
N GLU F 114 -30.50 9.93 -21.86
CA GLU F 114 -30.63 11.34 -22.18
C GLU F 114 -30.07 12.16 -21.04
N ALA F 115 -29.47 13.30 -21.35
CA ALA F 115 -28.91 14.17 -20.32
C ALA F 115 -29.06 15.63 -20.75
N ARG F 116 -29.60 16.45 -19.86
CA ARG F 116 -29.76 17.87 -20.10
C ARG F 116 -29.20 18.65 -18.91
N LEU F 117 -28.84 19.90 -19.18
CA LEU F 117 -28.43 20.82 -18.14
C LEU F 117 -29.66 21.52 -17.58
N VAL F 118 -29.69 21.68 -16.25
CA VAL F 118 -30.81 22.29 -15.57
C VAL F 118 -30.61 23.80 -15.62
N THR F 119 -31.37 24.47 -16.51
CA THR F 119 -31.26 25.91 -16.70
C THR F 119 -32.60 26.63 -16.67
N ASN F 120 -33.71 25.91 -16.68
CA ASN F 120 -35.03 26.53 -16.76
C ASN F 120 -35.44 27.00 -15.35
N PRO F 121 -35.69 28.30 -15.15
CA PRO F 121 -36.05 28.75 -13.80
C PRO F 121 -37.31 28.12 -13.25
N ALA F 122 -38.19 27.62 -14.12
CA ALA F 122 -39.46 27.06 -13.66
C ALA F 122 -39.29 25.76 -12.88
N VAL F 123 -38.15 25.08 -13.02
CA VAL F 123 -37.88 23.88 -12.23
C VAL F 123 -36.96 24.16 -11.04
N MET F 124 -36.63 25.44 -10.81
CA MET F 124 -35.76 25.86 -9.73
C MET F 124 -36.59 26.49 -8.61
N ASN F 125 -35.94 26.69 -7.47
CA ASN F 125 -36.53 27.48 -6.40
C ASN F 125 -36.13 28.93 -6.64
N HIS F 126 -37.10 29.73 -7.08
CA HIS F 126 -36.98 31.02 -7.77
C HIS F 126 -35.85 31.95 -7.29
N PRO F 127 -35.61 32.08 -5.99
CA PRO F 127 -34.39 32.79 -5.54
C PRO F 127 -33.28 31.81 -5.22
N PRO F 128 -32.64 31.19 -6.23
CA PRO F 128 -31.66 30.14 -5.91
C PRO F 128 -30.47 30.74 -5.18
N THR F 129 -30.23 30.27 -3.97
CA THR F 129 -29.16 30.80 -3.15
C THR F 129 -27.85 30.20 -3.64
N PRO F 130 -26.86 31.01 -3.99
CA PRO F 130 -25.64 30.44 -4.58
C PRO F 130 -24.94 29.42 -3.72
N THR F 131 -25.04 29.54 -2.40
CA THR F 131 -24.40 28.60 -1.50
C THR F 131 -25.20 27.32 -1.28
N TRP F 132 -26.42 27.21 -1.81
CA TRP F 132 -27.25 26.03 -1.58
C TRP F 132 -28.00 25.59 -2.83
N TYR F 133 -27.30 25.54 -3.96
CA TYR F 133 -27.94 25.04 -5.18
C TYR F 133 -28.50 23.65 -4.98
N GLY F 134 -27.83 22.82 -4.19
CA GLY F 134 -28.31 21.51 -3.82
C GLY F 134 -29.78 21.50 -3.44
N ARG F 135 -30.20 22.52 -2.68
CA ARG F 135 -31.62 22.65 -2.36
C ARG F 135 -32.37 23.32 -3.50
N ASP F 136 -31.87 24.46 -3.99
CA ASP F 136 -32.67 25.32 -4.86
C ASP F 136 -32.65 24.92 -6.32
N VAL F 137 -31.72 24.06 -6.74
CA VAL F 137 -31.71 23.58 -8.11
C VAL F 137 -31.88 22.07 -8.14
N VAL F 138 -30.98 21.35 -7.45
CA VAL F 138 -30.98 19.90 -7.53
C VAL F 138 -32.26 19.32 -6.93
N ALA F 139 -32.60 19.73 -5.71
CA ALA F 139 -33.76 19.16 -5.03
C ALA F 139 -35.06 19.62 -5.69
N ALA F 140 -35.15 20.90 -6.04
CA ALA F 140 -36.36 21.42 -6.68
C ALA F 140 -36.58 20.76 -8.04
N CYS F 141 -35.51 20.58 -8.82
CA CYS F 141 -35.64 19.88 -10.10
C CYS F 141 -36.04 18.42 -9.90
N ALA F 142 -35.46 17.75 -8.91
CA ALA F 142 -35.85 16.38 -8.62
C ALA F 142 -37.33 16.29 -8.29
N ALA F 143 -37.84 17.26 -7.53
CA ALA F 143 -39.26 17.26 -7.17
C ALA F 143 -40.14 17.56 -8.38
N HIS F 144 -39.75 18.53 -9.21
CA HIS F 144 -40.54 18.84 -10.41
C HIS F 144 -40.59 17.65 -11.36
N LEU F 145 -39.45 16.96 -11.54
CA LEU F 145 -39.44 15.75 -12.36
C LEU F 145 -40.32 14.66 -11.75
N ALA F 146 -40.23 14.48 -10.43
CA ALA F 146 -41.08 13.50 -9.75
C ALA F 146 -42.55 13.82 -9.92
N ALA F 147 -42.90 15.10 -10.01
CA ALA F 147 -44.27 15.52 -10.27
C ALA F 147 -44.70 15.29 -11.71
N GLY F 148 -43.79 14.97 -12.61
CA GLY F 148 -44.12 14.70 -13.99
C GLY F 148 -43.75 15.79 -14.98
N THR F 149 -42.85 16.70 -14.62
CA THR F 149 -42.37 17.68 -15.58
C THR F 149 -41.49 16.99 -16.61
N PRO F 150 -41.73 17.20 -17.90
CA PRO F 150 -40.88 16.54 -18.91
C PRO F 150 -39.43 16.98 -18.80
N LEU F 151 -38.52 16.00 -18.90
CA LEU F 151 -37.10 16.27 -18.78
C LEU F 151 -36.65 17.31 -19.81
N ALA F 152 -37.27 17.30 -20.99
CA ALA F 152 -36.92 18.25 -22.05
C ALA F 152 -37.16 19.70 -21.64
N ASP F 153 -38.06 19.94 -20.70
CA ASP F 153 -38.30 21.30 -20.22
C ASP F 153 -37.18 21.81 -19.33
N VAL F 154 -36.24 20.95 -18.94
CA VAL F 154 -35.27 21.30 -17.91
C VAL F 154 -34.16 22.19 -18.46
N GLY F 155 -33.82 22.06 -19.74
CA GLY F 155 -32.74 22.81 -20.32
C GLY F 155 -32.11 22.08 -21.49
N PRO F 156 -30.91 22.50 -21.88
CA PRO F 156 -30.32 22.02 -23.14
C PRO F 156 -29.66 20.66 -23.04
N VAL F 157 -29.81 19.88 -24.12
CA VAL F 157 -29.10 18.61 -24.25
C VAL F 157 -27.61 18.84 -24.11
N VAL F 158 -26.95 17.95 -23.36
CA VAL F 158 -25.50 17.88 -23.29
C VAL F 158 -25.08 16.45 -23.59
N ASP F 159 -23.97 16.28 -24.32
CA ASP F 159 -23.65 14.98 -24.89
C ASP F 159 -23.35 13.94 -23.81
N ASP F 160 -22.49 14.30 -22.85
CA ASP F 160 -22.14 13.37 -21.79
C ASP F 160 -22.02 14.13 -20.48
N PRO F 161 -22.63 13.65 -19.40
CA PRO F 161 -22.34 14.20 -18.08
C PRO F 161 -20.85 14.08 -17.76
N VAL F 162 -20.34 15.08 -17.04
CA VAL F 162 -18.96 15.02 -16.58
C VAL F 162 -18.73 13.72 -15.83
N ARG F 163 -17.57 13.11 -16.04
CA ARG F 163 -17.28 11.78 -15.54
C ARG F 163 -16.03 11.79 -14.68
N LEU F 164 -16.07 11.07 -13.57
CA LEU F 164 -14.90 10.88 -12.72
C LEU F 164 -13.92 9.92 -13.38
N PRO F 165 -12.63 10.08 -13.13
CA PRO F 165 -11.66 9.10 -13.62
C PRO F 165 -11.55 7.91 -12.69
N ASP F 166 -11.06 6.80 -13.24
CA ASP F 166 -10.84 5.59 -12.48
C ASP F 166 -9.41 5.10 -12.71
N VAL F 167 -8.76 4.67 -11.64
CA VAL F 167 -7.54 3.88 -11.73
C VAL F 167 -7.90 2.43 -11.44
N PRO F 168 -8.24 1.63 -12.46
CA PRO F 168 -8.66 0.24 -12.22
C PRO F 168 -7.56 -0.64 -11.65
N PHE F 169 -7.89 -1.90 -11.39
CA PHE F 169 -6.90 -2.86 -10.95
C PHE F 169 -6.09 -3.36 -12.13
N THR F 170 -4.87 -3.82 -11.84
CA THR F 170 -3.96 -4.32 -12.86
C THR F 170 -3.56 -5.77 -12.54
N LEU F 176 -2.15 -9.43 -9.33
CA LEU F 176 -3.13 -8.36 -9.41
C LEU F 176 -2.84 -7.28 -8.38
N VAL F 177 -3.00 -6.02 -8.77
CA VAL F 177 -2.75 -4.89 -7.91
C VAL F 177 -3.97 -4.00 -7.90
N GLY F 178 -4.44 -3.64 -6.72
CA GLY F 178 -5.55 -2.73 -6.64
C GLY F 178 -5.42 -1.79 -5.46
N ARG F 179 -6.56 -1.28 -5.01
CA ARG F 179 -6.59 -0.49 -3.81
C ARG F 179 -7.85 -0.85 -3.03
N VAL F 180 -7.82 -0.51 -1.76
CA VAL F 180 -8.99 -0.51 -0.90
C VAL F 180 -9.89 0.63 -1.36
N ALA F 181 -11.05 0.28 -1.93
CA ALA F 181 -11.95 1.30 -2.45
C ALA F 181 -12.73 1.96 -1.31
N ARG F 182 -13.43 1.16 -0.51
CA ARG F 182 -14.24 1.66 0.59
C ARG F 182 -14.02 0.76 1.81
N ILE F 183 -14.33 1.30 2.97
CA ILE F 183 -14.33 0.55 4.23
C ILE F 183 -15.75 0.55 4.78
N ASP F 184 -16.21 -0.62 5.21
CA ASP F 184 -17.51 -0.73 5.86
C ASP F 184 -17.40 -0.10 7.24
N ARG F 185 -17.89 1.14 7.38
CA ARG F 185 -17.65 1.91 8.60
C ARG F 185 -18.49 1.42 9.77
N ALA F 186 -19.52 0.63 9.53
CA ALA F 186 -20.26 0.02 10.64
C ALA F 186 -19.52 -1.16 11.23
N PHE F 187 -18.72 -1.86 10.42
CA PHE F 187 -18.17 -3.16 10.78
C PHE F 187 -16.65 -3.26 10.67
N GLY F 188 -16.01 -2.38 9.90
CA GLY F 188 -14.58 -2.47 9.69
C GLY F 188 -14.15 -3.37 8.56
N ASN F 189 -15.08 -3.81 7.72
CA ASN F 189 -14.75 -4.64 6.57
C ASN F 189 -14.07 -3.81 5.49
N VAL F 190 -13.17 -4.46 4.76
CA VAL F 190 -12.33 -3.78 3.77
C VAL F 190 -12.74 -4.27 2.38
N TRP F 191 -13.05 -3.32 1.50
CA TRP F 191 -13.44 -3.60 0.12
C TRP F 191 -12.34 -3.14 -0.83
N THR F 192 -12.12 -3.93 -1.89
CA THR F 192 -11.16 -3.59 -2.93
C THR F 192 -11.89 -3.35 -4.25
N ASN F 193 -11.14 -2.85 -5.23
CA ASN F 193 -11.66 -2.70 -6.58
C ASN F 193 -11.42 -3.93 -7.44
N ILE F 194 -10.77 -4.96 -6.91
CA ILE F 194 -10.51 -6.18 -7.67
C ILE F 194 -11.77 -7.03 -7.69
N PRO F 195 -12.36 -7.29 -8.86
CA PRO F 195 -13.48 -8.22 -8.92
C PRO F 195 -13.03 -9.62 -8.57
N SER F 196 -13.88 -10.34 -7.85
CA SER F 196 -13.53 -11.69 -7.42
C SER F 196 -13.37 -12.62 -8.61
N ALA F 197 -14.16 -12.41 -9.66
CA ALA F 197 -14.04 -13.22 -10.88
C ALA F 197 -12.66 -13.11 -11.51
N ALA F 198 -11.84 -12.15 -11.10
CA ALA F 198 -10.46 -12.08 -11.57
C ALA F 198 -9.58 -13.11 -10.88
N VAL F 209 -9.64 -23.55 -0.53
CA VAL F 209 -9.24 -22.39 -1.30
C VAL F 209 -8.79 -21.26 -0.38
N THR F 210 -7.68 -20.63 -0.73
CA THR F 210 -7.10 -19.55 0.07
C THR F 210 -6.43 -18.53 -0.83
N LEU F 211 -6.21 -17.34 -0.28
CA LEU F 211 -5.64 -16.21 -0.98
C LEU F 211 -4.36 -15.76 -0.32
N ASP F 212 -3.31 -15.58 -1.11
CA ASP F 212 -2.09 -14.92 -0.64
C ASP F 212 -2.21 -13.45 -1.02
N ALA F 213 -2.29 -12.57 -0.02
CA ALA F 213 -2.60 -11.18 -0.31
C ALA F 213 -1.92 -10.25 0.68
N THR F 214 -1.68 -9.02 0.21
CA THR F 214 -1.10 -7.94 1.01
C THR F 214 -2.16 -6.86 1.20
N VAL F 215 -2.46 -6.52 2.45
CA VAL F 215 -3.46 -5.51 2.76
C VAL F 215 -3.02 -4.72 3.99
N ARG F 221 -2.02 -15.29 4.53
CA ARG F 221 -2.97 -16.22 3.95
C ARG F 221 -4.37 -15.94 4.48
N TRP F 222 -5.31 -15.73 3.56
CA TRP F 222 -6.70 -15.42 3.89
C TRP F 222 -7.59 -16.55 3.40
N PRO F 223 -8.30 -17.24 4.29
CA PRO F 223 -9.27 -18.25 3.83
C PRO F 223 -10.36 -17.60 2.99
N TRP F 224 -10.65 -18.20 1.85
CA TRP F 224 -11.71 -17.72 0.97
C TRP F 224 -13.04 -18.31 1.43
N CYS F 225 -13.99 -17.45 1.77
CA CYS F 225 -15.19 -17.87 2.48
C CYS F 225 -16.45 -17.40 1.77
N THR F 226 -17.52 -18.17 1.97
CA THR F 226 -18.84 -17.73 1.56
C THR F 226 -19.32 -16.55 2.40
N THR F 227 -19.10 -16.60 3.71
CA THR F 227 -19.62 -15.58 4.61
C THR F 227 -18.73 -15.53 5.86
N PHE F 228 -19.06 -14.58 6.74
CA PHE F 228 -18.17 -14.25 7.86
C PHE F 228 -18.01 -15.42 8.83
N SER F 229 -19.08 -16.16 9.07
CA SER F 229 -19.10 -17.15 10.15
C SER F 229 -18.47 -18.50 9.77
N GLN F 230 -17.74 -18.59 8.67
CA GLN F 230 -17.02 -19.80 8.34
C GLN F 230 -15.61 -19.81 8.91
N VAL F 231 -15.26 -18.81 9.73
CA VAL F 231 -13.97 -18.72 10.38
C VAL F 231 -14.22 -18.38 11.83
N ALA F 232 -13.30 -18.78 12.71
CA ALA F 232 -13.44 -18.52 14.13
C ALA F 232 -13.64 -17.03 14.40
N THR F 233 -14.22 -16.74 15.56
CA THR F 233 -14.44 -15.36 15.96
C THR F 233 -13.11 -14.64 16.07
N THR F 234 -13.02 -13.45 15.48
CA THR F 234 -11.84 -12.59 15.30
C THR F 234 -10.94 -13.09 14.16
N GLY F 235 -11.32 -14.15 13.46
CA GLY F 235 -10.46 -14.68 12.42
C GLY F 235 -10.58 -13.91 11.12
N ARG F 236 -9.48 -13.90 10.36
CA ARG F 236 -9.42 -13.22 9.08
C ARG F 236 -10.09 -14.06 7.99
N LEU F 237 -10.61 -13.37 6.98
CA LEU F 237 -11.32 -14.06 5.92
C LEU F 237 -11.37 -13.19 4.68
N ALA F 238 -11.38 -13.84 3.51
CA ALA F 238 -11.52 -13.18 2.22
C ALA F 238 -12.79 -13.69 1.54
N TYR F 239 -13.44 -12.80 0.81
CA TYR F 239 -14.75 -13.14 0.24
C TYR F 239 -15.09 -12.16 -0.88
N ALA F 240 -16.19 -12.43 -1.56
CA ALA F 240 -16.76 -11.51 -2.53
C ALA F 240 -17.95 -10.81 -1.90
N ASN F 241 -17.89 -9.48 -1.82
CA ASN F 241 -18.93 -8.74 -1.14
C ASN F 241 -20.21 -8.74 -1.98
N SER F 242 -21.22 -8.01 -1.50
CA SER F 242 -22.52 -7.97 -2.16
C SER F 242 -22.40 -7.54 -3.62
N ARG F 243 -21.44 -6.68 -3.94
CA ARG F 243 -21.26 -6.16 -5.28
C ARG F 243 -20.37 -7.03 -6.16
N GLY F 244 -19.71 -8.04 -5.58
CA GLY F 244 -18.88 -8.93 -6.35
C GLY F 244 -17.39 -8.64 -6.31
N ARG F 245 -16.95 -7.72 -5.45
CA ARG F 245 -15.55 -7.31 -5.38
C ARG F 245 -14.87 -7.96 -4.19
N LEU F 246 -13.59 -8.32 -4.38
CA LEU F 246 -12.83 -8.97 -3.32
C LEU F 246 -12.78 -8.10 -2.08
N SER F 247 -13.03 -8.72 -0.93
CA SER F 247 -13.09 -8.01 0.35
C SER F 247 -12.44 -8.87 1.43
N PHE F 248 -11.94 -8.18 2.46
CA PHE F 248 -11.27 -8.81 3.58
C PHE F 248 -11.99 -8.40 4.86
N ALA F 249 -12.02 -9.30 5.83
CA ALA F 249 -12.79 -9.03 7.04
C ALA F 249 -12.26 -9.86 8.20
N LEU F 250 -12.67 -9.46 9.40
CA LEU F 250 -12.53 -10.27 10.60
C LEU F 250 -13.92 -10.67 11.07
N ASN F 251 -14.10 -11.95 11.38
CA ASN F 251 -15.39 -12.43 11.86
C ASN F 251 -15.71 -11.81 13.21
N ARG F 252 -16.80 -11.04 13.27
CA ARG F 252 -17.19 -10.30 14.47
C ARG F 252 -16.05 -9.41 14.96
N GLY F 253 -15.45 -8.67 14.03
CA GLY F 253 -14.39 -7.74 14.37
C GLY F 253 -14.18 -6.74 13.25
N SER F 254 -13.38 -5.73 13.54
CA SER F 254 -13.09 -4.65 12.61
C SER F 254 -11.69 -4.85 12.04
N LEU F 255 -11.62 -5.24 10.76
CA LEU F 255 -10.32 -5.39 10.11
C LEU F 255 -9.61 -4.05 9.96
N VAL F 256 -10.38 -2.99 9.69
CA VAL F 256 -9.79 -1.65 9.64
C VAL F 256 -9.13 -1.31 10.97
N ALA F 257 -9.82 -1.60 12.08
CA ALA F 257 -9.26 -1.29 13.40
C ALA F 257 -7.98 -2.08 13.65
N GLU F 258 -7.96 -3.37 13.27
CA GLU F 258 -6.78 -4.18 13.50
C GLU F 258 -5.60 -3.70 12.65
N LEU F 259 -5.84 -3.51 11.35
CA LEU F 259 -4.77 -3.20 10.41
C LEU F 259 -4.56 -1.71 10.17
N GLY F 260 -5.42 -0.85 10.72
CA GLY F 260 -5.27 0.58 10.52
C GLY F 260 -5.35 1.02 9.08
N VAL F 261 -6.05 0.26 8.24
CA VAL F 261 -6.11 0.55 6.81
C VAL F 261 -7.15 1.63 6.54
N PRO F 263 -9.09 3.96 3.16
CA PRO F 263 -9.41 3.80 1.73
C PRO F 263 -8.31 4.38 0.84
N ASP F 264 -8.20 3.87 -0.38
CA ASP F 264 -7.15 4.21 -1.34
C ASP F 264 -5.82 3.53 -1.04
N ALA F 265 -5.74 2.60 -0.07
CA ALA F 265 -4.49 1.92 0.24
C ALA F 265 -4.28 0.72 -0.68
N GLU F 268 -2.26 -5.98 -2.86
CA GLU F 268 -2.02 -6.89 -3.97
C GLU F 268 -2.34 -8.33 -3.59
N VAL F 269 -2.87 -9.08 -4.55
CA VAL F 269 -3.21 -10.49 -4.36
C VAL F 269 -2.17 -11.31 -5.11
N HIS F 270 -1.37 -12.07 -4.37
CA HIS F 270 -0.27 -12.82 -4.95
C HIS F 270 -0.76 -14.14 -5.52
N LEU F 271 -0.39 -14.42 -6.77
CA LEU F 271 -0.76 -15.66 -7.44
C LEU F 271 0.48 -16.43 -7.87
O5' 1DA G . 40.37 -8.85 -27.44
C5' 1DA G . 39.15 -9.60 -27.58
C4' 1DA G . 38.04 -8.74 -28.15
O4' 1DA G . 37.35 -9.46 -29.18
C3' 1DA G . 36.96 -8.32 -27.18
O3' 1DA G . 37.26 -7.04 -26.64
C2' 1DA G . 35.69 -8.23 -28.05
O2' 1DA G . 35.15 -6.94 -28.17
C1' 1DA G . 36.13 -8.81 -29.41
N9 1DA G . 35.18 -9.75 -30.00
C8 1DA G . 34.69 -10.90 -29.51
N7 1DA G . 33.83 -11.40 -30.41
C5 1DA G . 33.77 -10.56 -31.44
C6 1DA G . 33.05 -10.56 -32.62
N6 1DA G . 32.13 -11.61 -33.02
C1 1DA G . 33.20 -9.56 -33.52
C2 1DA G . 34.05 -8.51 -33.24
N3 1DA G . 34.75 -8.50 -32.08
C4 1DA G . 34.61 -9.52 -31.18
O5' 1DA H . 28.06 -26.65 -1.81
C5' 1DA H . 26.80 -26.04 -2.14
C4' 1DA H . 26.25 -26.58 -3.42
O4' 1DA H . 24.84 -26.87 -3.27
C3' 1DA H . 26.32 -25.66 -4.63
O3' 1DA H . 27.50 -25.95 -5.38
C2' 1DA H . 25.07 -26.03 -5.46
O2' 1DA H . 25.35 -26.61 -6.72
C1' 1DA H . 24.29 -27.00 -4.55
N9 1DA H . 22.85 -26.75 -4.49
C8 1DA H . 22.20 -25.64 -4.11
N7 1DA H . 20.87 -25.88 -4.25
C5 1DA H . 20.72 -27.13 -4.73
C6 1DA H . 19.61 -27.87 -5.05
N6 1DA H . 18.24 -27.40 -4.92
C1 1DA H . 19.76 -29.13 -5.51
C2 1DA H . 21.02 -29.68 -5.66
N3 1DA H . 22.10 -28.93 -5.35
C4 1DA H . 21.95 -27.66 -4.87
O5' 1DA I . 24.77 6.73 -2.21
C5' 1DA I . 24.13 6.54 -3.48
C4' 1DA I . 22.77 5.93 -3.31
O4' 1DA I . 21.82 6.62 -4.14
C3' 1DA I . 22.65 4.46 -3.72
O3' 1DA I . 22.82 3.63 -2.58
C2' 1DA I . 21.19 4.34 -4.24
O2' 1DA I . 20.36 3.51 -3.46
C1' 1DA I . 20.68 5.80 -4.26
N9 1DA I . 19.95 6.16 -5.47
C8 1DA I . 20.35 6.13 -6.76
N7 1DA I . 19.30 6.53 -7.52
C5 1DA I . 18.27 6.80 -6.71
C6 1DA I . 16.98 7.23 -6.95
N6 1DA I . 16.44 7.51 -8.26
C1 1DA I . 16.14 7.43 -5.91
C2 1DA I . 16.56 7.18 -4.61
N3 1DA I . 17.81 6.75 -4.39
C4 1DA I . 18.68 6.56 -5.44
O5' 1DA J . -40.31 14.39 26.51
C5' 1DA J . -39.08 13.76 26.84
C4' 1DA J . -38.00 14.78 27.14
O4' 1DA J . -37.29 14.41 28.32
C3' 1DA J . -36.93 14.96 26.07
O3' 1DA J . -37.29 16.03 25.20
C2' 1DA J . -35.67 15.33 26.87
O2' 1DA J . -35.18 16.63 26.62
C1' 1DA J . -36.08 15.14 28.34
N9 1DA J . -35.10 14.44 29.16
C8 1DA J . -34.57 13.21 29.01
N7 1DA J . -33.68 13.03 30.01
C5 1DA J . -33.66 14.12 30.76
C6 1DA J . -32.94 14.47 31.89
N6 1DA J . -31.97 13.61 32.55
C1 1DA J . -33.12 15.69 32.46
C2 1DA J . -34.02 16.58 31.91
N3 1DA J . -34.72 16.24 30.81
C4 1DA J . -34.54 15.00 30.23
O5' 1DA K . -27.10 -9.18 6.76
C5' 1DA K . -25.89 -8.44 6.89
C4' 1DA K . -25.29 -8.59 8.26
O4' 1DA K . -23.88 -8.84 8.17
C3' 1DA K . -25.41 -7.36 9.17
O3' 1DA K . -26.57 -7.48 9.98
C2' 1DA K . -24.14 -7.44 10.05
O2' 1DA K . -24.39 -7.65 11.42
C1' 1DA K . -23.32 -8.58 9.43
N9 1DA K . -21.89 -8.28 9.28
C8 1DA K . -21.29 -7.29 8.59
N7 1DA K . -19.96 -7.42 8.78
C5 1DA K . -19.75 -8.48 9.57
C6 1DA K . -18.60 -9.05 10.08
N6 1DA K . -17.25 -8.57 9.80
C1 1DA K . -18.68 -10.14 10.87
C2 1DA K . -19.91 -10.68 11.18
N3 1DA K . -21.03 -10.11 10.70
C4 1DA K . -20.95 -9.00 9.88
O5' 1DA L . -25.34 23.02 -2.29
C5' 1DA L . -24.69 23.21 -1.04
C4' 1DA L . -23.30 22.63 -1.05
O4' 1DA L . -22.37 23.57 -0.47
C3' 1DA L . -23.11 21.35 -0.25
O3' 1DA L . -23.25 20.23 -1.12
C2' 1DA L . -21.64 21.44 0.24
O2' 1DA L . -20.78 20.46 -0.29
C1' 1DA L . -21.20 22.86 -0.15
N9 1DA L . -20.46 23.57 0.90
C8 1DA L . -20.85 23.89 2.15
N7 1DA L . -19.82 24.53 2.74
C5 1DA L . -18.81 24.60 1.87
C6 1DA L . -17.54 25.14 1.96
N6 1DA L . -17.00 25.79 3.11
C1 1DA L . -16.71 25.06 0.88
C2 1DA L . -17.13 24.46 -0.28
N3 1DA L . -18.37 23.93 -0.36
C4 1DA L . -19.22 24.00 0.73
#